data_8QW0
#
_entry.id   8QW0
#
_cell.length_a   104.340
_cell.length_b   78.640
_cell.length_c   112.370
_cell.angle_alpha   90.000
_cell.angle_beta   97.561
_cell.angle_gamma   90.000
#
_symmetry.space_group_name_H-M   'P 1 21 1'
#
loop_
_entity.id
_entity.type
_entity.pdbx_description
1 polymer 'Nucleoside diphosphate kinase 3'
2 non-polymer "GUANOSINE-5'-DIPHOSPHATE"
3 non-polymer 'SULFATE ION'
4 water water
#
_entity_poly.entity_id   1
_entity_poly.type   'polypeptide(L)'
_entity_poly.pdbx_seq_one_letter_code
;GHMTGAHERTFLAVKPDGVQRRLVGEIVRRFERKGFKLVALKLVQASEELLREHYAELRERPFYGRLVKYMASGPVVAMV
WQGLDVVRTSRALIGATNPADAPPGTIRGDFCIEVGKNLIHGSDSVESARREIALWFRADELLCWEDSAGHWLYE
;
_entity_poly.pdbx_strand_id   A,B,C,D,E,F,G,H,I,J,K,L
#
# COMPACT_ATOMS: atom_id res chain seq x y z
N GLY A 5 -2.10 33.79 -14.56
CA GLY A 5 -1.54 34.52 -13.40
C GLY A 5 -1.67 33.70 -12.13
N ALA A 6 -1.81 32.36 -12.26
CA ALA A 6 -1.94 31.48 -11.11
C ALA A 6 -0.58 31.22 -10.44
N HIS A 7 0.51 31.66 -11.08
CA HIS A 7 1.85 31.51 -10.50
C HIS A 7 2.28 32.80 -9.79
N GLU A 8 1.41 33.83 -9.71
CA GLU A 8 1.73 35.00 -8.91
C GLU A 8 2.08 34.60 -7.49
N ARG A 9 3.03 35.33 -6.88
CA ARG A 9 3.47 35.05 -5.52
C ARG A 9 3.47 36.32 -4.68
N THR A 10 3.25 36.16 -3.37
CA THR A 10 3.38 37.25 -2.43
C THR A 10 4.24 36.82 -1.27
N PHE A 11 4.84 37.82 -0.63
CA PHE A 11 5.60 37.63 0.60
C PHE A 11 4.74 38.01 1.78
N LEU A 12 4.62 37.10 2.75
CA LEU A 12 3.96 37.36 4.03
C LEU A 12 4.93 37.07 5.15
N ALA A 13 4.84 37.86 6.22
CA ALA A 13 5.58 37.58 7.43
C ALA A 13 4.67 37.75 8.64
N VAL A 14 4.67 36.73 9.51
CA VAL A 14 4.12 36.90 10.83
C VAL A 14 5.11 37.70 11.64
N LYS A 15 4.69 38.85 12.14
CA LYS A 15 5.54 39.73 12.93
C LYS A 15 5.70 39.14 14.35
N PRO A 16 6.63 39.66 15.17
CA PRO A 16 6.95 39.06 16.46
C PRO A 16 5.78 38.92 17.42
N ASP A 17 4.85 39.86 17.35
CA ASP A 17 3.63 39.81 18.16
C ASP A 17 2.80 38.58 17.79
N GLY A 18 2.76 38.22 16.52
CA GLY A 18 2.04 37.03 16.09
C GLY A 18 2.64 35.75 16.65
N VAL A 19 3.97 35.67 16.71
CA VAL A 19 4.65 34.52 17.29
C VAL A 19 4.39 34.48 18.80
N GLN A 20 4.55 35.65 19.47
CA GLN A 20 4.41 35.72 20.92
C GLN A 20 2.99 35.39 21.34
N ARG A 21 2.01 35.79 20.56
CA ARG A 21 0.62 35.55 20.94
C ARG A 21 0.14 34.22 20.40
N ARG A 22 1.02 33.43 19.79
CA ARG A 22 0.65 32.07 19.38
C ARG A 22 -0.40 32.08 18.28
N LEU A 23 -0.24 32.91 17.27
CA LEU A 23 -1.22 33.01 16.21
C LEU A 23 -0.64 32.52 14.87
N VAL A 24 0.49 31.82 14.88
CA VAL A 24 1.14 31.40 13.66
C VAL A 24 0.25 30.40 12.91
N GLY A 25 -0.20 29.36 13.64
CA GLY A 25 -1.05 28.35 13.03
C GLY A 25 -2.37 28.92 12.52
N GLU A 26 -2.97 29.79 13.32
CA GLU A 26 -4.20 30.46 12.97
C GLU A 26 -4.02 31.21 11.65
N ILE A 27 -2.91 31.94 11.52
CA ILE A 27 -2.68 32.72 10.32
C ILE A 27 -2.44 31.79 9.14
N VAL A 28 -1.57 30.79 9.31
CA VAL A 28 -1.29 29.88 8.21
C VAL A 28 -2.57 29.21 7.73
N ARG A 29 -3.41 28.82 8.68
CA ARG A 29 -4.64 28.12 8.37
C ARG A 29 -5.57 28.97 7.51
N ARG A 30 -5.59 30.27 7.72
CA ARG A 30 -6.43 31.12 6.88
C ARG A 30 -5.99 31.14 5.42
N PHE A 31 -4.69 31.09 5.17
CA PHE A 31 -4.20 31.10 3.80
C PHE A 31 -4.40 29.71 3.19
N GLU A 32 -4.27 28.66 3.99
CA GLU A 32 -4.51 27.31 3.50
C GLU A 32 -5.96 27.17 3.08
N ARG A 33 -6.89 27.56 3.93
CA ARG A 33 -8.30 27.30 3.68
C ARG A 33 -8.78 28.16 2.50
N LYS A 34 -8.10 29.29 2.23
CA LYS A 34 -8.44 30.13 1.11
C LYS A 34 -8.08 29.48 -0.23
N GLY A 35 -7.07 28.60 -0.20
CA GLY A 35 -6.73 27.83 -1.37
C GLY A 35 -5.33 28.12 -1.90
N PHE A 36 -4.59 29.00 -1.27
CA PHE A 36 -3.28 29.37 -1.79
C PHE A 36 -2.27 28.26 -1.50
N LYS A 37 -1.20 28.28 -2.28
CA LYS A 37 -0.16 27.28 -2.21
C LYS A 37 1.05 27.85 -1.45
N LEU A 38 1.43 27.18 -0.36
CA LEU A 38 2.62 27.56 0.37
C LEU A 38 3.87 27.11 -0.38
N VAL A 39 4.74 28.04 -0.78
CA VAL A 39 5.92 27.69 -1.54
C VAL A 39 7.21 28.02 -0.80
N ALA A 40 7.13 28.71 0.33
CA ALA A 40 8.32 28.88 1.18
C ALA A 40 7.93 29.28 2.58
N LEU A 41 8.74 28.91 3.56
CA LEU A 41 8.40 29.10 4.97
C LEU A 41 9.67 28.97 5.80
N LYS A 42 9.93 29.96 6.66
CA LYS A 42 10.96 29.80 7.68
C LYS A 42 10.78 30.78 8.82
N LEU A 43 11.20 30.30 10.00
CA LEU A 43 11.27 31.13 11.19
C LEU A 43 12.66 31.72 11.25
N VAL A 44 12.76 33.06 11.28
CA VAL A 44 14.04 33.74 11.30
C VAL A 44 13.99 34.92 12.26
N GLN A 45 15.18 35.37 12.64
CA GLN A 45 15.39 36.59 13.36
C GLN A 45 15.99 37.59 12.38
N ALA A 46 15.22 38.51 11.87
CA ALA A 46 15.71 39.41 10.84
C ALA A 46 16.61 40.49 11.44
N SER A 47 17.70 40.80 10.74
CA SER A 47 18.59 41.87 11.12
C SER A 47 17.94 43.21 10.81
N GLU A 48 18.40 44.23 11.54
CA GLU A 48 17.99 45.61 11.29
C GLU A 48 18.31 46.06 9.86
N GLU A 49 19.46 45.61 9.35
CA GLU A 49 19.89 45.95 8.00
C GLU A 49 18.87 45.43 6.99
N LEU A 50 18.41 44.17 7.15
CA LEU A 50 17.48 43.61 6.22
C LEU A 50 16.14 44.34 6.30
N LEU A 51 15.71 44.61 7.52
CA LEU A 51 14.43 45.28 7.75
C LEU A 51 14.44 46.72 7.21
N ARG A 52 15.55 47.42 7.32
CA ARG A 52 15.65 48.77 6.77
C ARG A 52 15.39 48.75 5.27
N GLU A 53 15.93 47.72 4.59
CA GLU A 53 15.77 47.55 3.17
C GLU A 53 14.35 47.07 2.87
N HIS A 54 13.82 46.17 3.68
CA HIS A 54 12.46 45.70 3.50
C HIS A 54 11.49 46.89 3.50
N TYR A 55 11.68 47.85 4.42
CA TYR A 55 10.77 48.96 4.56
C TYR A 55 11.34 50.25 3.97
N ALA A 56 12.21 50.13 2.96
CA ALA A 56 12.86 51.28 2.33
C ALA A 56 11.88 52.41 1.98
N GLU A 57 10.72 52.08 1.44
CA GLU A 57 9.73 53.06 1.01
C GLU A 57 9.22 53.91 2.18
N LEU A 58 9.45 53.49 3.42
CA LEU A 58 8.93 54.16 4.59
C LEU A 58 10.02 54.89 5.36
N ARG A 59 11.22 55.06 4.77
CA ARG A 59 12.36 55.65 5.46
C ARG A 59 12.04 57.07 5.98
N GLU A 60 11.12 57.83 5.31
CA GLU A 60 10.83 59.18 5.76
C GLU A 60 9.80 59.21 6.90
N ARG A 61 9.09 58.09 7.11
CA ARG A 61 7.96 58.12 8.02
C ARG A 61 8.47 58.22 9.46
N PRO A 62 7.74 58.89 10.37
CA PRO A 62 8.21 59.06 11.74
C PRO A 62 8.36 57.77 12.55
N PHE A 63 7.62 56.72 12.18
CA PHE A 63 7.66 55.46 12.90
C PHE A 63 8.71 54.48 12.32
N TYR A 64 9.47 54.86 11.31
CA TYR A 64 10.37 53.94 10.61
C TYR A 64 11.32 53.26 11.60
N GLY A 65 12.02 54.06 12.40
CA GLY A 65 13.01 53.57 13.35
C GLY A 65 12.39 52.59 14.34
N ARG A 66 11.21 52.89 14.90
CA ARG A 66 10.63 51.99 15.89
C ARG A 66 10.10 50.73 15.19
N LEU A 67 9.64 50.85 13.93
CA LEU A 67 9.12 49.73 13.19
C LEU A 67 10.25 48.73 12.93
N VAL A 68 11.40 49.23 12.51
CA VAL A 68 12.56 48.39 12.28
C VAL A 68 12.98 47.69 13.57
N LYS A 69 13.10 48.45 14.66
CA LYS A 69 13.61 47.92 15.93
C LYS A 69 12.66 46.81 16.39
N TYR A 70 11.37 47.06 16.24
CA TYR A 70 10.38 46.14 16.72
C TYR A 70 10.37 44.83 15.91
N MET A 71 10.47 44.93 14.59
CA MET A 71 10.44 43.77 13.71
C MET A 71 11.70 42.92 13.90
N ALA A 72 12.76 43.52 14.47
CA ALA A 72 13.98 42.83 14.81
C ALA A 72 14.00 42.33 16.26
N SER A 73 12.95 42.60 17.03
CA SER A 73 13.00 42.37 18.47
C SER A 73 12.74 40.90 18.81
N GLY A 74 12.27 40.11 17.85
CA GLY A 74 11.86 38.74 18.10
C GLY A 74 11.72 37.98 16.79
N PRO A 75 11.44 36.68 16.83
CA PRO A 75 11.31 35.90 15.60
C PRO A 75 10.12 36.32 14.75
N VAL A 76 10.31 36.19 13.44
CA VAL A 76 9.24 36.33 12.47
C VAL A 76 9.13 35.06 11.66
N VAL A 77 7.95 34.80 11.14
CA VAL A 77 7.72 33.68 10.26
C VAL A 77 7.57 34.22 8.85
N ALA A 78 8.58 34.00 8.01
CA ALA A 78 8.60 34.48 6.65
C ALA A 78 8.01 33.39 5.75
N MET A 79 7.21 33.81 4.76
CA MET A 79 6.42 32.91 3.95
C MET A 79 6.30 33.45 2.54
N VAL A 80 6.15 32.52 1.58
CA VAL A 80 5.72 32.87 0.25
C VAL A 80 4.51 32.02 -0.12
N TRP A 81 3.46 32.69 -0.62
CA TRP A 81 2.23 32.02 -1.03
C TRP A 81 1.97 32.32 -2.50
N GLN A 82 1.41 31.32 -3.19
CA GLN A 82 1.24 31.37 -4.63
C GLN A 82 -0.22 31.13 -4.99
N GLY A 83 -0.72 31.88 -5.99
CA GLY A 83 -2.03 31.65 -6.57
C GLY A 83 -2.54 32.90 -7.31
N LEU A 84 -3.69 32.74 -7.98
CA LEU A 84 -4.26 33.82 -8.75
C LEU A 84 -4.61 34.97 -7.81
N ASP A 85 -4.12 36.14 -8.13
CA ASP A 85 -4.42 37.39 -7.47
C ASP A 85 -4.02 37.33 -5.98
N VAL A 86 -2.97 36.55 -5.68
CA VAL A 86 -2.62 36.31 -4.29
C VAL A 86 -2.18 37.59 -3.57
N VAL A 87 -1.54 38.53 -4.29
CA VAL A 87 -1.05 39.72 -3.62
C VAL A 87 -2.20 40.56 -3.09
N ARG A 88 -3.13 40.91 -3.98
CA ARG A 88 -4.29 41.71 -3.63
C ARG A 88 -5.18 40.99 -2.63
N THR A 89 -5.45 39.70 -2.86
CA THR A 89 -6.36 38.94 -2.01
C THR A 89 -5.76 38.77 -0.60
N SER A 90 -4.45 38.55 -0.51
CA SER A 90 -3.81 38.47 0.79
C SER A 90 -3.99 39.75 1.58
N ARG A 91 -3.84 40.89 0.92
N ARG A 91 -3.84 40.89 0.92
CA ARG A 91 -4.05 42.18 1.58
CA ARG A 91 -4.06 42.18 1.58
C ARG A 91 -5.47 42.28 2.12
C ARG A 91 -5.47 42.28 2.12
N ALA A 92 -6.46 41.85 1.34
CA ALA A 92 -7.85 41.85 1.81
C ALA A 92 -8.03 40.91 3.03
N LEU A 93 -7.39 39.73 3.04
CA LEU A 93 -7.54 38.80 4.15
C LEU A 93 -6.92 39.36 5.42
N ILE A 94 -5.82 40.11 5.25
CA ILE A 94 -5.09 40.69 6.37
C ILE A 94 -5.88 41.87 6.94
N GLY A 95 -6.38 42.72 6.04
CA GLY A 95 -7.11 43.91 6.45
C GLY A 95 -6.23 45.17 6.55
N ALA A 96 -6.88 46.30 6.76
CA ALA A 96 -6.28 47.62 6.77
C ALA A 96 -5.13 47.67 7.78
N THR A 97 -4.17 48.53 7.42
CA THR A 97 -2.96 48.77 8.20
C THR A 97 -3.29 49.03 9.66
N ASN A 98 -4.21 49.95 9.85
CA ASN A 98 -4.70 50.28 11.16
C ASN A 98 -5.84 49.33 11.51
N PRO A 99 -5.67 48.42 12.51
CA PRO A 99 -6.70 47.43 12.85
C PRO A 99 -8.04 48.04 13.20
N ALA A 100 -8.05 49.28 13.68
CA ALA A 100 -9.32 49.95 13.96
C ALA A 100 -10.16 50.08 12.69
N ASP A 101 -9.52 50.11 11.50
CA ASP A 101 -10.26 50.21 10.24
C ASP A 101 -10.46 48.85 9.56
N ALA A 102 -9.93 47.75 10.15
CA ALA A 102 -10.02 46.46 9.48
C ALA A 102 -11.29 45.76 9.97
N PRO A 103 -12.24 45.38 9.10
CA PRO A 103 -13.46 44.76 9.58
C PRO A 103 -13.25 43.37 10.19
N PRO A 104 -14.14 42.96 11.10
CA PRO A 104 -14.18 41.58 11.57
C PRO A 104 -14.22 40.64 10.37
N GLY A 105 -13.55 39.51 10.50
CA GLY A 105 -13.37 38.56 9.42
C GLY A 105 -11.95 38.62 8.84
N THR A 106 -11.33 39.80 8.86
CA THR A 106 -9.93 39.92 8.49
C THR A 106 -9.05 39.53 9.68
N ILE A 107 -7.78 39.26 9.42
CA ILE A 107 -6.87 38.91 10.48
C ILE A 107 -6.73 40.06 11.47
N ARG A 108 -6.47 41.26 10.97
CA ARG A 108 -6.26 42.37 11.91
C ARG A 108 -7.56 42.75 12.58
N GLY A 109 -8.68 42.63 11.85
CA GLY A 109 -9.98 42.91 12.43
C GLY A 109 -10.34 41.97 13.56
N ASP A 110 -9.93 40.69 13.47
CA ASP A 110 -10.27 39.69 14.48
C ASP A 110 -9.28 39.69 15.64
N PHE A 111 -8.01 40.01 15.37
CA PHE A 111 -6.95 39.68 16.33
C PHE A 111 -6.08 40.85 16.81
N CYS A 112 -6.26 42.09 16.34
CA CYS A 112 -5.41 43.19 16.80
C CYS A 112 -6.14 44.47 17.14
N ILE A 113 -5.37 45.39 17.75
CA ILE A 113 -5.93 46.63 18.26
C ILE A 113 -5.27 47.83 17.62
N GLU A 114 -3.95 47.81 17.53
CA GLU A 114 -3.19 49.03 17.30
C GLU A 114 -2.24 48.86 16.12
N VAL A 115 -1.96 49.94 15.42
CA VAL A 115 -1.24 49.91 14.15
C VAL A 115 0.20 49.41 14.34
N GLY A 116 0.80 49.67 15.48
CA GLY A 116 2.16 49.24 15.74
C GLY A 116 2.29 47.77 16.10
N LYS A 117 1.16 47.11 16.41
CA LYS A 117 1.17 45.67 16.70
C LYS A 117 0.08 45.01 15.87
N ASN A 118 0.33 44.88 14.56
CA ASN A 118 -0.71 44.49 13.64
C ASN A 118 -0.38 43.16 12.93
N LEU A 119 0.46 42.33 13.57
CA LEU A 119 0.50 40.88 13.47
C LEU A 119 1.25 40.33 12.26
N ILE A 120 1.08 40.97 11.10
CA ILE A 120 1.46 40.36 9.85
C ILE A 120 1.78 41.44 8.83
N HIS A 121 2.71 41.13 7.91
CA HIS A 121 2.99 41.96 6.76
C HIS A 121 2.64 41.14 5.52
N GLY A 122 2.03 41.81 4.53
CA GLY A 122 1.89 41.28 3.19
C GLY A 122 2.34 42.29 2.15
N SER A 123 2.93 41.81 1.05
CA SER A 123 3.40 42.68 0.00
C SER A 123 2.25 43.55 -0.49
N ASP A 124 2.54 44.79 -0.88
CA ASP A 124 1.45 45.66 -1.30
C ASP A 124 1.23 45.63 -2.81
N SER A 125 2.13 44.98 -3.57
CA SER A 125 1.95 44.88 -5.01
C SER A 125 2.79 43.74 -5.55
N VAL A 126 2.59 43.43 -6.84
CA VAL A 126 3.36 42.36 -7.46
C VAL A 126 4.86 42.73 -7.48
N GLU A 127 5.17 43.99 -7.79
CA GLU A 127 6.54 44.48 -7.85
C GLU A 127 7.20 44.43 -6.45
N SER A 128 6.51 44.90 -5.40
CA SER A 128 7.04 44.81 -4.05
C SER A 128 7.26 43.35 -3.68
N ALA A 129 6.33 42.48 -4.07
CA ALA A 129 6.42 41.06 -3.73
C ALA A 129 7.70 40.47 -4.32
N ARG A 130 7.98 40.76 -5.60
CA ARG A 130 9.21 40.27 -6.22
C ARG A 130 10.44 40.74 -5.45
N ARG A 131 10.48 42.01 -5.06
CA ARG A 131 11.61 42.55 -4.33
C ARG A 131 11.72 41.86 -2.96
N GLU A 132 10.61 41.72 -2.27
CA GLU A 132 10.59 41.20 -0.90
C GLU A 132 10.97 39.72 -0.91
N ILE A 133 10.44 38.96 -1.87
CA ILE A 133 10.78 37.55 -1.97
C ILE A 133 12.29 37.39 -2.18
N ALA A 134 12.89 38.16 -3.06
CA ALA A 134 14.31 38.03 -3.37
C ALA A 134 15.13 38.46 -2.15
N LEU A 135 14.64 39.44 -1.41
CA LEU A 135 15.38 39.92 -0.26
C LEU A 135 15.41 38.87 0.86
N TRP A 136 14.29 38.16 1.10
CA TRP A 136 14.20 37.31 2.27
C TRP A 136 14.56 35.85 1.99
N PHE A 137 14.47 35.41 0.72
CA PHE A 137 14.65 34.01 0.40
C PHE A 137 15.66 33.88 -0.73
N ARG A 138 16.48 32.82 -0.64
CA ARG A 138 17.22 32.30 -1.78
C ARG A 138 16.26 31.55 -2.68
N ALA A 139 16.62 31.48 -3.96
CA ALA A 139 15.83 30.81 -4.96
C ALA A 139 15.58 29.34 -4.60
N ASP A 140 16.55 28.68 -3.94
CA ASP A 140 16.38 27.27 -3.64
C ASP A 140 15.50 27.04 -2.39
N GLU A 141 14.99 28.10 -1.77
CA GLU A 141 14.05 27.94 -0.67
C GLU A 141 12.61 28.03 -1.19
N LEU A 142 12.41 28.36 -2.47
CA LEU A 142 11.08 28.39 -3.05
C LEU A 142 10.83 27.06 -3.74
N LEU A 143 9.82 26.32 -3.29
CA LEU A 143 9.60 24.96 -3.76
C LEU A 143 8.45 24.91 -4.76
N CYS A 144 8.68 24.16 -5.84
CA CYS A 144 7.65 23.79 -6.79
C CYS A 144 7.18 22.40 -6.36
N TRP A 145 5.90 22.24 -6.11
CA TRP A 145 5.35 20.93 -5.85
C TRP A 145 4.00 20.81 -6.56
N GLU A 146 3.61 19.55 -6.83
CA GLU A 146 2.38 19.32 -7.57
C GLU A 146 1.21 19.43 -6.60
N ASP A 147 0.32 20.40 -6.79
CA ASP A 147 -0.71 20.65 -5.80
C ASP A 147 -2.00 19.94 -6.24
N SER A 148 -2.40 18.89 -5.51
CA SER A 148 -3.58 18.12 -5.85
C SER A 148 -4.89 18.88 -5.62
N ALA A 149 -4.89 19.95 -4.82
CA ALA A 149 -6.10 20.72 -4.56
C ALA A 149 -6.39 21.71 -5.69
N GLY A 150 -5.37 21.97 -6.54
CA GLY A 150 -5.51 22.88 -7.67
C GLY A 150 -6.72 22.62 -8.56
N HIS A 151 -6.99 21.34 -8.85
CA HIS A 151 -8.11 20.92 -9.67
C HIS A 151 -9.45 21.45 -9.12
N TRP A 152 -9.52 21.67 -7.78
CA TRP A 152 -10.78 22.03 -7.14
C TRP A 152 -10.84 23.51 -6.76
N LEU A 153 -9.75 24.25 -6.99
CA LEU A 153 -9.68 25.70 -6.76
C LEU A 153 -9.71 26.53 -8.05
N TYR A 154 -9.36 25.91 -9.19
CA TYR A 154 -9.24 26.58 -10.48
C TYR A 154 -10.09 25.87 -11.52
N GLU A 155 -10.62 26.69 -12.44
CA GLU A 155 -11.51 26.24 -13.50
C GLU A 155 -10.72 25.31 -14.44
N GLY B 5 -6.68 56.49 27.00
CA GLY B 5 -6.33 55.90 25.69
C GLY B 5 -6.59 54.39 25.78
N ALA B 6 -5.54 53.68 26.21
CA ALA B 6 -5.53 52.24 26.37
C ALA B 6 -6.33 51.78 27.58
N HIS B 7 -6.70 52.73 28.47
CA HIS B 7 -7.48 52.42 29.66
C HIS B 7 -8.97 52.65 29.43
N GLU B 8 -9.38 53.02 28.20
CA GLU B 8 -10.79 53.12 27.88
C GLU B 8 -11.50 51.81 28.20
N ARG B 9 -12.76 51.91 28.65
CA ARG B 9 -13.56 50.74 28.97
C ARG B 9 -14.93 50.80 28.31
N THR B 10 -15.50 49.62 28.01
CA THR B 10 -16.88 49.55 27.52
C THR B 10 -17.63 48.53 28.34
N PHE B 11 -18.97 48.70 28.34
CA PHE B 11 -19.88 47.74 28.92
C PHE B 11 -20.46 46.87 27.82
N LEU B 12 -20.38 45.54 27.99
CA LEU B 12 -21.05 44.57 27.14
C LEU B 12 -21.92 43.67 27.98
N ALA B 13 -23.06 43.25 27.41
CA ALA B 13 -23.91 42.27 28.05
C ALA B 13 -24.39 41.25 27.03
N VAL B 14 -24.21 39.97 27.35
CA VAL B 14 -24.85 38.93 26.58
C VAL B 14 -26.31 38.90 27.03
N LYS B 15 -27.20 39.08 26.06
CA LYS B 15 -28.63 39.10 26.33
C LYS B 15 -29.16 37.69 26.56
N PRO B 16 -30.39 37.49 27.07
CA PRO B 16 -30.85 36.15 27.45
C PRO B 16 -30.82 35.13 26.32
N ASP B 17 -31.05 35.59 25.07
CA ASP B 17 -30.96 34.71 23.90
C ASP B 17 -29.53 34.16 23.75
N GLY B 18 -28.53 34.96 24.05
CA GLY B 18 -27.14 34.53 24.00
C GLY B 18 -26.83 33.41 24.99
N VAL B 19 -27.38 33.54 26.18
CA VAL B 19 -27.20 32.53 27.22
C VAL B 19 -27.93 31.25 26.81
N GLN B 20 -29.19 31.39 26.37
CA GLN B 20 -30.02 30.25 26.03
C GLN B 20 -29.45 29.50 24.84
N ARG B 21 -28.86 30.21 23.88
CA ARG B 21 -28.32 29.54 22.70
C ARG B 21 -26.89 29.11 22.93
N ARG B 22 -26.36 29.28 24.15
CA ARG B 22 -25.04 28.76 24.46
C ARG B 22 -23.94 29.46 23.70
N LEU B 23 -24.00 30.80 23.60
CA LEU B 23 -23.00 31.53 22.86
C LEU B 23 -22.13 32.40 23.75
N VAL B 24 -22.14 32.16 25.06
CA VAL B 24 -21.42 33.02 25.98
C VAL B 24 -19.92 32.88 25.73
N GLY B 25 -19.43 31.64 25.71
CA GLY B 25 -18.03 31.37 25.49
C GLY B 25 -17.54 31.88 24.14
N GLU B 26 -18.35 31.63 23.11
CA GLU B 26 -18.05 32.10 21.77
C GLU B 26 -17.87 33.61 21.78
N ILE B 27 -18.77 34.34 22.46
CA ILE B 27 -18.70 35.78 22.45
C ILE B 27 -17.47 36.23 23.23
N VAL B 28 -17.26 35.67 24.43
CA VAL B 28 -16.12 36.08 25.23
C VAL B 28 -14.82 35.83 24.44
N ARG B 29 -14.75 34.70 23.77
CA ARG B 29 -13.55 34.33 23.02
C ARG B 29 -13.24 35.34 21.90
N ARG B 30 -14.25 35.91 21.27
CA ARG B 30 -13.97 36.91 20.26
C ARG B 30 -13.32 38.18 20.82
N PHE B 31 -13.69 38.59 22.02
CA PHE B 31 -13.09 39.77 22.65
C PHE B 31 -11.70 39.41 23.17
N GLU B 32 -11.52 38.17 23.65
CA GLU B 32 -10.20 37.75 24.09
C GLU B 32 -9.22 37.73 22.93
N ARG B 33 -9.61 37.11 21.82
CA ARG B 33 -8.65 36.90 20.74
C ARG B 33 -8.32 38.24 20.09
N LYS B 34 -9.22 39.26 20.22
CA LYS B 34 -8.97 40.56 19.67
C LYS B 34 -7.87 41.29 20.47
N GLY B 35 -7.73 40.95 21.75
CA GLY B 35 -6.68 41.51 22.58
C GLY B 35 -7.20 42.32 23.76
N PHE B 36 -8.50 42.49 23.90
CA PHE B 36 -9.02 43.32 24.97
C PHE B 36 -8.90 42.61 26.32
N LYS B 37 -8.87 43.43 27.36
CA LYS B 37 -8.67 42.97 28.72
C LYS B 37 -10.01 42.92 29.46
N LEU B 38 -10.36 41.74 29.95
CA LEU B 38 -11.55 41.55 30.74
C LEU B 38 -11.32 42.10 32.16
N VAL B 39 -12.12 43.10 32.56
CA VAL B 39 -11.91 43.68 33.88
C VAL B 39 -13.13 43.48 34.79
N ALA B 40 -14.27 43.02 34.26
CA ALA B 40 -15.38 42.64 35.14
C ALA B 40 -16.30 41.68 34.39
N LEU B 41 -16.97 40.81 35.16
CA LEU B 41 -17.81 39.77 34.60
C LEU B 41 -18.74 39.24 35.65
N LYS B 42 -20.04 39.15 35.33
CA LYS B 42 -20.97 38.42 36.19
C LYS B 42 -22.22 38.04 35.42
N LEU B 43 -22.79 36.90 35.83
CA LEU B 43 -24.12 36.48 35.40
C LEU B 43 -25.13 37.01 36.41
N VAL B 44 -26.11 37.79 35.93
CA VAL B 44 -27.12 38.40 36.76
C VAL B 44 -28.47 38.31 36.07
N GLN B 45 -29.49 38.48 36.88
CA GLN B 45 -30.85 38.71 36.47
C GLN B 45 -31.15 40.16 36.76
N ALA B 46 -31.17 41.01 35.74
CA ALA B 46 -31.39 42.44 35.99
C ALA B 46 -32.86 42.72 36.25
N SER B 47 -33.15 43.61 37.17
CA SER B 47 -34.47 44.10 37.43
C SER B 47 -34.96 45.00 36.30
N GLU B 48 -36.30 45.08 36.17
CA GLU B 48 -36.96 45.99 35.26
C GLU B 48 -36.58 47.46 35.57
N GLU B 49 -36.42 47.80 36.83
CA GLU B 49 -36.05 49.14 37.25
C GLU B 49 -34.67 49.50 36.68
N LEU B 50 -33.72 48.57 36.79
CA LEU B 50 -32.37 48.84 36.28
C LEU B 50 -32.42 48.98 34.75
N LEU B 51 -33.16 48.10 34.11
CA LEU B 51 -33.25 48.08 32.66
C LEU B 51 -33.96 49.32 32.12
N ARG B 52 -34.94 49.85 32.85
CA ARG B 52 -35.61 51.09 32.43
C ARG B 52 -34.59 52.23 32.37
N GLU B 53 -33.67 52.24 33.34
CA GLU B 53 -32.63 53.24 33.39
C GLU B 53 -31.58 52.95 32.31
N HIS B 54 -31.20 51.69 32.15
CA HIS B 54 -30.25 51.32 31.12
C HIS B 54 -30.71 51.82 29.75
N TYR B 55 -31.98 51.67 29.43
CA TYR B 55 -32.54 52.04 28.13
C TYR B 55 -33.33 53.34 28.16
N ALA B 56 -33.00 54.22 29.11
CA ALA B 56 -33.71 55.48 29.29
C ALA B 56 -33.91 56.24 27.99
N GLU B 57 -32.86 56.29 27.13
CA GLU B 57 -32.94 57.09 25.92
C GLU B 57 -33.99 56.57 24.95
N LEU B 58 -34.50 55.35 25.18
CA LEU B 58 -35.47 54.72 24.28
C LEU B 58 -36.87 54.75 24.85
N ARG B 59 -37.12 55.50 25.93
CA ARG B 59 -38.40 55.51 26.63
C ARG B 59 -39.58 55.79 25.70
N GLU B 60 -39.38 56.63 24.64
CA GLU B 60 -40.51 57.03 23.80
C GLU B 60 -40.72 56.03 22.68
N ARG B 61 -39.76 55.11 22.46
CA ARG B 61 -39.87 54.20 21.33
C ARG B 61 -40.98 53.19 21.61
N PRO B 62 -41.70 52.70 20.58
CA PRO B 62 -42.78 51.74 20.77
C PRO B 62 -42.38 50.41 21.39
N PHE B 63 -41.12 49.99 21.22
CA PHE B 63 -40.68 48.69 21.72
C PHE B 63 -40.10 48.76 23.14
N TYR B 64 -40.09 49.95 23.78
CA TYR B 64 -39.39 50.12 25.04
C TYR B 64 -39.81 49.07 26.08
N GLY B 65 -41.11 48.99 26.32
CA GLY B 65 -41.68 48.12 27.34
C GLY B 65 -41.32 46.67 27.06
N ARG B 66 -41.43 46.18 25.83
CA ARG B 66 -41.12 44.78 25.59
C ARG B 66 -39.61 44.54 25.65
N LEU B 67 -38.80 45.55 25.31
CA LEU B 67 -37.36 45.42 25.39
C LEU B 67 -36.92 45.24 26.85
N VAL B 68 -37.48 46.06 27.73
CA VAL B 68 -37.23 45.95 29.16
C VAL B 68 -37.67 44.59 29.68
N LYS B 69 -38.88 44.17 29.35
CA LYS B 69 -39.45 42.92 29.87
C LYS B 69 -38.59 41.76 29.41
N TYR B 70 -38.14 41.81 28.17
CA TYR B 70 -37.35 40.74 27.59
C TYR B 70 -35.98 40.62 28.25
N MET B 71 -35.32 41.77 28.46
CA MET B 71 -33.98 41.79 29.03
C MET B 71 -34.01 41.35 30.48
N ALA B 72 -35.19 41.43 31.11
CA ALA B 72 -35.39 40.98 32.47
C ALA B 72 -35.92 39.54 32.52
N SER B 73 -36.16 38.89 31.39
CA SER B 73 -36.90 37.64 31.37
C SER B 73 -35.99 36.45 31.72
N GLY B 74 -34.67 36.66 31.75
CA GLY B 74 -33.70 35.60 31.87
C GLY B 74 -32.34 36.19 32.24
N PRO B 75 -31.35 35.34 32.56
CA PRO B 75 -30.01 35.80 32.87
C PRO B 75 -29.30 36.48 31.71
N VAL B 76 -28.49 37.47 32.10
CA VAL B 76 -27.60 38.14 31.21
C VAL B 76 -26.20 38.03 31.77
N VAL B 77 -25.21 38.11 30.88
CA VAL B 77 -23.83 38.13 31.29
C VAL B 77 -23.32 39.55 31.09
N ALA B 78 -23.05 40.22 32.20
CA ALA B 78 -22.56 41.58 32.19
C ALA B 78 -21.03 41.54 32.23
N MET B 79 -20.41 42.44 31.45
CA MET B 79 -18.98 42.45 31.26
C MET B 79 -18.45 43.86 31.11
N VAL B 80 -17.20 44.05 31.50
CA VAL B 80 -16.45 45.25 31.16
C VAL B 80 -15.13 44.83 30.50
N TRP B 81 -14.83 45.46 29.37
CA TRP B 81 -13.60 45.20 28.63
C TRP B 81 -12.82 46.50 28.49
N GLN B 82 -11.47 46.38 28.56
CA GLN B 82 -10.59 47.52 28.50
C GLN B 82 -9.61 47.41 27.32
N GLY B 83 -9.39 48.55 26.65
CA GLY B 83 -8.34 48.70 25.66
C GLY B 83 -8.54 49.92 24.79
N LEU B 84 -7.55 50.18 23.91
CA LEU B 84 -7.58 51.30 23.02
C LEU B 84 -8.77 51.15 22.09
N ASP B 85 -9.60 52.21 22.09
CA ASP B 85 -10.72 52.35 21.18
C ASP B 85 -11.73 51.21 21.37
N VAL B 86 -11.80 50.67 22.58
CA VAL B 86 -12.60 49.48 22.83
C VAL B 86 -14.11 49.75 22.60
N VAL B 87 -14.59 50.97 22.84
CA VAL B 87 -16.02 51.22 22.67
C VAL B 87 -16.41 51.09 21.21
N ARG B 88 -15.75 51.85 20.35
CA ARG B 88 -16.01 51.85 18.91
C ARG B 88 -15.71 50.47 18.30
N THR B 89 -14.57 49.87 18.66
CA THR B 89 -14.16 48.60 18.10
C THR B 89 -15.13 47.48 18.53
N SER B 90 -15.60 47.49 19.78
CA SER B 90 -16.58 46.53 20.22
C SER B 90 -17.86 46.61 19.39
N ARG B 91 -18.30 47.83 19.11
CA ARG B 91 -19.47 47.99 18.26
C ARG B 91 -19.26 47.38 16.88
N ALA B 92 -18.07 47.60 16.29
CA ALA B 92 -17.74 46.98 15.01
C ALA B 92 -17.73 45.45 15.11
N LEU B 93 -17.20 44.86 16.18
CA LEU B 93 -17.15 43.40 16.34
C LEU B 93 -18.55 42.82 16.41
N ILE B 94 -19.45 43.57 17.07
CA ILE B 94 -20.81 43.13 17.32
C ILE B 94 -21.60 43.24 16.03
N GLY B 95 -21.44 44.36 15.32
CA GLY B 95 -22.18 44.67 14.11
C GLY B 95 -23.48 45.45 14.37
N ALA B 96 -24.12 45.85 13.27
CA ALA B 96 -25.29 46.68 13.27
C ALA B 96 -26.40 46.10 14.14
N THR B 97 -27.17 47.03 14.70
CA THR B 97 -28.30 46.75 15.58
C THR B 97 -29.22 45.74 14.94
N ASN B 98 -29.56 46.01 13.69
CA ASN B 98 -30.36 45.09 12.92
C ASN B 98 -29.44 44.07 12.25
N PRO B 99 -29.49 42.78 12.63
CA PRO B 99 -28.59 41.76 12.09
C PRO B 99 -28.66 41.62 10.57
N ALA B 100 -29.78 42.00 9.96
CA ALA B 100 -29.87 41.99 8.52
C ALA B 100 -28.84 42.92 7.89
N ASP B 101 -28.40 43.97 8.62
CA ASP B 101 -27.40 44.89 8.10
C ASP B 101 -25.98 44.59 8.61
N ALA B 102 -25.81 43.55 9.44
CA ALA B 102 -24.52 43.27 10.02
C ALA B 102 -23.78 42.27 9.14
N PRO B 103 -22.59 42.60 8.59
CA PRO B 103 -21.92 41.66 7.69
C PRO B 103 -21.42 40.41 8.39
N PRO B 104 -21.30 39.31 7.64
CA PRO B 104 -20.61 38.11 8.13
C PRO B 104 -19.24 38.50 8.66
N GLY B 105 -18.83 37.81 9.74
CA GLY B 105 -17.62 38.14 10.48
C GLY B 105 -17.91 38.87 11.79
N THR B 106 -19.02 39.64 11.83
CA THR B 106 -19.48 40.22 13.08
C THR B 106 -20.27 39.19 13.87
N ILE B 107 -20.46 39.45 15.15
CA ILE B 107 -21.26 38.56 15.98
C ILE B 107 -22.69 38.47 15.46
N ARG B 108 -23.35 39.60 15.23
CA ARG B 108 -24.74 39.53 14.82
C ARG B 108 -24.85 39.03 13.39
N GLY B 109 -23.84 39.36 12.55
CA GLY B 109 -23.80 38.86 11.18
C GLY B 109 -23.71 37.33 11.11
N ASP B 110 -22.95 36.73 12.05
CA ASP B 110 -22.70 35.29 12.04
C ASP B 110 -23.80 34.53 12.80
N PHE B 111 -24.43 35.14 13.81
CA PHE B 111 -25.23 34.37 14.76
C PHE B 111 -26.70 34.78 14.89
N CYS B 112 -27.20 35.87 14.26
CA CYS B 112 -28.57 36.31 14.48
C CYS B 112 -29.31 36.72 13.25
N ILE B 113 -30.64 36.88 13.41
CA ILE B 113 -31.52 37.17 12.30
C ILE B 113 -32.29 38.45 12.53
N GLU B 114 -32.78 38.72 13.74
CA GLU B 114 -33.77 39.77 13.91
C GLU B 114 -33.36 40.73 15.03
N VAL B 115 -33.75 41.99 14.90
CA VAL B 115 -33.34 43.05 15.79
C VAL B 115 -33.75 42.82 17.24
N GLY B 116 -34.88 42.15 17.48
CA GLY B 116 -35.30 41.92 18.86
C GLY B 116 -34.55 40.77 19.55
N LYS B 117 -33.83 39.94 18.76
CA LYS B 117 -33.04 38.88 19.32
C LYS B 117 -31.61 38.97 18.75
N ASN B 118 -30.84 39.95 19.23
CA ASN B 118 -29.58 40.30 18.59
C ASN B 118 -28.42 40.12 19.56
N LEU B 119 -28.62 39.26 20.60
CA LEU B 119 -27.59 38.52 21.32
C LEU B 119 -26.80 39.31 22.36
N ILE B 120 -26.51 40.59 22.10
CA ILE B 120 -25.51 41.27 22.88
C ILE B 120 -25.79 42.77 22.84
N HIS B 121 -25.43 43.47 23.91
CA HIS B 121 -25.42 44.92 23.97
C HIS B 121 -23.99 45.40 24.16
N GLY B 122 -23.62 46.44 23.42
CA GLY B 122 -22.39 47.18 23.70
C GLY B 122 -22.67 48.68 23.80
N SER B 123 -21.91 49.35 24.67
CA SER B 123 -22.08 50.79 24.85
C SER B 123 -21.91 51.50 23.51
N ASP B 124 -22.67 52.57 23.26
CA ASP B 124 -22.60 53.22 21.97
C ASP B 124 -21.59 54.38 21.96
N SER B 125 -21.03 54.75 23.10
CA SER B 125 -20.05 55.79 23.17
C SER B 125 -19.30 55.70 24.51
N VAL B 126 -18.24 56.48 24.63
CA VAL B 126 -17.46 56.50 25.86
C VAL B 126 -18.33 56.97 27.05
N GLU B 127 -19.16 58.00 26.82
CA GLU B 127 -20.02 58.55 27.86
C GLU B 127 -21.07 57.52 28.27
N SER B 128 -21.73 56.85 27.33
CA SER B 128 -22.68 55.79 27.66
C SER B 128 -21.97 54.68 28.42
N ALA B 129 -20.75 54.35 28.04
CA ALA B 129 -20.00 53.30 28.70
C ALA B 129 -19.77 53.63 30.17
N ARG B 130 -19.35 54.85 30.45
CA ARG B 130 -19.17 55.28 31.83
C ARG B 130 -20.47 55.14 32.64
N ARG B 131 -21.59 55.55 32.05
CA ARG B 131 -22.86 55.47 32.73
C ARG B 131 -23.23 54.01 32.97
N GLU B 132 -23.07 53.17 31.92
CA GLU B 132 -23.51 51.78 31.96
C GLU B 132 -22.66 51.00 32.95
N ILE B 133 -21.35 51.25 32.95
CA ILE B 133 -20.47 50.56 33.90
C ILE B 133 -20.90 50.85 35.33
N ALA B 134 -21.17 52.13 35.64
CA ALA B 134 -21.53 52.50 37.00
C ALA B 134 -22.89 51.93 37.38
N LEU B 135 -23.79 51.84 36.40
CA LEU B 135 -25.13 51.34 36.66
C LEU B 135 -25.08 49.85 37.00
N TRP B 136 -24.24 49.06 36.30
CA TRP B 136 -24.31 47.61 36.42
C TRP B 136 -23.30 47.04 37.41
N PHE B 137 -22.23 47.77 37.73
CA PHE B 137 -21.15 47.26 38.55
C PHE B 137 -20.83 48.24 39.65
N ARG B 138 -20.52 47.72 40.84
CA ARG B 138 -19.83 48.47 41.87
C ARG B 138 -18.36 48.60 41.51
N ALA B 139 -17.75 49.66 42.03
CA ALA B 139 -16.36 49.95 41.76
C ALA B 139 -15.44 48.79 42.16
N ASP B 140 -15.78 48.06 43.24
CA ASP B 140 -14.92 46.96 43.68
C ASP B 140 -15.10 45.69 42.84
N GLU B 141 -15.97 45.70 41.82
CA GLU B 141 -16.08 44.56 40.93
C GLU B 141 -15.23 44.78 39.67
N LEU B 142 -14.61 45.97 39.52
CA LEU B 142 -13.74 46.24 38.38
C LEU B 142 -12.30 45.95 38.81
N LEU B 143 -11.63 45.00 38.17
CA LEU B 143 -10.34 44.54 38.66
C LEU B 143 -9.20 45.08 37.80
N CYS B 144 -8.14 45.51 38.44
CA CYS B 144 -6.90 45.89 37.78
C CYS B 144 -5.97 44.71 37.88
N TRP B 145 -5.46 44.24 36.75
CA TRP B 145 -4.46 43.19 36.80
C TRP B 145 -3.38 43.48 35.76
N GLU B 146 -2.18 42.95 36.01
CA GLU B 146 -1.04 43.22 35.15
C GLU B 146 -1.18 42.26 33.95
N ASP B 147 -1.33 42.80 32.75
CA ASP B 147 -1.62 42.01 31.58
C ASP B 147 -0.32 41.68 30.86
N SER B 148 0.12 40.41 30.87
CA SER B 148 1.36 40.00 30.22
C SER B 148 1.32 40.09 28.68
N ALA B 149 0.15 40.12 28.07
CA ALA B 149 0.04 40.26 26.61
C ALA B 149 0.20 41.72 26.17
N GLY B 150 0.09 42.67 27.11
CA GLY B 150 0.16 44.08 26.84
C GLY B 150 1.32 44.54 25.95
N HIS B 151 2.52 44.02 26.22
CA HIS B 151 3.71 44.37 25.44
C HIS B 151 3.50 44.02 23.95
N TRP B 152 2.63 43.05 23.64
CA TRP B 152 2.50 42.52 22.28
C TRP B 152 1.24 43.03 21.59
N LEU B 153 0.40 43.78 22.32
CA LEU B 153 -0.78 44.43 21.76
C LEU B 153 -0.61 45.95 21.59
N TYR B 154 0.33 46.58 22.35
CA TYR B 154 0.50 48.03 22.37
C TYR B 154 1.96 48.41 22.10
N GLU B 155 2.23 49.59 21.53
CA GLU B 155 3.61 50.09 21.47
C GLU B 155 4.02 50.50 22.90
N GLY C 5 -43.08 36.22 7.52
CA GLY C 5 -42.08 35.84 6.51
C GLY C 5 -41.01 34.93 7.09
N ALA C 6 -41.22 34.36 8.29
CA ALA C 6 -40.27 33.44 8.92
C ALA C 6 -40.27 32.07 8.24
N HIS C 7 -41.28 31.81 7.40
CA HIS C 7 -41.39 30.54 6.68
C HIS C 7 -40.80 30.64 5.27
N GLU C 8 -40.20 31.77 4.91
CA GLU C 8 -39.48 31.91 3.64
C GLU C 8 -38.42 30.82 3.56
N ARG C 9 -38.19 30.32 2.33
CA ARG C 9 -37.21 29.27 2.09
C ARG C 9 -36.29 29.62 0.94
N THR C 10 -35.05 29.10 1.00
CA THR C 10 -34.11 29.25 -0.11
C THR C 10 -33.52 27.89 -0.44
N PHE C 11 -33.07 27.76 -1.70
CA PHE C 11 -32.33 26.61 -2.16
C PHE C 11 -30.83 26.92 -2.13
N LEU C 12 -30.06 26.05 -1.47
CA LEU C 12 -28.61 26.10 -1.48
C LEU C 12 -28.08 24.75 -1.97
N ALA C 13 -26.96 24.81 -2.68
CA ALA C 13 -26.28 23.59 -3.07
C ALA C 13 -24.79 23.76 -2.88
N VAL C 14 -24.19 22.81 -2.17
CA VAL C 14 -22.74 22.72 -2.19
C VAL C 14 -22.35 22.10 -3.53
N LYS C 15 -21.53 22.82 -4.28
CA LYS C 15 -21.06 22.39 -5.58
C LYS C 15 -19.96 21.33 -5.39
N PRO C 16 -19.57 20.61 -6.48
CA PRO C 16 -18.66 19.47 -6.34
C PRO C 16 -17.33 19.79 -5.66
N ASP C 17 -16.82 21.01 -5.88
CA ASP C 17 -15.60 21.47 -5.23
C ASP C 17 -15.76 21.50 -3.71
N GLY C 18 -16.93 21.89 -3.23
CA GLY C 18 -17.19 21.92 -1.80
C GLY C 18 -17.17 20.53 -1.18
N VAL C 19 -17.70 19.54 -1.90
CA VAL C 19 -17.69 18.17 -1.44
C VAL C 19 -16.27 17.64 -1.44
N GLN C 20 -15.54 17.86 -2.55
CA GLN C 20 -14.21 17.32 -2.73
C GLN C 20 -13.25 17.93 -1.72
N ARG C 21 -13.42 19.21 -1.39
CA ARG C 21 -12.51 19.86 -0.47
C ARG C 21 -12.97 19.66 0.97
N ARG C 22 -14.03 18.90 1.21
CA ARG C 22 -14.43 18.57 2.56
C ARG C 22 -14.94 19.78 3.32
N LEU C 23 -15.76 20.60 2.68
CA LEU C 23 -16.24 21.82 3.32
C LEU C 23 -17.76 21.76 3.53
N VAL C 24 -18.36 20.58 3.43
CA VAL C 24 -19.81 20.45 3.57
C VAL C 24 -20.20 20.81 5.00
N GLY C 25 -19.53 20.22 5.98
CA GLY C 25 -19.81 20.47 7.38
C GLY C 25 -19.62 21.94 7.76
N GLU C 26 -18.51 22.50 7.29
CA GLU C 26 -18.20 23.90 7.49
C GLU C 26 -19.35 24.77 6.99
N ILE C 27 -19.84 24.48 5.79
CA ILE C 27 -20.89 25.28 5.19
C ILE C 27 -22.19 25.10 5.97
N VAL C 28 -22.56 23.85 6.26
CA VAL C 28 -23.79 23.62 7.00
C VAL C 28 -23.75 24.34 8.35
N ARG C 29 -22.60 24.28 9.01
CA ARG C 29 -22.45 24.86 10.32
C ARG C 29 -22.68 26.38 10.29
N ARG C 30 -22.28 27.05 9.21
CA ARG C 30 -22.51 28.47 9.16
C ARG C 30 -23.98 28.84 9.11
N PHE C 31 -24.79 28.03 8.43
CA PHE C 31 -26.21 28.29 8.34
C PHE C 31 -26.89 27.91 9.65
N GLU C 32 -26.39 26.86 10.32
CA GLU C 32 -26.94 26.47 11.60
C GLU C 32 -26.71 27.56 12.64
N ARG C 33 -25.48 28.04 12.73
CA ARG C 33 -25.15 28.96 13.80
C ARG C 33 -25.86 30.31 13.56
N LYS C 34 -26.24 30.61 12.32
CA LYS C 34 -26.93 31.84 11.99
C LYS C 34 -28.37 31.79 12.49
N GLY C 35 -28.92 30.60 12.62
CA GLY C 35 -30.23 30.40 13.23
C GLY C 35 -31.23 29.79 12.25
N PHE C 36 -30.85 29.55 11.00
CA PHE C 36 -31.81 29.11 10.02
C PHE C 36 -32.10 27.62 10.24
N LYS C 37 -33.26 27.24 9.70
CA LYS C 37 -33.79 25.91 9.90
C LYS C 37 -33.58 25.07 8.65
N LEU C 38 -32.91 23.95 8.80
CA LEU C 38 -32.68 23.01 7.71
C LEU C 38 -33.95 22.21 7.48
N VAL C 39 -34.56 22.33 6.29
CA VAL C 39 -35.82 21.65 6.04
C VAL C 39 -35.70 20.61 4.92
N ALA C 40 -34.58 20.58 4.20
CA ALA C 40 -34.36 19.48 3.26
C ALA C 40 -32.88 19.37 2.94
N LEU C 41 -32.44 18.14 2.65
CA LEU C 41 -31.04 17.84 2.47
C LEU C 41 -30.89 16.54 1.73
N LYS C 42 -30.07 16.53 0.68
CA LYS C 42 -29.63 15.28 0.09
C LYS C 42 -28.36 15.47 -0.72
N LEU C 43 -27.58 14.39 -0.78
CA LEU C 43 -26.48 14.23 -1.69
C LEU C 43 -27.00 13.63 -2.99
N VAL C 44 -26.78 14.33 -4.12
CA VAL C 44 -27.20 13.83 -5.43
C VAL C 44 -26.12 14.12 -6.46
N GLN C 45 -26.21 13.38 -7.55
CA GLN C 45 -25.45 13.60 -8.76
C GLN C 45 -26.45 14.17 -9.76
N ALA C 46 -26.41 15.48 -9.99
CA ALA C 46 -27.43 16.09 -10.85
C ALA C 46 -27.13 15.76 -12.32
N SER C 47 -28.20 15.50 -13.07
CA SER C 47 -28.09 15.29 -14.50
C SER C 47 -27.87 16.62 -15.19
N GLU C 48 -27.26 16.53 -16.39
CA GLU C 48 -27.01 17.71 -17.22
C GLU C 48 -28.35 18.37 -17.61
N GLU C 49 -29.40 17.55 -17.81
CA GLU C 49 -30.71 18.05 -18.17
C GLU C 49 -31.25 18.92 -17.04
N LEU C 50 -31.12 18.47 -15.79
CA LEU C 50 -31.63 19.25 -14.66
C LEU C 50 -30.85 20.55 -14.53
N LEU C 51 -29.52 20.46 -14.68
CA LEU C 51 -28.66 21.62 -14.52
C LEU C 51 -28.91 22.64 -15.63
N ARG C 52 -29.21 22.20 -16.85
CA ARG C 52 -29.51 23.11 -17.95
C ARG C 52 -30.72 23.96 -17.59
N GLU C 53 -31.72 23.32 -16.97
CA GLU C 53 -32.94 23.98 -16.55
C GLU C 53 -32.65 24.87 -15.35
N HIS C 54 -31.85 24.38 -14.39
CA HIS C 54 -31.48 25.17 -13.24
C HIS C 54 -30.87 26.50 -13.67
N TYR C 55 -29.99 26.47 -14.67
CA TYR C 55 -29.26 27.65 -15.10
C TYR C 55 -29.80 28.21 -16.42
N ALA C 56 -31.10 28.00 -16.69
CA ALA C 56 -31.72 28.42 -17.94
C ALA C 56 -31.42 29.89 -18.27
N GLU C 57 -31.45 30.77 -17.28
CA GLU C 57 -31.28 32.19 -17.50
C GLU C 57 -29.88 32.52 -18.02
N LEU C 58 -28.94 31.56 -17.93
CA LEU C 58 -27.56 31.79 -18.33
C LEU C 58 -27.21 31.08 -19.64
N ARG C 59 -28.22 30.59 -20.38
CA ARG C 59 -27.99 29.79 -21.58
C ARG C 59 -27.13 30.53 -22.61
N GLU C 60 -27.21 31.87 -22.67
CA GLU C 60 -26.49 32.62 -23.71
C GLU C 60 -25.07 32.96 -23.24
N ARG C 61 -24.77 32.78 -21.95
CA ARG C 61 -23.47 33.17 -21.44
C ARG C 61 -22.40 32.23 -21.98
N PRO C 62 -21.15 32.72 -22.20
CA PRO C 62 -20.08 31.89 -22.74
C PRO C 62 -19.69 30.68 -21.89
N PHE C 63 -19.87 30.78 -20.57
CA PHE C 63 -19.44 29.73 -19.65
C PHE C 63 -20.54 28.71 -19.38
N TYR C 64 -21.73 28.84 -19.99
CA TYR C 64 -22.86 27.99 -19.68
C TYR C 64 -22.50 26.52 -19.79
N GLY C 65 -21.95 26.12 -20.93
CA GLY C 65 -21.58 24.74 -21.22
C GLY C 65 -20.64 24.16 -20.16
N ARG C 66 -19.59 24.90 -19.80
CA ARG C 66 -18.64 24.34 -18.84
C ARG C 66 -19.23 24.37 -17.43
N LEU C 67 -20.12 25.33 -17.15
CA LEU C 67 -20.78 25.40 -15.85
C LEU C 67 -21.66 24.16 -15.64
N VAL C 68 -22.43 23.80 -16.66
CA VAL C 68 -23.27 22.63 -16.62
C VAL C 68 -22.42 21.37 -16.44
N LYS C 69 -21.37 21.22 -17.25
CA LYS C 69 -20.54 20.03 -17.23
C LYS C 69 -19.92 19.87 -15.84
N TYR C 70 -19.46 20.99 -15.30
CA TYR C 70 -18.77 20.98 -14.02
C TYR C 70 -19.72 20.64 -12.87
N MET C 71 -20.94 21.17 -12.88
CA MET C 71 -21.90 20.93 -11.83
C MET C 71 -22.40 19.49 -11.87
N ALA C 72 -22.23 18.83 -13.02
CA ALA C 72 -22.56 17.43 -13.19
C ALA C 72 -21.34 16.53 -12.97
N SER C 73 -20.17 17.07 -12.67
CA SER C 73 -18.94 16.30 -12.69
C SER C 73 -18.78 15.48 -11.40
N GLY C 74 -19.59 15.76 -10.39
CA GLY C 74 -19.41 15.16 -9.08
C GLY C 74 -20.66 15.35 -8.23
N PRO C 75 -20.71 14.78 -7.03
CA PRO C 75 -21.84 14.98 -6.14
C PRO C 75 -21.98 16.42 -5.66
N VAL C 76 -23.23 16.79 -5.46
CA VAL C 76 -23.65 18.07 -4.93
C VAL C 76 -24.48 17.77 -3.68
N VAL C 77 -24.46 18.70 -2.73
CA VAL C 77 -25.31 18.61 -1.58
C VAL C 77 -26.41 19.65 -1.74
N ALA C 78 -27.63 19.18 -2.00
CA ALA C 78 -28.77 20.05 -2.19
C ALA C 78 -29.46 20.25 -0.86
N MET C 79 -29.90 21.49 -0.61
CA MET C 79 -30.42 21.87 0.69
C MET C 79 -31.54 22.90 0.53
N VAL C 80 -32.45 22.88 1.50
CA VAL C 80 -33.39 23.97 1.67
C VAL C 80 -33.27 24.48 3.11
N TRP C 81 -33.15 25.81 3.24
CA TRP C 81 -33.10 26.46 4.55
C TRP C 81 -34.26 27.43 4.69
N GLN C 82 -34.81 27.52 5.92
CA GLN C 82 -35.98 28.32 6.19
C GLN C 82 -35.70 29.35 7.28
N GLY C 83 -36.21 30.57 7.09
CA GLY C 83 -36.14 31.63 8.10
C GLY C 83 -36.43 33.00 7.51
N LEU C 84 -36.57 34.01 8.38
CA LEU C 84 -36.87 35.36 7.95
C LEU C 84 -35.73 35.84 7.07
N ASP C 85 -36.09 36.29 5.87
CA ASP C 85 -35.17 36.94 4.94
C ASP C 85 -34.02 35.98 4.56
N VAL C 86 -34.31 34.67 4.56
CA VAL C 86 -33.27 33.68 4.37
C VAL C 86 -32.64 33.78 2.99
N VAL C 87 -33.40 34.19 1.97
CA VAL C 87 -32.85 34.23 0.63
C VAL C 87 -31.74 35.27 0.55
N ARG C 88 -32.07 36.51 0.90
CA ARG C 88 -31.13 37.63 0.86
C ARG C 88 -29.96 37.39 1.82
N THR C 89 -30.27 36.94 3.04
CA THR C 89 -29.24 36.77 4.05
C THR C 89 -28.28 35.65 3.65
N SER C 90 -28.80 34.56 3.09
CA SER C 90 -27.95 33.49 2.59
C SER C 90 -26.95 34.00 1.55
N ARG C 91 -27.43 34.84 0.63
CA ARG C 91 -26.55 35.43 -0.36
C ARG C 91 -25.42 36.22 0.29
N ALA C 92 -25.76 37.02 1.32
CA ALA C 92 -24.74 37.76 2.04
C ALA C 92 -23.72 36.83 2.75
N LEU C 93 -24.17 35.70 3.33
CA LEU C 93 -23.26 34.79 4.01
C LEU C 93 -22.31 34.12 3.01
N ILE C 94 -22.82 33.86 1.81
CA ILE C 94 -22.08 33.17 0.77
C ILE C 94 -21.04 34.13 0.19
N GLY C 95 -21.48 35.37 -0.08
CA GLY C 95 -20.62 36.36 -0.70
C GLY C 95 -20.74 36.41 -2.20
N ALA C 96 -20.13 37.46 -2.79
CA ALA C 96 -20.23 37.77 -4.20
C ALA C 96 -19.83 36.54 -5.04
N THR C 97 -20.44 36.50 -6.22
CA THR C 97 -20.27 35.45 -7.20
C THR C 97 -18.79 35.22 -7.49
N ASN C 98 -18.11 36.33 -7.75
CA ASN C 98 -16.69 36.29 -7.95
C ASN C 98 -16.00 36.40 -6.58
N PRO C 99 -15.29 35.34 -6.10
CA PRO C 99 -14.67 35.36 -4.78
C PRO C 99 -13.68 36.50 -4.57
N ALA C 100 -13.12 37.01 -5.65
CA ALA C 100 -12.22 38.15 -5.54
C ALA C 100 -12.95 39.35 -4.98
N ASP C 101 -14.28 39.43 -5.16
CA ASP C 101 -15.06 40.54 -4.63
C ASP C 101 -15.73 40.20 -3.28
N ALA C 102 -15.57 38.97 -2.78
CA ALA C 102 -16.29 38.55 -1.57
C ALA C 102 -15.41 38.79 -0.36
N PRO C 103 -15.83 39.60 0.62
CA PRO C 103 -14.96 39.90 1.77
C PRO C 103 -14.73 38.70 2.67
N PRO C 104 -13.58 38.66 3.37
CA PRO C 104 -13.37 37.67 4.42
C PRO C 104 -14.52 37.71 5.40
N GLY C 105 -14.88 36.55 5.94
CA GLY C 105 -16.06 36.35 6.75
C GLY C 105 -17.19 35.65 5.98
N THR C 106 -17.25 35.88 4.66
CA THR C 106 -18.18 35.16 3.80
C THR C 106 -17.57 33.80 3.45
N ILE C 107 -18.41 32.88 2.99
CA ILE C 107 -17.91 31.56 2.59
C ILE C 107 -16.91 31.69 1.43
N ARG C 108 -17.28 32.41 0.39
CA ARG C 108 -16.38 32.50 -0.75
C ARG C 108 -15.16 33.35 -0.42
N GLY C 109 -15.35 34.38 0.42
CA GLY C 109 -14.24 35.20 0.88
C GLY C 109 -13.20 34.42 1.69
N ASP C 110 -13.65 33.43 2.47
CA ASP C 110 -12.76 32.65 3.33
C ASP C 110 -12.16 31.46 2.58
N PHE C 111 -12.88 30.88 1.61
CA PHE C 111 -12.53 29.55 1.12
C PHE C 111 -12.24 29.45 -0.39
N CYS C 112 -12.45 30.49 -1.21
CA CYS C 112 -12.29 30.34 -2.65
C CYS C 112 -11.51 31.46 -3.32
N ILE C 113 -11.16 31.21 -4.58
CA ILE C 113 -10.31 32.10 -5.33
C ILE C 113 -10.98 32.56 -6.61
N GLU C 114 -11.66 31.67 -7.31
CA GLU C 114 -12.04 31.94 -8.68
C GLU C 114 -13.51 31.63 -8.92
N VAL C 115 -14.15 32.36 -9.85
CA VAL C 115 -15.58 32.31 -10.05
C VAL C 115 -16.04 30.92 -10.52
N GLY C 116 -15.19 30.20 -11.23
CA GLY C 116 -15.55 28.87 -11.70
C GLY C 116 -15.51 27.80 -10.61
N LYS C 117 -14.89 28.08 -9.47
CA LYS C 117 -14.86 27.16 -8.34
C LYS C 117 -15.25 27.91 -7.08
N ASN C 118 -16.54 28.19 -6.93
CA ASN C 118 -16.98 29.12 -5.90
C ASN C 118 -17.93 28.44 -4.91
N LEU C 119 -17.84 27.11 -4.82
CA LEU C 119 -18.22 26.29 -3.66
C LEU C 119 -19.70 25.99 -3.54
N ILE C 120 -20.56 26.98 -3.80
CA ILE C 120 -21.93 26.92 -3.34
C ILE C 120 -22.80 27.76 -4.25
N HIS C 121 -24.07 27.37 -4.40
CA HIS C 121 -25.09 28.17 -5.06
C HIS C 121 -26.16 28.52 -4.02
N GLY C 122 -26.64 29.77 -4.07
CA GLY C 122 -27.85 30.14 -3.35
C GLY C 122 -28.83 30.87 -4.27
N SER C 123 -30.13 30.64 -4.06
CA SER C 123 -31.15 31.30 -4.88
C SER C 123 -30.98 32.81 -4.76
N ASP C 124 -31.24 33.53 -5.83
CA ASP C 124 -31.00 34.97 -5.87
C ASP C 124 -32.26 35.75 -5.53
N SER C 125 -33.42 35.09 -5.42
CA SER C 125 -34.65 35.77 -5.04
C SER C 125 -35.67 34.75 -4.54
N VAL C 126 -36.76 35.23 -3.99
CA VAL C 126 -37.81 34.34 -3.49
C VAL C 126 -38.40 33.54 -4.66
N GLU C 127 -38.63 34.20 -5.83
CA GLU C 127 -39.20 33.50 -6.97
C GLU C 127 -38.23 32.44 -7.51
N SER C 128 -36.94 32.76 -7.63
CA SER C 128 -35.95 31.75 -8.05
C SER C 128 -35.93 30.60 -7.05
N ALA C 129 -36.04 30.91 -5.76
CA ALA C 129 -35.99 29.88 -4.74
C ALA C 129 -37.16 28.90 -4.93
N ARG C 130 -38.36 29.42 -5.12
CA ARG C 130 -39.52 28.56 -5.37
C ARG C 130 -39.29 27.65 -6.57
N ARG C 131 -38.76 28.19 -7.66
CA ARG C 131 -38.54 27.39 -8.85
C ARG C 131 -37.46 26.33 -8.57
N GLU C 132 -36.37 26.74 -7.91
CA GLU C 132 -35.25 25.86 -7.68
C GLU C 132 -35.66 24.74 -6.71
N ILE C 133 -36.40 25.08 -5.67
CA ILE C 133 -36.86 24.07 -4.71
C ILE C 133 -37.70 23.01 -5.43
N ALA C 134 -38.63 23.42 -6.29
CA ALA C 134 -39.52 22.49 -6.97
C ALA C 134 -38.72 21.63 -7.95
N LEU C 135 -37.69 22.23 -8.56
CA LEU C 135 -36.90 21.51 -9.53
C LEU C 135 -36.08 20.41 -8.87
N TRP C 136 -35.51 20.67 -7.69
CA TRP C 136 -34.55 19.75 -7.09
C TRP C 136 -35.18 18.79 -6.09
N PHE C 137 -36.34 19.12 -5.52
CA PHE C 137 -36.93 18.33 -4.44
C PHE C 137 -38.38 18.02 -4.77
N ARG C 138 -38.81 16.82 -4.38
CA ARG C 138 -40.23 16.51 -4.24
C ARG C 138 -40.73 17.13 -2.94
N ALA C 139 -42.03 17.39 -2.93
CA ALA C 139 -42.71 17.97 -1.80
C ALA C 139 -42.50 17.15 -0.53
N ASP C 140 -42.42 15.81 -0.65
CA ASP C 140 -42.31 14.99 0.56
C ASP C 140 -40.87 14.95 1.09
N GLU C 141 -39.92 15.64 0.43
CA GLU C 141 -38.58 15.75 0.98
C GLU C 141 -38.43 17.04 1.80
N LEU C 142 -39.44 17.91 1.81
CA LEU C 142 -39.35 19.16 2.58
C LEU C 142 -40.07 18.93 3.90
N LEU C 143 -39.38 19.04 5.02
CA LEU C 143 -39.92 18.65 6.31
C LEU C 143 -40.30 19.87 7.14
N CYS C 144 -41.45 19.79 7.80
CA CYS C 144 -41.82 20.76 8.80
C CYS C 144 -41.45 20.13 10.16
N TRP C 145 -40.69 20.85 10.97
CA TRP C 145 -40.47 20.41 12.33
C TRP C 145 -40.55 21.58 13.30
N GLU C 146 -40.84 21.30 14.57
CA GLU C 146 -41.00 22.33 15.57
C GLU C 146 -39.61 22.74 16.03
N ASP C 147 -39.20 23.98 15.79
CA ASP C 147 -37.83 24.40 16.10
C ASP C 147 -37.75 25.00 17.50
N SER C 148 -37.07 24.34 18.43
CA SER C 148 -36.96 24.83 19.81
C SER C 148 -36.13 26.10 19.96
N ALA C 149 -35.29 26.44 18.98
CA ALA C 149 -34.46 27.64 19.03
C ALA C 149 -35.26 28.87 18.57
N GLY C 150 -36.41 28.64 17.91
CA GLY C 150 -37.23 29.71 17.38
C GLY C 150 -37.58 30.81 18.40
N HIS C 151 -37.89 30.44 19.63
CA HIS C 151 -38.20 31.40 20.69
C HIS C 151 -37.05 32.42 20.87
N TRP C 152 -35.81 32.00 20.57
CA TRP C 152 -34.63 32.80 20.89
C TRP C 152 -34.05 33.47 19.65
N LEU C 153 -34.63 33.22 18.48
CA LEU C 153 -34.27 33.89 17.23
C LEU C 153 -35.32 34.92 16.79
N TYR C 154 -36.59 34.76 17.21
CA TYR C 154 -37.70 35.59 16.70
C TYR C 154 -38.43 36.26 17.86
N GLU C 155 -38.83 37.52 17.64
CA GLU C 155 -39.54 38.30 18.62
C GLU C 155 -40.97 37.68 18.73
N GLY D 5 13.90 20.69 33.06
CA GLY D 5 14.11 20.41 31.63
C GLY D 5 13.05 21.09 30.77
N ALA D 6 12.81 22.37 31.02
CA ALA D 6 11.96 23.24 30.21
C ALA D 6 12.59 23.61 28.87
N HIS D 7 13.89 23.32 28.71
CA HIS D 7 14.63 23.61 27.51
C HIS D 7 14.72 22.37 26.61
N GLU D 8 14.09 21.26 27.00
CA GLU D 8 14.03 20.08 26.14
C GLU D 8 13.41 20.46 24.81
N ARG D 9 13.90 19.82 23.73
CA ARG D 9 13.42 20.09 22.38
C ARG D 9 13.07 18.79 21.67
N THR D 10 12.10 18.86 20.74
CA THR D 10 11.79 17.72 19.89
C THR D 10 11.75 18.18 18.45
N PHE D 11 11.97 17.22 17.54
CA PHE D 11 11.81 17.44 16.11
C PHE D 11 10.46 16.92 15.65
N LEU D 12 9.70 17.77 14.96
CA LEU D 12 8.42 17.39 14.33
C LEU D 12 8.50 17.74 12.85
N ALA D 13 7.86 16.92 12.02
CA ALA D 13 7.72 17.24 10.60
C ALA D 13 6.31 16.91 10.14
N VAL D 14 5.68 17.88 9.47
CA VAL D 14 4.45 17.59 8.76
C VAL D 14 4.84 16.88 7.47
N LYS D 15 4.32 15.67 7.29
CA LYS D 15 4.65 14.84 6.13
C LYS D 15 3.89 15.36 4.92
N PRO D 16 4.21 14.92 3.69
CA PRO D 16 3.63 15.49 2.49
C PRO D 16 2.12 15.46 2.44
N ASP D 17 1.50 14.40 3.02
CA ASP D 17 0.07 14.30 3.10
C ASP D 17 -0.53 15.47 3.93
N GLY D 18 0.17 15.86 4.97
CA GLY D 18 -0.28 16.99 5.79
C GLY D 18 -0.29 18.31 5.04
N VAL D 19 0.73 18.53 4.20
CA VAL D 19 0.83 19.72 3.39
C VAL D 19 -0.27 19.67 2.33
N GLN D 20 -0.45 18.53 1.66
CA GLN D 20 -1.39 18.41 0.57
C GLN D 20 -2.81 18.56 1.06
N ARG D 21 -3.10 18.06 2.27
CA ARG D 21 -4.44 18.19 2.79
C ARG D 21 -4.67 19.53 3.51
N ARG D 22 -3.67 20.39 3.51
CA ARG D 22 -3.82 21.72 4.10
C ARG D 22 -4.04 21.68 5.62
N LEU D 23 -3.25 20.88 6.31
CA LEU D 23 -3.39 20.76 7.75
C LEU D 23 -2.16 21.30 8.47
N VAL D 24 -1.34 22.11 7.80
CA VAL D 24 -0.14 22.64 8.43
C VAL D 24 -0.52 23.57 9.57
N GLY D 25 -1.40 24.53 9.28
CA GLY D 25 -1.83 25.49 10.29
C GLY D 25 -2.53 24.81 11.47
N GLU D 26 -3.39 23.85 11.15
CA GLU D 26 -4.07 23.07 12.16
C GLU D 26 -3.09 22.39 13.10
N ILE D 27 -2.04 21.79 12.53
CA ILE D 27 -1.07 21.08 13.34
C ILE D 27 -0.27 22.09 14.18
N VAL D 28 0.22 23.16 13.54
CA VAL D 28 1.01 24.13 14.28
C VAL D 28 0.19 24.71 15.44
N ARG D 29 -1.09 24.98 15.18
CA ARG D 29 -1.97 25.56 16.19
C ARG D 29 -2.10 24.65 17.41
N ARG D 30 -2.11 23.35 17.21
CA ARG D 30 -2.23 22.47 18.37
C ARG D 30 -1.03 22.54 19.29
N PHE D 31 0.18 22.72 18.73
CA PHE D 31 1.36 22.83 19.55
C PHE D 31 1.42 24.22 20.21
N GLU D 32 0.94 25.24 19.50
CA GLU D 32 0.91 26.58 20.07
C GLU D 32 -0.04 26.62 21.26
N ARG D 33 -1.24 26.09 21.10
CA ARG D 33 -2.25 26.24 22.15
C ARG D 33 -1.86 25.41 23.37
N LYS D 34 -1.02 24.37 23.18
CA LYS D 34 -0.57 23.54 24.27
C LYS D 34 0.44 24.30 25.14
N GLY D 35 1.15 25.26 24.54
CA GLY D 35 2.06 26.11 25.28
C GLY D 35 3.53 25.94 24.87
N PHE D 36 3.82 25.06 23.92
CA PHE D 36 5.20 24.84 23.55
C PHE D 36 5.70 25.99 22.69
N LYS D 37 7.02 26.13 22.70
CA LYS D 37 7.70 27.23 22.06
C LYS D 37 8.30 26.76 20.73
N LEU D 38 7.89 27.43 19.65
CA LEU D 38 8.41 27.17 18.33
C LEU D 38 9.81 27.79 18.20
N VAL D 39 10.83 26.96 17.98
CA VAL D 39 12.19 27.48 17.92
C VAL D 39 12.83 27.25 16.56
N ALA D 40 12.20 26.47 15.67
CA ALA D 40 12.65 26.40 14.29
C ALA D 40 11.54 25.89 13.39
N LEU D 41 11.56 26.33 12.13
CA LEU D 41 10.53 26.02 11.18
C LEU D 41 11.04 26.27 9.77
N LYS D 42 10.84 25.27 8.89
CA LYS D 42 11.02 25.53 7.46
C LYS D 42 10.28 24.50 6.61
N LEU D 43 9.90 24.97 5.41
CA LEU D 43 9.38 24.08 4.38
C LEU D 43 10.55 23.62 3.51
N VAL D 44 10.75 22.30 3.39
CA VAL D 44 11.85 21.75 2.62
C VAL D 44 11.37 20.53 1.84
N GLN D 45 12.17 20.21 0.82
CA GLN D 45 12.09 18.97 0.09
C GLN D 45 13.29 18.14 0.51
N ALA D 46 13.10 17.16 1.38
CA ALA D 46 14.25 16.41 1.90
C ALA D 46 14.78 15.42 0.87
N SER D 47 16.08 15.27 0.80
CA SER D 47 16.72 14.29 -0.07
C SER D 47 16.53 12.87 0.50
N GLU D 48 16.59 11.89 -0.41
CA GLU D 48 16.57 10.49 -0.03
C GLU D 48 17.71 10.14 0.91
N GLU D 49 18.88 10.73 0.71
CA GLU D 49 20.04 10.48 1.54
C GLU D 49 19.74 10.91 2.98
N LEU D 50 19.13 12.11 3.15
CA LEU D 50 18.85 12.58 4.49
C LEU D 50 17.82 11.67 5.15
N LEU D 51 16.79 11.30 4.39
CA LEU D 51 15.71 10.49 4.92
C LEU D 51 16.19 9.08 5.29
N ARG D 52 17.13 8.53 4.53
CA ARG D 52 17.69 7.22 4.86
C ARG D 52 18.35 7.26 6.24
N GLU D 53 19.05 8.36 6.52
CA GLU D 53 19.71 8.56 7.79
C GLU D 53 18.68 8.86 8.88
N HIS D 54 17.69 9.69 8.57
CA HIS D 54 16.63 9.98 9.51
C HIS D 54 15.98 8.70 10.02
N TYR D 55 15.71 7.75 9.12
CA TYR D 55 15.01 6.51 9.46
C TYR D 55 15.95 5.34 9.58
N ALA D 56 17.23 5.58 9.89
CA ALA D 56 18.26 4.52 9.93
C ALA D 56 17.81 3.34 10.80
N GLU D 57 17.17 3.58 11.94
CA GLU D 57 16.78 2.49 12.84
C GLU D 57 15.75 1.56 12.18
N LEU D 58 15.12 2.00 11.09
CA LEU D 58 14.07 1.22 10.43
C LEU D 58 14.58 0.59 9.12
N ARG D 59 15.89 0.56 8.89
CA ARG D 59 16.48 0.06 7.65
C ARG D 59 16.04 -1.37 7.33
N GLU D 60 15.79 -2.19 8.34
CA GLU D 60 15.47 -3.60 8.12
C GLU D 60 13.97 -3.77 7.88
N ARG D 61 13.15 -2.74 8.16
CA ARG D 61 11.71 -2.90 8.03
C ARG D 61 11.31 -2.98 6.57
N PRO D 62 10.27 -3.79 6.22
CA PRO D 62 9.85 -3.94 4.83
C PRO D 62 9.38 -2.67 4.14
N PHE D 63 8.87 -1.69 4.89
CA PHE D 63 8.39 -0.45 4.29
C PHE D 63 9.45 0.64 4.18
N TYR D 64 10.70 0.39 4.58
CA TYR D 64 11.71 1.43 4.68
C TYR D 64 11.86 2.17 3.35
N GLY D 65 12.08 1.40 2.27
CA GLY D 65 12.30 1.97 0.94
C GLY D 65 11.14 2.88 0.52
N ARG D 66 9.91 2.43 0.69
CA ARG D 66 8.78 3.25 0.24
C ARG D 66 8.58 4.44 1.18
N LEU D 67 8.93 4.30 2.45
CA LEU D 67 8.79 5.39 3.41
C LEU D 67 9.74 6.52 3.02
N VAL D 68 10.99 6.17 2.70
CA VAL D 68 11.97 7.14 2.25
C VAL D 68 11.48 7.83 0.97
N LYS D 69 11.05 7.06 -0.01
CA LYS D 69 10.67 7.60 -1.32
C LYS D 69 9.49 8.55 -1.13
N TYR D 70 8.55 8.15 -0.27
CA TYR D 70 7.34 8.91 -0.05
C TYR D 70 7.65 10.25 0.64
N MET D 71 8.52 10.22 1.67
CA MET D 71 8.84 11.41 2.43
C MET D 71 9.66 12.39 1.58
N ALA D 72 10.27 11.89 0.50
CA ALA D 72 10.99 12.70 -0.45
C ALA D 72 10.12 13.11 -1.64
N SER D 73 8.88 12.68 -1.71
CA SER D 73 8.07 12.84 -2.91
C SER D 73 7.46 14.23 -2.98
N GLY D 74 7.51 14.99 -1.89
CA GLY D 74 6.79 16.25 -1.75
C GLY D 74 7.35 17.06 -0.59
N PRO D 75 6.91 18.31 -0.43
CA PRO D 75 7.40 19.14 0.67
C PRO D 75 6.96 18.63 2.03
N VAL D 76 7.86 18.85 3.01
CA VAL D 76 7.58 18.64 4.39
C VAL D 76 7.80 19.95 5.14
N VAL D 77 7.11 20.08 6.27
CA VAL D 77 7.35 21.19 7.15
C VAL D 77 8.12 20.68 8.36
N ALA D 78 9.40 21.04 8.44
CA ALA D 78 10.25 20.65 9.54
C ALA D 78 10.18 21.69 10.64
N MET D 79 10.17 21.23 11.89
CA MET D 79 9.93 22.07 13.04
C MET D 79 10.74 21.58 14.24
N VAL D 80 11.06 22.50 15.14
CA VAL D 80 11.54 22.17 16.46
C VAL D 80 10.70 22.94 17.47
N TRP D 81 10.24 22.20 18.50
CA TRP D 81 9.46 22.74 19.58
C TRP D 81 10.17 22.52 20.89
N GLN D 82 10.03 23.49 21.81
CA GLN D 82 10.71 23.45 23.09
C GLN D 82 9.71 23.53 24.24
N GLY D 83 9.96 22.76 25.29
CA GLY D 83 9.23 22.85 26.55
C GLY D 83 9.41 21.62 27.43
N LEU D 84 8.88 21.69 28.65
CA LEU D 84 9.00 20.60 29.60
C LEU D 84 8.31 19.38 29.02
N ASP D 85 9.07 18.29 28.95
CA ASP D 85 8.57 16.99 28.55
C ASP D 85 7.99 17.02 27.13
N VAL D 86 8.54 17.90 26.29
CA VAL D 86 7.96 18.12 24.97
C VAL D 86 8.03 16.87 24.11
N VAL D 87 9.06 16.03 24.29
CA VAL D 87 9.20 14.87 23.40
C VAL D 87 8.03 13.91 23.65
N ARG D 88 7.87 13.48 24.90
CA ARG D 88 6.82 12.55 25.29
C ARG D 88 5.43 13.15 25.04
N THR D 89 5.23 14.41 25.41
CA THR D 89 3.94 15.05 25.29
C THR D 89 3.55 15.23 23.82
N SER D 90 4.51 15.59 22.96
CA SER D 90 4.23 15.70 21.54
C SER D 90 3.76 14.35 20.98
N ARG D 91 4.41 13.25 21.39
CA ARG D 91 3.96 11.94 20.95
C ARG D 91 2.53 11.66 21.36
N ALA D 92 2.16 12.01 22.58
CA ALA D 92 0.77 11.87 23.03
C ALA D 92 -0.19 12.72 22.19
N LEU D 93 0.18 13.95 21.84
CA LEU D 93 -0.71 14.82 21.05
C LEU D 93 -0.90 14.26 19.64
N ILE D 94 0.15 13.63 19.11
CA ILE D 94 0.15 13.07 17.76
C ILE D 94 -0.70 11.79 17.75
N GLY D 95 -0.49 10.95 18.75
CA GLY D 95 -1.18 9.67 18.84
C GLY D 95 -0.39 8.52 18.21
N ALA D 96 -0.93 7.31 18.40
CA ALA D 96 -0.28 6.06 18.02
C ALA D 96 0.07 6.08 16.52
N THR D 97 1.13 5.33 16.22
CA THR D 97 1.67 5.18 14.87
C THR D 97 0.56 4.81 13.89
N ASN D 98 -0.20 3.78 14.31
CA ASN D 98 -1.33 3.34 13.55
C ASN D 98 -2.54 4.17 13.95
N PRO D 99 -3.11 5.01 13.05
CA PRO D 99 -4.24 5.88 13.40
C PRO D 99 -5.46 5.14 13.90
N ALA D 100 -5.60 3.88 13.53
CA ALA D 100 -6.70 3.08 14.03
C ALA D 100 -6.59 2.91 15.55
N ASP D 101 -5.39 3.01 16.12
CA ASP D 101 -5.23 2.92 17.57
C ASP D 101 -5.16 4.29 18.26
N ALA D 102 -5.24 5.39 17.51
CA ALA D 102 -5.04 6.71 18.09
C ALA D 102 -6.41 7.27 18.45
N PRO D 103 -6.68 7.61 19.73
CA PRO D 103 -8.02 8.07 20.08
C PRO D 103 -8.35 9.44 19.48
N PRO D 104 -9.65 9.71 19.30
CA PRO D 104 -10.10 11.06 18.96
C PRO D 104 -9.53 12.06 19.98
N GLY D 105 -9.18 13.25 19.49
CA GLY D 105 -8.48 14.25 20.28
C GLY D 105 -7.01 14.36 19.90
N THR D 106 -6.41 13.24 19.47
CA THR D 106 -5.05 13.27 18.93
C THR D 106 -5.10 13.70 17.47
N ILE D 107 -3.95 14.11 16.94
CA ILE D 107 -3.87 14.50 15.54
C ILE D 107 -4.24 13.32 14.64
N ARG D 108 -3.61 12.16 14.86
CA ARG D 108 -3.89 11.05 13.95
C ARG D 108 -5.28 10.51 14.19
N GLY D 109 -5.76 10.54 15.44
CA GLY D 109 -7.11 10.12 15.76
C GLY D 109 -8.19 10.97 15.07
N ASP D 110 -7.95 12.27 14.93
CA ASP D 110 -8.92 13.19 14.36
C ASP D 110 -8.82 13.25 12.84
N PHE D 111 -7.61 13.03 12.27
CA PHE D 111 -7.40 13.38 10.87
C PHE D 111 -6.99 12.24 9.95
N CYS D 112 -6.65 11.04 10.44
CA CYS D 112 -6.07 10.02 9.57
C CYS D 112 -6.67 8.64 9.74
N ILE D 113 -6.37 7.78 8.79
CA ILE D 113 -6.97 6.47 8.73
C ILE D 113 -5.92 5.37 8.77
N GLU D 114 -4.81 5.54 8.05
CA GLU D 114 -3.92 4.42 7.77
C GLU D 114 -2.48 4.81 8.09
N VAL D 115 -1.68 3.80 8.46
CA VAL D 115 -0.36 4.00 9.00
C VAL D 115 0.59 4.70 8.03
N GLY D 116 0.43 4.48 6.74
CA GLY D 116 1.33 5.08 5.77
C GLY D 116 1.00 6.53 5.45
N LYS D 117 -0.21 6.97 5.86
CA LYS D 117 -0.59 8.37 5.67
C LYS D 117 -1.02 8.94 7.02
N ASN D 118 -0.08 9.18 7.91
CA ASN D 118 -0.36 9.48 9.29
C ASN D 118 0.18 10.86 9.66
N LEU D 119 0.40 11.72 8.61
CA LEU D 119 0.43 13.17 8.70
C LEU D 119 1.71 13.78 9.22
N ILE D 120 2.35 13.17 10.22
CA ILE D 120 3.33 13.89 11.00
C ILE D 120 4.32 12.89 11.60
N HIS D 121 5.57 13.35 11.77
CA HIS D 121 6.59 12.62 12.51
C HIS D 121 6.95 13.41 13.75
N GLY D 122 7.10 12.72 14.88
CA GLY D 122 7.73 13.29 16.06
C GLY D 122 8.82 12.37 16.60
N SER D 123 9.87 12.97 17.16
CA SER D 123 10.97 12.22 17.73
C SER D 123 10.41 11.28 18.81
N ASP D 124 11.01 10.07 18.95
CA ASP D 124 10.48 9.15 19.93
C ASP D 124 11.17 9.24 21.27
N SER D 125 12.26 10.01 21.37
CA SER D 125 12.97 10.14 22.65
C SER D 125 13.85 11.38 22.63
N VAL D 126 14.41 11.72 23.78
CA VAL D 126 15.29 12.88 23.85
C VAL D 126 16.52 12.67 22.94
N GLU D 127 17.09 11.46 22.98
CA GLU D 127 18.28 11.15 22.20
C GLU D 127 17.96 11.19 20.69
N SER D 128 16.84 10.60 20.25
CA SER D 128 16.46 10.70 18.85
C SER D 128 16.24 12.15 18.46
N ALA D 129 15.64 12.93 19.34
CA ALA D 129 15.35 14.33 19.05
C ALA D 129 16.65 15.09 18.79
N ARG D 130 17.66 14.90 19.66
CA ARG D 130 18.94 15.55 19.45
C ARG D 130 19.53 15.20 18.09
N ARG D 131 19.47 13.92 17.72
CA ARG D 131 20.03 13.49 16.45
C ARG D 131 19.24 14.11 15.29
N GLU D 132 17.91 14.07 15.40
CA GLU D 132 17.05 14.53 14.31
C GLU D 132 17.18 16.05 14.13
N ILE D 133 17.24 16.79 15.24
CA ILE D 133 17.41 18.23 15.15
C ILE D 133 18.70 18.59 14.41
N ALA D 134 19.80 17.92 14.76
CA ALA D 134 21.09 18.23 14.16
C ALA D 134 21.09 17.84 12.68
N LEU D 135 20.39 16.77 12.37
CA LEU D 135 20.34 16.30 10.99
C LEU D 135 19.59 17.28 10.09
N TRP D 136 18.48 17.85 10.57
CA TRP D 136 17.60 18.64 9.70
C TRP D 136 17.87 20.14 9.75
N PHE D 137 18.51 20.64 10.82
CA PHE D 137 18.70 22.05 11.00
C PHE D 137 20.15 22.36 11.31
N ARG D 138 20.62 23.47 10.74
CA ARG D 138 21.84 24.12 11.20
C ARG D 138 21.57 24.85 12.50
N ALA D 139 22.61 25.02 13.29
CA ALA D 139 22.48 25.64 14.61
C ALA D 139 21.92 27.06 14.50
N ASP D 140 22.23 27.79 13.43
CA ASP D 140 21.74 29.15 13.28
C ASP D 140 20.28 29.22 12.83
N GLU D 141 19.62 28.08 12.62
CA GLU D 141 18.20 28.08 12.33
C GLU D 141 17.38 27.83 13.60
N LEU D 142 18.03 27.58 14.74
CA LEU D 142 17.34 27.37 16.00
C LEU D 142 17.37 28.68 16.76
N LEU D 143 16.23 29.27 17.07
CA LEU D 143 16.18 30.61 17.64
C LEU D 143 15.88 30.57 19.14
N CYS D 144 16.57 31.39 19.90
CA CYS D 144 16.26 31.72 21.26
C CYS D 144 15.41 32.99 21.26
N TRP D 145 14.24 32.92 21.87
CA TRP D 145 13.51 34.17 22.08
C TRP D 145 12.90 34.17 23.46
N GLU D 146 12.71 35.36 24.02
CA GLU D 146 12.17 35.53 25.35
C GLU D 146 10.65 35.34 25.24
N ASP D 147 10.13 34.33 25.91
CA ASP D 147 8.75 33.92 25.75
C ASP D 147 7.88 34.60 26.81
N SER D 148 7.00 35.51 26.41
CA SER D 148 6.14 36.24 27.33
C SER D 148 5.08 35.37 28.03
N ALA D 149 4.75 34.19 27.47
CA ALA D 149 3.77 33.30 28.06
C ALA D 149 4.41 32.44 29.15
N GLY D 150 5.74 32.41 29.22
CA GLY D 150 6.49 31.48 30.06
C GLY D 150 6.07 31.56 31.53
N HIS D 151 5.87 32.77 32.05
CA HIS D 151 5.46 32.98 33.44
C HIS D 151 4.14 32.25 33.72
N TRP D 152 3.29 32.01 32.69
CA TRP D 152 1.96 31.48 32.89
C TRP D 152 1.86 30.01 32.49
N LEU D 153 2.96 29.44 31.96
CA LEU D 153 3.04 28.02 31.65
C LEU D 153 3.91 27.26 32.66
N TYR D 154 4.86 27.95 33.35
CA TYR D 154 5.85 27.28 34.21
C TYR D 154 5.82 27.92 35.61
N GLU D 155 6.07 27.13 36.66
CA GLU D 155 6.25 27.74 37.99
C GLU D 155 7.65 28.36 38.00
N THR E 4 -33.66 11.88 39.18
CA THR E 4 -32.72 12.12 38.03
C THR E 4 -31.30 12.51 38.52
N GLY E 5 -31.10 13.50 39.43
CA GLY E 5 -29.80 14.09 39.77
C GLY E 5 -29.33 15.15 38.78
N ALA E 6 -30.27 15.68 37.98
CA ALA E 6 -30.00 16.69 36.95
C ALA E 6 -29.75 18.07 37.56
N HIS E 7 -30.04 18.24 38.86
CA HIS E 7 -29.85 19.50 39.55
C HIS E 7 -28.52 19.53 40.31
N GLU E 8 -27.70 18.48 40.19
CA GLU E 8 -26.36 18.49 40.75
C GLU E 8 -25.58 19.69 40.24
N ARG E 9 -24.72 20.25 41.11
CA ARG E 9 -23.94 21.45 40.75
C ARG E 9 -22.47 21.25 41.10
N THR E 10 -21.57 21.90 40.33
CA THR E 10 -20.15 21.88 40.65
C THR E 10 -19.62 23.29 40.61
N PHE E 11 -18.52 23.49 41.34
CA PHE E 11 -17.77 24.74 41.33
C PHE E 11 -16.56 24.59 40.41
N LEU E 12 -16.42 25.51 39.46
CA LEU E 12 -15.25 25.60 38.58
C LEU E 12 -14.67 27.00 38.69
N ALA E 13 -13.34 27.10 38.61
CA ALA E 13 -12.68 28.38 38.56
C ALA E 13 -11.59 28.35 37.50
N VAL E 14 -11.59 29.34 36.61
CA VAL E 14 -10.46 29.57 35.75
C VAL E 14 -9.39 30.23 36.59
N LYS E 15 -8.23 29.57 36.67
CA LYS E 15 -7.11 30.09 37.45
C LYS E 15 -6.44 31.26 36.71
N PRO E 16 -5.57 32.04 37.37
CA PRO E 16 -5.03 33.25 36.77
C PRO E 16 -4.33 33.06 35.43
N ASP E 17 -3.68 31.90 35.26
CA ASP E 17 -3.04 31.54 33.99
C ASP E 17 -4.07 31.45 32.86
N GLY E 18 -5.25 30.95 33.15
CA GLY E 18 -6.33 30.88 32.18
C GLY E 18 -6.77 32.25 31.71
N VAL E 19 -6.86 33.21 32.64
CA VAL E 19 -7.25 34.57 32.28
C VAL E 19 -6.13 35.21 31.47
N GLN E 20 -4.88 35.07 31.95
CA GLN E 20 -3.74 35.72 31.31
C GLN E 20 -3.52 35.18 29.90
N ARG E 21 -3.77 33.89 29.69
CA ARG E 21 -3.55 33.30 28.39
C ARG E 21 -4.80 33.43 27.51
N ARG E 22 -5.84 34.10 27.99
CA ARG E 22 -7.02 34.34 27.18
C ARG E 22 -7.76 33.06 26.82
N LEU E 23 -7.98 32.18 27.79
CA LEU E 23 -8.65 30.94 27.54
C LEU E 23 -10.00 30.85 28.25
N VAL E 24 -10.53 31.97 28.72
CA VAL E 24 -11.79 31.97 29.43
C VAL E 24 -12.94 31.51 28.52
N GLY E 25 -13.05 32.15 27.37
CA GLY E 25 -14.07 31.79 26.40
C GLY E 25 -13.99 30.33 25.93
N GLU E 26 -12.73 29.90 25.64
CA GLU E 26 -12.50 28.53 25.23
C GLU E 26 -13.04 27.56 26.30
N ILE E 27 -12.76 27.86 27.58
CA ILE E 27 -13.15 26.96 28.64
C ILE E 27 -14.68 26.99 28.78
N VAL E 28 -15.27 28.19 28.83
CA VAL E 28 -16.71 28.28 29.00
C VAL E 28 -17.42 27.54 27.86
N ARG E 29 -16.89 27.68 26.64
CA ARG E 29 -17.50 27.09 25.47
C ARG E 29 -17.54 25.57 25.58
N ARG E 30 -16.52 24.97 26.17
CA ARG E 30 -16.54 23.52 26.29
C ARG E 30 -17.65 23.03 27.22
N PHE E 31 -17.94 23.79 28.29
CA PHE E 31 -19.01 23.37 29.20
C PHE E 31 -20.37 23.64 28.56
N GLU E 32 -20.47 24.73 27.77
CA GLU E 32 -21.71 25.02 27.08
C GLU E 32 -22.04 23.95 26.07
N ARG E 33 -21.07 23.58 25.25
CA ARG E 33 -21.36 22.69 24.14
C ARG E 33 -21.62 21.28 24.69
N LYS E 34 -21.15 20.97 25.90
CA LYS E 34 -21.41 19.68 26.51
C LYS E 34 -22.88 19.57 26.96
N GLY E 35 -23.49 20.71 27.25
CA GLY E 35 -24.90 20.74 27.59
C GLY E 35 -25.17 21.23 29.02
N PHE E 36 -24.14 21.55 29.79
CA PHE E 36 -24.36 21.94 31.16
C PHE E 36 -24.89 23.37 31.24
N LYS E 37 -25.56 23.65 32.35
CA LYS E 37 -26.24 24.91 32.55
C LYS E 37 -25.41 25.82 33.47
N LEU E 38 -25.06 26.99 32.95
CA LEU E 38 -24.34 27.98 33.74
C LEU E 38 -25.30 28.65 34.74
N VAL E 39 -25.04 28.52 36.04
CA VAL E 39 -25.94 29.10 37.02
C VAL E 39 -25.27 30.19 37.84
N ALA E 40 -23.95 30.36 37.74
CA ALA E 40 -23.30 31.49 38.40
C ALA E 40 -21.94 31.75 37.80
N LEU E 41 -21.54 33.03 37.82
CA LEU E 41 -20.32 33.45 37.14
C LEU E 41 -19.87 34.80 37.68
N LYS E 42 -18.58 34.89 38.04
CA LYS E 42 -18.00 36.21 38.30
C LYS E 42 -16.48 36.16 38.23
N LEU E 43 -15.91 37.30 37.82
CA LEU E 43 -14.50 37.57 37.86
C LEU E 43 -14.15 38.20 39.21
N VAL E 44 -13.25 37.58 39.98
CA VAL E 44 -12.89 38.06 41.32
C VAL E 44 -11.40 37.86 41.54
N GLN E 45 -10.90 38.59 42.53
CA GLN E 45 -9.56 38.47 43.05
C GLN E 45 -9.71 37.83 44.43
N ALA E 46 -9.40 36.56 44.56
CA ALA E 46 -9.63 35.88 45.84
C ALA E 46 -8.54 36.25 46.84
N SER E 47 -8.92 36.42 48.10
CA SER E 47 -7.96 36.59 49.18
C SER E 47 -7.28 35.27 49.51
N GLU E 48 -6.07 35.40 50.09
CA GLU E 48 -5.32 34.30 50.63
C GLU E 48 -6.11 33.54 51.70
N GLU E 49 -6.86 34.25 52.52
CA GLU E 49 -7.66 33.65 53.58
C GLU E 49 -8.70 32.72 52.95
N LEU E 50 -9.38 33.18 51.89
CA LEU E 50 -10.40 32.35 51.28
C LEU E 50 -9.77 31.11 50.65
N LEU E 51 -8.64 31.32 49.97
CA LEU E 51 -7.96 30.24 49.29
C LEU E 51 -7.41 29.21 50.27
N ARG E 52 -6.95 29.64 51.45
CA ARG E 52 -6.48 28.70 52.45
C ARG E 52 -7.59 27.74 52.85
N GLU E 53 -8.81 28.28 52.98
CA GLU E 53 -9.98 27.51 53.34
C GLU E 53 -10.40 26.64 52.15
N HIS E 54 -10.36 27.22 50.93
CA HIS E 54 -10.70 26.46 49.74
C HIS E 54 -9.86 25.19 49.65
N TYR E 55 -8.55 25.30 49.93
CA TYR E 55 -7.63 24.19 49.79
C TYR E 55 -7.24 23.59 51.13
N ALA E 56 -8.13 23.69 52.13
CA ALA E 56 -7.85 23.20 53.47
C ALA E 56 -7.34 21.75 53.47
N GLU E 57 -7.89 20.88 52.63
CA GLU E 57 -7.51 19.47 52.63
C GLU E 57 -6.04 19.28 52.22
N LEU E 58 -5.42 20.31 51.63
CA LEU E 58 -4.05 20.23 51.13
C LEU E 58 -3.08 20.98 52.05
N ARG E 59 -3.49 21.36 53.25
CA ARG E 59 -2.67 22.18 54.14
C ARG E 59 -1.32 21.52 54.44
N GLU E 60 -1.26 20.18 54.45
CA GLU E 60 -0.04 19.47 54.82
C GLU E 60 0.88 19.31 53.62
N ARG E 61 0.38 19.53 52.39
CA ARG E 61 1.17 19.26 51.21
C ARG E 61 2.25 20.31 51.07
N PRO E 62 3.45 19.96 50.53
CA PRO E 62 4.55 20.91 50.42
C PRO E 62 4.27 22.12 49.53
N PHE E 63 3.37 21.99 48.54
CA PHE E 63 3.10 23.06 47.61
C PHE E 63 1.95 23.97 48.06
N TYR E 64 1.37 23.73 49.25
CA TYR E 64 0.20 24.47 49.71
C TYR E 64 0.43 25.98 49.64
N GLY E 65 1.53 26.42 50.27
CA GLY E 65 1.88 27.83 50.32
C GLY E 65 1.95 28.48 48.94
N ARG E 66 2.64 27.85 47.99
CA ARG E 66 2.80 28.46 46.67
C ARG E 66 1.48 28.39 45.91
N LEU E 67 0.66 27.35 46.16
CA LEU E 67 -0.62 27.22 45.49
C LEU E 67 -1.54 28.37 45.90
N VAL E 68 -1.60 28.65 47.20
CA VAL E 68 -2.39 29.73 47.72
C VAL E 68 -1.94 31.06 47.13
N LYS E 69 -0.61 31.32 47.18
CA LYS E 69 -0.07 32.60 46.75
C LYS E 69 -0.40 32.81 45.28
N TYR E 70 -0.26 31.74 44.50
CA TYR E 70 -0.43 31.83 43.08
C TYR E 70 -1.89 32.11 42.70
N MET E 71 -2.83 31.41 43.37
CA MET E 71 -4.24 31.54 43.09
C MET E 71 -4.76 32.93 43.50
N ALA E 72 -4.01 33.59 44.39
CA ALA E 72 -4.30 34.95 44.80
C ALA E 72 -3.56 36.00 43.99
N SER E 73 -2.71 35.60 43.05
CA SER E 73 -1.80 36.54 42.43
C SER E 73 -2.49 37.34 41.32
N GLY E 74 -3.68 36.92 40.89
CA GLY E 74 -4.32 37.48 39.73
C GLY E 74 -5.82 37.15 39.71
N PRO E 75 -6.58 37.70 38.77
CA PRO E 75 -8.01 37.39 38.70
C PRO E 75 -8.32 35.97 38.34
N VAL E 76 -9.42 35.47 38.90
CA VAL E 76 -9.96 34.14 38.66
C VAL E 76 -11.39 34.33 38.17
N VAL E 77 -11.86 33.37 37.36
CA VAL E 77 -13.26 33.37 36.97
C VAL E 77 -13.93 32.24 37.72
N ALA E 78 -14.78 32.58 38.67
CA ALA E 78 -15.52 31.61 39.46
C ALA E 78 -16.85 31.31 38.79
N MET E 79 -17.24 30.04 38.81
CA MET E 79 -18.40 29.56 38.07
C MET E 79 -19.11 28.43 38.83
N VAL E 80 -20.41 28.32 38.59
CA VAL E 80 -21.16 27.15 39.00
C VAL E 80 -21.92 26.61 37.77
N TRP E 81 -21.78 25.29 37.55
CA TRP E 81 -22.44 24.61 36.46
C TRP E 81 -23.36 23.53 36.99
N GLN E 82 -24.49 23.32 36.31
CA GLN E 82 -25.50 22.40 36.75
C GLN E 82 -25.81 21.36 35.68
N GLY E 83 -25.99 20.09 36.12
CA GLY E 83 -26.45 19.03 35.24
C GLY E 83 -26.17 17.65 35.81
N LEU E 84 -26.69 16.62 35.12
CA LEU E 84 -26.53 15.25 35.56
C LEU E 84 -25.06 14.91 35.57
N ASP E 85 -24.58 14.45 36.72
CA ASP E 85 -23.23 13.94 36.89
C ASP E 85 -22.20 15.02 36.57
N VAL E 86 -22.56 16.30 36.81
CA VAL E 86 -21.71 17.40 36.38
C VAL E 86 -20.37 17.40 37.13
N VAL E 87 -20.34 16.94 38.38
CA VAL E 87 -19.09 17.00 39.13
C VAL E 87 -18.07 16.05 38.51
N ARG E 88 -18.43 14.78 38.38
CA ARG E 88 -17.55 13.77 37.80
C ARG E 88 -17.21 14.09 36.33
N THR E 89 -18.22 14.48 35.54
CA THR E 89 -18.02 14.73 34.13
C THR E 89 -17.16 15.96 33.93
N SER E 90 -17.31 17.00 34.74
CA SER E 90 -16.44 18.15 34.66
C SER E 90 -14.99 17.77 34.89
N ARG E 91 -14.73 16.91 35.87
CA ARG E 91 -13.38 16.44 36.13
C ARG E 91 -12.81 15.73 34.90
N ALA E 92 -13.62 14.90 34.24
CA ALA E 92 -13.18 14.23 33.02
C ALA E 92 -12.88 15.23 31.90
N LEU E 93 -13.70 16.29 31.74
CA LEU E 93 -13.48 17.27 30.69
C LEU E 93 -12.20 18.06 30.93
N ILE E 94 -11.89 18.29 32.22
CA ILE E 94 -10.73 19.07 32.62
C ILE E 94 -9.47 18.23 32.43
N GLY E 95 -9.53 16.97 32.87
CA GLY E 95 -8.40 16.06 32.80
C GLY E 95 -7.55 16.06 34.09
N ALA E 96 -6.58 15.14 34.13
CA ALA E 96 -5.76 14.89 35.29
C ALA E 96 -5.08 16.16 35.79
N THR E 97 -4.86 16.19 37.10
CA THR E 97 -4.22 17.28 37.80
C THR E 97 -2.91 17.65 37.14
N ASN E 98 -2.10 16.62 36.88
CA ASN E 98 -0.87 16.81 36.18
C ASN E 98 -1.13 16.72 34.69
N PRO E 99 -0.98 17.83 33.91
CA PRO E 99 -1.29 17.83 32.48
C PRO E 99 -0.53 16.79 31.68
N ALA E 100 0.63 16.37 32.17
CA ALA E 100 1.37 15.31 31.51
C ALA E 100 0.55 14.02 31.47
N ASP E 101 -0.38 13.81 32.43
CA ASP E 101 -1.23 12.65 32.42
C ASP E 101 -2.61 12.89 31.79
N ALA E 102 -2.89 14.12 31.33
CA ALA E 102 -4.21 14.42 30.79
C ALA E 102 -4.21 14.18 29.28
N PRO E 103 -5.06 13.30 28.73
CA PRO E 103 -5.07 13.06 27.30
C PRO E 103 -5.54 14.25 26.47
N PRO E 104 -5.08 14.33 25.21
CA PRO E 104 -5.66 15.26 24.25
C PRO E 104 -7.18 15.11 24.22
N GLY E 105 -7.87 16.24 24.04
CA GLY E 105 -9.32 16.33 24.11
C GLY E 105 -9.79 16.92 25.43
N THR E 106 -9.02 16.72 26.51
CA THR E 106 -9.30 17.39 27.77
C THR E 106 -8.75 18.81 27.72
N ILE E 107 -9.22 19.66 28.62
CA ILE E 107 -8.72 21.01 28.69
C ILE E 107 -7.23 21.01 29.00
N ARG E 108 -6.81 20.29 30.02
CA ARG E 108 -5.41 20.33 30.39
C ARG E 108 -4.55 19.63 29.36
N GLY E 109 -5.09 18.57 28.76
CA GLY E 109 -4.37 17.84 27.71
C GLY E 109 -4.11 18.73 26.48
N ASP E 110 -5.05 19.60 26.15
CA ASP E 110 -4.96 20.44 24.96
C ASP E 110 -4.20 21.74 25.22
N PHE E 111 -4.26 22.26 26.45
CA PHE E 111 -3.83 23.65 26.68
C PHE E 111 -2.74 23.83 27.74
N CYS E 112 -2.27 22.80 28.47
CA CYS E 112 -1.27 23.02 29.52
C CYS E 112 -0.14 22.03 29.54
N ILE E 113 0.87 22.36 30.33
CA ILE E 113 2.10 21.60 30.39
C ILE E 113 2.37 21.12 31.81
N GLU E 114 2.19 21.97 32.81
CA GLU E 114 2.79 21.71 34.10
C GLU E 114 1.76 21.81 35.22
N VAL E 115 1.95 21.05 36.29
CA VAL E 115 0.94 20.87 37.33
C VAL E 115 0.64 22.20 38.05
N GLY E 116 1.63 23.07 38.17
CA GLY E 116 1.41 24.33 38.86
C GLY E 116 0.68 25.37 38.00
N LYS E 117 0.57 25.14 36.69
CA LYS E 117 -0.13 26.02 35.78
C LYS E 117 -1.11 25.20 34.95
N ASN E 118 -2.21 24.77 35.58
CA ASN E 118 -3.09 23.80 34.97
C ASN E 118 -4.50 24.35 34.79
N LEU E 119 -4.61 25.70 34.73
CA LEU E 119 -5.66 26.45 34.08
C LEU E 119 -6.95 26.58 34.87
N ILE E 120 -7.38 25.53 35.56
CA ILE E 120 -8.76 25.46 36.02
C ILE E 120 -8.83 24.56 37.25
N HIS E 121 -9.78 24.86 38.14
CA HIS E 121 -10.13 24.01 39.26
C HIS E 121 -11.56 23.52 39.06
N GLY E 122 -11.81 22.23 39.33
CA GLY E 122 -13.14 21.71 39.47
C GLY E 122 -13.31 20.91 40.76
N SER E 123 -14.50 20.97 41.36
CA SER E 123 -14.76 20.25 42.60
C SER E 123 -14.49 18.76 42.40
N ASP E 124 -14.00 18.07 43.41
CA ASP E 124 -13.65 16.67 43.23
C ASP E 124 -14.76 15.73 43.67
N SER E 125 -15.83 16.25 44.27
CA SER E 125 -16.96 15.43 44.68
C SER E 125 -18.18 16.32 44.91
N VAL E 126 -19.33 15.69 45.10
CA VAL E 126 -20.55 16.45 45.36
C VAL E 126 -20.42 17.24 46.66
N GLU E 127 -19.85 16.61 47.70
CA GLU E 127 -19.69 17.25 49.00
C GLU E 127 -18.72 18.43 48.91
N SER E 128 -17.57 18.27 48.25
CA SER E 128 -16.65 19.38 48.03
C SER E 128 -17.35 20.50 47.26
N ALA E 129 -18.15 20.13 46.26
CA ALA E 129 -18.83 21.13 45.45
C ALA E 129 -19.76 21.98 46.31
N ARG E 130 -20.55 21.35 47.16
CA ARG E 130 -21.43 22.09 48.06
C ARG E 130 -20.63 23.07 48.92
N ARG E 131 -19.52 22.62 49.48
CA ARG E 131 -18.70 23.47 50.33
C ARG E 131 -18.12 24.62 49.50
N GLU E 132 -17.60 24.33 48.31
CA GLU E 132 -16.90 25.30 47.49
C GLU E 132 -17.90 26.34 46.96
N ILE E 133 -19.08 25.90 46.56
CA ILE E 133 -20.09 26.84 46.10
C ILE E 133 -20.45 27.82 47.21
N ALA E 134 -20.65 27.33 48.43
CA ALA E 134 -21.05 28.19 49.55
C ALA E 134 -19.91 29.15 49.91
N LEU E 135 -18.67 28.66 49.77
CA LEU E 135 -17.53 29.47 50.12
C LEU E 135 -17.36 30.65 49.17
N TRP E 136 -17.59 30.44 47.86
CA TRP E 136 -17.28 31.46 46.87
C TRP E 136 -18.50 32.33 46.48
N PHE E 137 -19.71 31.83 46.67
CA PHE E 137 -20.90 32.52 46.17
C PHE E 137 -21.93 32.66 47.29
N ARG E 138 -22.61 33.80 47.29
CA ARG E 138 -23.87 33.95 48.00
C ARG E 138 -24.97 33.26 47.21
N ALA E 139 -25.99 32.82 47.95
CA ALA E 139 -27.10 32.09 47.35
C ALA E 139 -27.79 32.92 46.29
N ASP E 140 -27.82 34.26 46.44
CA ASP E 140 -28.54 35.07 45.47
C ASP E 140 -27.72 35.31 44.20
N GLU E 141 -26.49 34.76 44.11
CA GLU E 141 -25.73 34.85 42.87
C GLU E 141 -25.94 33.59 42.02
N LEU E 142 -26.67 32.59 42.54
CA LEU E 142 -26.96 31.37 41.79
C LEU E 142 -28.35 31.55 41.18
N LEU E 143 -28.45 31.52 39.85
CA LEU E 143 -29.68 31.83 39.17
C LEU E 143 -30.38 30.56 38.68
N CYS E 144 -31.70 30.55 38.86
CA CYS E 144 -32.56 29.54 38.26
C CYS E 144 -33.10 30.16 36.99
N TRP E 145 -32.91 29.48 35.87
CA TRP E 145 -33.55 29.89 34.64
C TRP E 145 -34.07 28.69 33.89
N GLU E 146 -35.11 28.92 33.08
CA GLU E 146 -35.74 27.83 32.35
C GLU E 146 -34.87 27.57 31.13
N ASP E 147 -34.33 26.37 31.02
CA ASP E 147 -33.37 26.04 29.96
C ASP E 147 -34.09 25.42 28.76
N SER E 148 -34.15 26.13 27.63
CA SER E 148 -34.84 25.63 26.45
C SER E 148 -34.16 24.39 25.79
N ALA E 149 -32.88 24.16 26.06
CA ALA E 149 -32.17 23.03 25.48
C ALA E 149 -32.42 21.76 26.29
N GLY E 150 -32.96 21.90 27.50
CA GLY E 150 -33.20 20.79 28.43
C GLY E 150 -33.94 19.61 27.79
N HIS E 151 -34.97 19.88 26.98
CA HIS E 151 -35.72 18.82 26.33
C HIS E 151 -34.83 17.96 25.43
N TRP E 152 -33.71 18.52 24.95
CA TRP E 152 -32.87 17.83 23.98
C TRP E 152 -31.58 17.29 24.60
N LEU E 153 -31.37 17.54 25.90
CA LEU E 153 -30.28 16.94 26.66
C LEU E 153 -30.74 15.82 27.59
N TYR E 154 -32.01 15.82 28.04
CA TYR E 154 -32.52 14.92 29.07
C TYR E 154 -33.79 14.21 28.61
N GLU E 155 -34.18 13.16 29.34
CA GLU E 155 -35.35 12.39 28.97
C GLU E 155 -36.59 13.02 29.64
N GLY F 5 -12.57 -3.72 1.92
CA GLY F 5 -11.50 -3.10 2.73
C GLY F 5 -11.78 -1.59 2.83
N ALA F 6 -11.24 -0.82 1.86
CA ALA F 6 -11.44 0.61 1.78
C ALA F 6 -12.85 0.97 1.29
N HIS F 7 -13.60 0.00 0.79
CA HIS F 7 -14.95 0.19 0.30
C HIS F 7 -15.99 -0.16 1.38
N GLU F 8 -15.55 -0.51 2.59
CA GLU F 8 -16.47 -0.72 3.71
C GLU F 8 -17.31 0.54 3.91
N ARG F 9 -18.57 0.35 4.30
CA ARG F 9 -19.51 1.42 4.54
C ARG F 9 -20.21 1.26 5.87
N THR F 10 -20.59 2.39 6.47
CA THR F 10 -21.39 2.37 7.69
C THR F 10 -22.57 3.32 7.51
N PHE F 11 -23.62 3.04 8.29
CA PHE F 11 -24.78 3.91 8.40
C PHE F 11 -24.65 4.76 9.67
N LEU F 12 -24.78 6.08 9.50
CA LEU F 12 -24.83 7.04 10.60
C LEU F 12 -26.09 7.87 10.48
N ALA F 13 -26.66 8.22 11.64
CA ALA F 13 -27.79 9.11 11.66
C ALA F 13 -27.64 10.12 12.78
N VAL F 14 -27.77 11.40 12.44
CA VAL F 14 -27.88 12.42 13.46
C VAL F 14 -29.32 12.34 13.98
N LYS F 15 -29.44 12.11 15.28
CA LYS F 15 -30.75 11.98 15.91
C LYS F 15 -31.37 13.36 16.09
N PRO F 16 -32.68 13.46 16.43
CA PRO F 16 -33.37 14.75 16.46
C PRO F 16 -32.76 15.79 17.37
N ASP F 17 -32.16 15.35 18.47
CA ASP F 17 -31.44 16.25 19.38
C ASP F 17 -30.27 16.91 18.67
N GLY F 18 -29.58 16.19 17.80
CA GLY F 18 -28.48 16.74 17.05
C GLY F 18 -28.93 17.85 16.10
N VAL F 19 -30.09 17.65 15.45
CA VAL F 19 -30.64 18.65 14.56
C VAL F 19 -31.08 19.87 15.37
N GLN F 20 -31.80 19.64 16.47
CA GLN F 20 -32.34 20.72 17.29
C GLN F 20 -31.23 21.55 17.91
N ARG F 21 -30.14 20.90 18.32
CA ARG F 21 -29.06 21.63 18.96
C ARG F 21 -28.07 22.15 17.93
N ARG F 22 -28.36 22.00 16.63
CA ARG F 22 -27.54 22.60 15.60
C ARG F 22 -26.14 22.03 15.55
N LEU F 23 -26.03 20.70 15.62
CA LEU F 23 -24.74 20.05 15.61
C LEU F 23 -24.53 19.20 14.36
N VAL F 24 -25.34 19.41 13.32
CA VAL F 24 -25.24 18.56 12.14
C VAL F 24 -23.92 18.82 11.43
N GLY F 25 -23.61 20.10 11.20
CA GLY F 25 -22.39 20.51 10.55
C GLY F 25 -21.16 20.06 11.30
N GLU F 26 -21.20 20.26 12.62
CA GLU F 26 -20.12 19.86 13.50
C GLU F 26 -19.86 18.36 13.36
N ILE F 27 -20.93 17.56 13.33
CA ILE F 27 -20.78 16.12 13.25
C ILE F 27 -20.22 15.76 11.87
N VAL F 28 -20.80 16.30 10.80
CA VAL F 28 -20.35 15.95 9.47
C VAL F 28 -18.86 16.30 9.32
N ARG F 29 -18.48 17.46 9.86
CA ARG F 29 -17.11 17.94 9.74
C ARG F 29 -16.14 16.97 10.37
N ARG F 30 -16.51 16.33 11.47
CA ARG F 30 -15.59 15.38 12.09
C ARG F 30 -15.33 14.15 11.21
N PHE F 31 -16.32 13.70 10.45
CA PHE F 31 -16.13 12.55 9.57
C PHE F 31 -15.37 13.00 8.32
N GLU F 32 -15.58 14.23 7.86
CA GLU F 32 -14.85 14.73 6.72
C GLU F 32 -13.38 14.85 7.05
N ARG F 33 -13.05 15.46 8.21
CA ARG F 33 -11.68 15.76 8.49
C ARG F 33 -10.92 14.45 8.78
N LYS F 34 -11.64 13.39 9.19
CA LYS F 34 -11.02 12.11 9.47
C LYS F 34 -10.59 11.42 8.17
N GLY F 35 -11.26 11.74 7.07
CA GLY F 35 -10.87 11.25 5.77
C GLY F 35 -11.92 10.36 5.10
N PHE F 36 -13.04 10.13 5.74
CA PHE F 36 -14.03 9.24 5.17
C PHE F 36 -14.78 9.92 4.03
N LYS F 37 -15.36 9.09 3.18
CA LYS F 37 -16.06 9.51 1.99
C LYS F 37 -17.57 9.46 2.20
N LEU F 38 -18.23 10.60 2.05
CA LEU F 38 -19.67 10.68 2.13
C LEU F 38 -20.30 10.11 0.86
N VAL F 39 -21.09 9.04 0.96
CA VAL F 39 -21.66 8.42 -0.23
C VAL F 39 -23.18 8.47 -0.24
N ALA F 40 -23.81 8.87 0.88
CA ALA F 40 -25.23 9.15 0.85
C ALA F 40 -25.59 10.06 2.02
N LEU F 41 -26.65 10.86 1.84
CA LEU F 41 -27.05 11.84 2.81
C LEU F 41 -28.49 12.27 2.53
N LYS F 42 -29.33 12.27 3.57
CA LYS F 42 -30.64 12.90 3.45
C LYS F 42 -31.22 13.23 4.82
N LEU F 43 -32.02 14.30 4.83
CA LEU F 43 -32.82 14.67 5.97
C LEU F 43 -34.18 14.03 5.78
N VAL F 44 -34.61 13.21 6.77
CA VAL F 44 -35.90 12.55 6.70
C VAL F 44 -36.57 12.59 8.07
N GLN F 45 -37.87 12.37 8.03
CA GLN F 45 -38.67 12.16 9.22
C GLN F 45 -39.04 10.68 9.23
N ALA F 46 -38.37 9.86 10.01
CA ALA F 46 -38.56 8.43 9.96
C ALA F 46 -39.85 8.06 10.66
N SER F 47 -40.57 7.10 10.06
CA SER F 47 -41.78 6.56 10.65
C SER F 47 -41.42 5.64 11.81
N GLU F 48 -42.40 5.48 12.72
CA GLU F 48 -42.27 4.54 13.82
C GLU F 48 -42.06 3.11 13.31
N GLU F 49 -42.71 2.76 12.22
CA GLU F 49 -42.58 1.43 11.62
C GLU F 49 -41.11 1.20 11.21
N LEU F 50 -40.49 2.19 10.55
CA LEU F 50 -39.11 2.03 10.10
C LEU F 50 -38.18 1.91 11.31
N LEU F 51 -38.41 2.76 12.31
CA LEU F 51 -37.58 2.77 13.50
C LEU F 51 -37.71 1.48 14.31
N ARG F 52 -38.91 0.90 14.36
CA ARG F 52 -39.09 -0.37 15.05
C ARG F 52 -38.22 -1.45 14.42
N GLU F 53 -38.13 -1.43 13.09
CA GLU F 53 -37.33 -2.37 12.34
C GLU F 53 -35.85 -2.03 12.52
N HIS F 54 -35.51 -0.74 12.48
CA HIS F 54 -34.13 -0.33 12.69
C HIS F 54 -33.59 -0.90 14.00
N TYR F 55 -34.40 -0.81 15.07
CA TYR F 55 -33.96 -1.20 16.40
C TYR F 55 -34.55 -2.56 16.82
N ALA F 56 -34.85 -3.41 15.83
CA ALA F 56 -35.49 -4.70 16.09
C ALA F 56 -34.80 -5.49 17.21
N GLU F 57 -33.46 -5.51 17.22
CA GLU F 57 -32.71 -6.31 18.17
C GLU F 57 -32.92 -5.82 19.60
N LEU F 58 -33.50 -4.64 19.79
CA LEU F 58 -33.70 -4.08 21.12
C LEU F 58 -35.17 -4.14 21.55
N ARG F 59 -36.00 -4.91 20.84
CA ARG F 59 -37.44 -4.97 21.11
C ARG F 59 -37.76 -5.34 22.57
N GLU F 60 -36.88 -6.14 23.22
CA GLU F 60 -37.15 -6.63 24.57
C GLU F 60 -36.73 -5.60 25.61
N ARG F 61 -35.91 -4.60 25.22
CA ARG F 61 -35.33 -3.70 26.19
C ARG F 61 -36.41 -2.77 26.73
N PRO F 62 -36.35 -2.35 28.01
CA PRO F 62 -37.37 -1.47 28.58
C PRO F 62 -37.52 -0.11 27.92
N PHE F 63 -36.45 0.41 27.30
CA PHE F 63 -36.47 1.74 26.71
C PHE F 63 -36.88 1.73 25.23
N TYR F 64 -37.18 0.54 24.66
CA TYR F 64 -37.41 0.42 23.23
C TYR F 64 -38.48 1.40 22.76
N GLY F 65 -39.65 1.37 23.43
CA GLY F 65 -40.80 2.19 23.09
C GLY F 65 -40.44 3.68 23.06
N ARG F 66 -39.76 4.17 24.11
CA ARG F 66 -39.47 5.60 24.15
C ARG F 66 -38.37 5.95 23.14
N LEU F 67 -37.47 5.00 22.86
CA LEU F 67 -36.42 5.23 21.88
C LEU F 67 -37.03 5.44 20.49
N VAL F 68 -37.97 4.57 20.12
CA VAL F 68 -38.68 4.67 18.86
C VAL F 68 -39.42 6.00 18.78
N LYS F 69 -40.19 6.34 19.82
CA LYS F 69 -41.03 7.52 19.81
C LYS F 69 -40.15 8.75 19.62
N TYR F 70 -39.03 8.75 20.34
CA TYR F 70 -38.13 9.89 20.33
C TYR F 70 -37.44 10.06 18.97
N MET F 71 -37.01 8.97 18.34
CA MET F 71 -36.32 9.04 17.06
C MET F 71 -37.26 9.46 15.95
N ALA F 72 -38.57 9.32 16.20
CA ALA F 72 -39.61 9.75 15.28
C ALA F 72 -40.10 11.16 15.61
N SER F 73 -39.60 11.79 16.66
CA SER F 73 -40.21 13.02 17.17
C SER F 73 -39.77 14.24 16.35
N GLY F 74 -38.76 14.09 15.50
CA GLY F 74 -38.23 15.17 14.71
C GLY F 74 -37.37 14.65 13.58
N PRO F 75 -36.82 15.53 12.72
CA PRO F 75 -35.97 15.10 11.62
C PRO F 75 -34.67 14.45 12.07
N VAL F 76 -34.23 13.50 11.26
CA VAL F 76 -32.94 12.89 11.41
C VAL F 76 -32.16 13.08 10.13
N VAL F 77 -30.83 13.11 10.27
CA VAL F 77 -29.98 13.16 9.11
C VAL F 77 -29.36 11.79 8.92
N ALA F 78 -29.78 11.09 7.88
CA ALA F 78 -29.28 9.77 7.55
C ALA F 78 -28.11 9.91 6.60
N MET F 79 -27.08 9.08 6.83
CA MET F 79 -25.82 9.18 6.12
C MET F 79 -25.22 7.80 5.89
N VAL F 80 -24.46 7.69 4.80
CA VAL F 80 -23.54 6.57 4.64
C VAL F 80 -22.14 7.12 4.39
N TRP F 81 -21.17 6.58 5.13
CA TRP F 81 -19.77 6.94 4.98
C TRP F 81 -18.96 5.71 4.59
N GLN F 82 -17.93 5.93 3.77
CA GLN F 82 -17.13 4.85 3.22
C GLN F 82 -15.65 5.06 3.55
N GLY F 83 -14.95 3.96 3.91
CA GLY F 83 -13.51 3.96 4.07
C GLY F 83 -13.04 2.76 4.89
N LEU F 84 -11.72 2.60 4.99
CA LEU F 84 -11.14 1.46 5.67
C LEU F 84 -11.53 1.53 7.14
N ASP F 85 -12.11 0.43 7.61
CA ASP F 85 -12.45 0.23 9.01
C ASP F 85 -13.46 1.28 9.49
N VAL F 86 -14.29 1.78 8.57
CA VAL F 86 -15.16 2.90 8.88
C VAL F 86 -16.18 2.54 9.97
N VAL F 87 -16.63 1.28 10.03
CA VAL F 87 -17.66 0.94 11.01
C VAL F 87 -17.10 1.09 12.43
N ARG F 88 -15.99 0.40 12.70
CA ARG F 88 -15.35 0.42 14.00
C ARG F 88 -14.84 1.82 14.35
N THR F 89 -14.20 2.50 13.40
CA THR F 89 -13.61 3.80 13.65
C THR F 89 -14.71 4.84 13.90
N SER F 90 -15.83 4.77 13.17
CA SER F 90 -16.95 5.66 13.44
C SER F 90 -17.45 5.50 14.86
N ARG F 91 -17.56 4.26 15.34
CA ARG F 91 -17.99 4.02 16.72
C ARG F 91 -17.01 4.67 17.71
N ALA F 92 -15.72 4.56 17.47
CA ALA F 92 -14.72 5.21 18.32
C ALA F 92 -14.87 6.74 18.29
N LEU F 93 -15.13 7.35 17.12
CA LEU F 93 -15.27 8.80 17.02
C LEU F 93 -16.51 9.27 17.77
N ILE F 94 -17.57 8.44 17.76
CA ILE F 94 -18.83 8.75 18.38
C ILE F 94 -18.68 8.63 19.89
N GLY F 95 -18.06 7.55 20.34
CA GLY F 95 -17.89 7.26 21.76
C GLY F 95 -19.03 6.37 22.32
N ALA F 96 -18.85 5.97 23.57
CA ALA F 96 -19.71 5.04 24.25
C ALA F 96 -21.15 5.49 24.21
N THR F 97 -22.05 4.50 24.23
CA THR F 97 -23.48 4.67 24.20
C THR F 97 -23.91 5.64 25.29
N ASN F 98 -23.42 5.39 26.49
CA ASN F 98 -23.66 6.28 27.60
C ASN F 98 -22.60 7.37 27.59
N PRO F 99 -22.97 8.65 27.33
CA PRO F 99 -22.00 9.74 27.24
C PRO F 99 -21.14 9.92 28.49
N ALA F 100 -21.63 9.49 29.64
CA ALA F 100 -20.84 9.55 30.85
C ALA F 100 -19.59 8.69 30.72
N ASP F 101 -19.61 7.66 29.87
CA ASP F 101 -18.44 6.81 29.66
C ASP F 101 -17.64 7.20 28.41
N ALA F 102 -18.07 8.22 27.66
CA ALA F 102 -17.38 8.60 26.43
C ALA F 102 -16.33 9.67 26.75
N PRO F 103 -15.06 9.45 26.46
CA PRO F 103 -14.04 10.46 26.77
C PRO F 103 -14.16 11.74 25.94
N PRO F 104 -13.71 12.87 26.50
CA PRO F 104 -13.57 14.10 25.73
C PRO F 104 -12.76 13.80 24.47
N GLY F 105 -13.10 14.47 23.36
CA GLY F 105 -12.56 14.21 22.04
C GLY F 105 -13.53 13.43 21.17
N THR F 106 -14.37 12.58 21.78
CA THR F 106 -15.44 11.90 21.05
C THR F 106 -16.62 12.85 20.91
N ILE F 107 -17.52 12.54 20.00
CA ILE F 107 -18.71 13.36 19.81
C ILE F 107 -19.54 13.36 21.09
N ARG F 108 -19.85 12.18 21.64
CA ARG F 108 -20.70 12.15 22.81
C ARG F 108 -19.98 12.70 24.03
N GLY F 109 -18.67 12.49 24.11
CA GLY F 109 -17.87 13.01 25.20
C GLY F 109 -17.83 14.54 25.19
N ASP F 110 -17.85 15.18 24.02
CA ASP F 110 -17.76 16.63 23.89
C ASP F 110 -19.13 17.29 23.98
N PHE F 111 -20.20 16.60 23.53
CA PHE F 111 -21.45 17.28 23.27
C PHE F 111 -22.67 16.74 24.03
N CYS F 112 -22.60 15.66 24.79
CA CYS F 112 -23.80 15.10 25.42
C CYS F 112 -23.63 14.69 26.87
N ILE F 113 -24.74 14.41 27.51
CA ILE F 113 -24.79 14.13 28.92
C ILE F 113 -25.42 12.77 29.19
N GLU F 114 -26.49 12.42 28.49
CA GLU F 114 -27.33 11.33 28.97
C GLU F 114 -27.62 10.36 27.82
N VAL F 115 -27.82 9.08 28.15
CA VAL F 115 -27.90 8.02 27.15
C VAL F 115 -29.10 8.18 26.23
N GLY F 116 -30.18 8.75 26.73
CA GLY F 116 -31.38 8.92 25.92
C GLY F 116 -31.29 10.11 24.96
N LYS F 117 -30.29 10.99 25.13
CA LYS F 117 -30.07 12.08 24.19
C LYS F 117 -28.60 12.09 23.78
N ASN F 118 -28.22 11.15 22.90
CA ASN F 118 -26.82 10.92 22.65
C ASN F 118 -26.44 11.15 21.20
N LEU F 119 -27.25 11.96 20.52
CA LEU F 119 -26.90 12.77 19.33
C LEU F 119 -26.88 12.00 18.01
N ILE F 120 -26.40 10.76 18.01
CA ILE F 120 -26.01 10.13 16.77
C ILE F 120 -26.10 8.62 16.94
N HIS F 121 -26.41 7.91 15.85
CA HIS F 121 -26.35 6.46 15.78
C HIS F 121 -25.29 6.10 14.75
N GLY F 122 -24.48 5.07 15.07
CA GLY F 122 -23.64 4.42 14.08
C GLY F 122 -23.81 2.91 14.14
N SER F 123 -23.71 2.26 12.99
CA SER F 123 -23.85 0.82 12.91
C SER F 123 -22.81 0.16 13.83
N ASP F 124 -23.17 -0.97 14.45
CA ASP F 124 -22.27 -1.57 15.41
C ASP F 124 -21.39 -2.66 14.78
N SER F 125 -21.65 -3.02 13.51
CA SER F 125 -20.83 -4.02 12.83
C SER F 125 -21.02 -3.89 11.33
N VAL F 126 -20.20 -4.62 10.57
CA VAL F 126 -20.34 -4.59 9.12
C VAL F 126 -21.71 -5.14 8.70
N GLU F 127 -22.16 -6.23 9.35
CA GLU F 127 -23.42 -6.86 9.03
C GLU F 127 -24.59 -5.92 9.37
N SER F 128 -24.57 -5.27 10.55
CA SER F 128 -25.61 -4.30 10.88
C SER F 128 -25.61 -3.16 9.88
N ALA F 129 -24.43 -2.72 9.46
CA ALA F 129 -24.32 -1.62 8.53
C ALA F 129 -25.00 -1.98 7.20
N ARG F 130 -24.73 -3.17 6.68
CA ARG F 130 -25.39 -3.63 5.46
C ARG F 130 -26.91 -3.59 5.61
N ARG F 131 -27.43 -4.09 6.74
CA ARG F 131 -28.86 -4.12 6.97
C ARG F 131 -29.41 -2.70 7.04
N GLU F 132 -28.71 -1.82 7.79
CA GLU F 132 -29.22 -0.49 8.07
C GLU F 132 -29.18 0.34 6.79
N ILE F 133 -28.11 0.20 6.00
CA ILE F 133 -28.03 0.93 4.74
C ILE F 133 -29.22 0.56 3.83
N ALA F 134 -29.52 -0.73 3.72
CA ALA F 134 -30.59 -1.19 2.83
C ALA F 134 -31.94 -0.72 3.36
N LEU F 135 -32.08 -0.66 4.68
CA LEU F 135 -33.33 -0.25 5.28
C LEU F 135 -33.61 1.22 5.01
N TRP F 136 -32.59 2.09 5.08
CA TRP F 136 -32.81 3.53 5.04
C TRP F 136 -32.66 4.13 3.64
N PHE F 137 -31.93 3.46 2.74
CA PHE F 137 -31.58 4.03 1.45
C PHE F 137 -31.90 3.04 0.35
N ARG F 138 -32.39 3.56 -0.77
CA ARG F 138 -32.39 2.83 -2.03
C ARG F 138 -30.98 2.83 -2.60
N ALA F 139 -30.70 1.83 -3.42
CA ALA F 139 -29.41 1.68 -4.06
C ALA F 139 -29.05 2.90 -4.89
N ASP F 140 -30.02 3.58 -5.50
CA ASP F 140 -29.71 4.73 -6.35
C ASP F 140 -29.43 6.00 -5.53
N GLU F 141 -29.53 5.93 -4.20
CA GLU F 141 -29.14 7.07 -3.37
C GLU F 141 -27.70 6.94 -2.90
N LEU F 142 -27.03 5.81 -3.20
CA LEU F 142 -25.65 5.61 -2.79
C LEU F 142 -24.78 5.96 -3.98
N LEU F 143 -23.91 6.96 -3.87
CA LEU F 143 -23.18 7.46 -5.03
C LEU F 143 -21.73 6.96 -5.02
N CYS F 144 -21.25 6.63 -6.21
CA CYS F 144 -19.85 6.43 -6.47
C CYS F 144 -19.32 7.74 -7.03
N TRP F 145 -18.28 8.28 -6.42
CA TRP F 145 -17.59 9.41 -7.03
C TRP F 145 -16.09 9.24 -6.83
N GLU F 146 -15.30 9.87 -7.70
CA GLU F 146 -13.85 9.70 -7.60
C GLU F 146 -13.34 10.67 -6.55
N ASP F 147 -12.76 10.17 -5.46
CA ASP F 147 -12.35 11.02 -4.35
C ASP F 147 -10.88 11.43 -4.52
N SER F 148 -10.63 12.70 -4.78
CA SER F 148 -9.28 13.22 -4.99
C SER F 148 -8.42 13.22 -3.71
N ALA F 149 -9.02 13.15 -2.52
CA ALA F 149 -8.26 13.13 -1.28
C ALA F 149 -7.74 11.73 -0.96
N GLY F 150 -8.29 10.71 -1.66
CA GLY F 150 -7.93 9.33 -1.45
C GLY F 150 -6.43 9.09 -1.57
N HIS F 151 -5.75 9.72 -2.52
CA HIS F 151 -4.31 9.58 -2.69
C HIS F 151 -3.55 9.89 -1.39
N TRP F 152 -4.13 10.76 -0.53
CA TRP F 152 -3.40 11.28 0.62
C TRP F 152 -3.90 10.65 1.92
N LEU F 153 -4.91 9.79 1.85
CA LEU F 153 -5.39 8.99 2.98
C LEU F 153 -4.98 7.51 2.90
N TYR F 154 -4.69 6.99 1.70
CA TYR F 154 -4.45 5.55 1.47
C TYR F 154 -3.12 5.33 0.76
N GLU F 155 -2.54 4.15 0.97
CA GLU F 155 -1.44 3.64 0.17
C GLU F 155 -1.89 3.46 -1.28
N GLY G 5 22.89 -30.09 15.52
CA GLY G 5 23.66 -29.17 14.64
C GLY G 5 23.14 -29.34 13.20
N ALA G 6 23.39 -30.54 12.65
CA ALA G 6 22.71 -31.06 11.47
C ALA G 6 21.27 -31.46 11.76
N HIS G 7 20.89 -31.51 13.03
CA HIS G 7 19.54 -31.88 13.45
C HIS G 7 18.69 -30.64 13.70
N GLU G 8 19.22 -29.43 13.47
CA GLU G 8 18.43 -28.21 13.58
C GLU G 8 17.22 -28.32 12.66
N ARG G 9 16.09 -27.74 13.11
CA ARG G 9 14.85 -27.77 12.35
C ARG G 9 14.23 -26.38 12.24
N THR G 10 13.51 -26.13 11.13
CA THR G 10 12.75 -24.91 10.98
C THR G 10 11.34 -25.24 10.57
N PHE G 11 10.43 -24.30 10.88
CA PHE G 11 9.05 -24.35 10.44
C PHE G 11 8.87 -23.44 9.22
N LEU G 12 8.33 -23.99 8.14
CA LEU G 12 7.99 -23.26 6.92
C LEU G 12 6.54 -23.51 6.60
N ALA G 13 5.88 -22.47 6.04
CA ALA G 13 4.52 -22.63 5.58
C ALA G 13 4.36 -21.93 4.25
N VAL G 14 3.77 -22.64 3.28
CA VAL G 14 3.31 -21.99 2.08
C VAL G 14 2.00 -21.30 2.42
N LYS G 15 1.97 -19.99 2.22
CA LYS G 15 0.79 -19.17 2.55
C LYS G 15 -0.28 -19.37 1.47
N PRO G 16 -1.52 -18.94 1.68
CA PRO G 16 -2.62 -19.26 0.77
C PRO G 16 -2.40 -18.87 -0.68
N ASP G 17 -1.68 -17.75 -0.88
CA ASP G 17 -1.34 -17.29 -2.22
C ASP G 17 -0.45 -18.32 -2.94
N GLY G 18 0.45 -18.97 -2.19
CA GLY G 18 1.29 -20.00 -2.76
C GLY G 18 0.51 -21.20 -3.27
N VAL G 19 -0.51 -21.60 -2.49
CA VAL G 19 -1.38 -22.71 -2.87
C VAL G 19 -2.19 -22.33 -4.09
N GLN G 20 -2.80 -21.13 -4.04
CA GLN G 20 -3.70 -20.68 -5.10
C GLN G 20 -2.92 -20.51 -6.41
N ARG G 21 -1.69 -20.04 -6.34
CA ARG G 21 -0.93 -19.81 -7.58
C ARG G 21 -0.19 -21.07 -8.01
N ARG G 22 -0.36 -22.19 -7.30
CA ARG G 22 0.22 -23.44 -7.73
C ARG G 22 1.75 -23.42 -7.66
N LEU G 23 2.28 -22.95 -6.54
CA LEU G 23 3.71 -22.89 -6.36
C LEU G 23 4.18 -23.81 -5.24
N VAL G 24 3.32 -24.76 -4.81
CA VAL G 24 3.71 -25.60 -3.68
C VAL G 24 4.88 -26.50 -4.09
N GLY G 25 4.75 -27.16 -5.23
CA GLY G 25 5.79 -28.09 -5.69
C GLY G 25 7.11 -27.35 -5.98
N GLU G 26 6.98 -26.19 -6.62
CA GLU G 26 8.13 -25.34 -6.87
C GLU G 26 8.87 -25.00 -5.58
N ILE G 27 8.13 -24.67 -4.53
CA ILE G 27 8.75 -24.30 -3.26
C ILE G 27 9.40 -25.53 -2.65
N VAL G 28 8.66 -26.64 -2.58
CA VAL G 28 9.22 -27.84 -1.97
C VAL G 28 10.48 -28.27 -2.71
N ARG G 29 10.46 -28.19 -4.02
CA ARG G 29 11.59 -28.59 -4.84
C ARG G 29 12.85 -27.78 -4.51
N ARG G 30 12.69 -26.50 -4.19
CA ARG G 30 13.87 -25.73 -3.86
C ARG G 30 14.54 -26.19 -2.56
N PHE G 31 13.75 -26.64 -1.58
CA PHE G 31 14.31 -27.11 -0.33
C PHE G 31 14.91 -28.50 -0.54
N GLU G 32 14.27 -29.31 -1.40
CA GLU G 32 14.81 -30.63 -1.68
C GLU G 32 16.15 -30.53 -2.37
N ARG G 33 16.25 -29.70 -3.41
CA ARG G 33 17.46 -29.66 -4.20
C ARG G 33 18.59 -29.03 -3.36
N LYS G 34 18.27 -28.26 -2.34
CA LYS G 34 19.28 -27.65 -1.48
C LYS G 34 19.92 -28.71 -0.58
N GLY G 35 19.16 -29.78 -0.29
CA GLY G 35 19.71 -30.89 0.48
C GLY G 35 19.02 -31.08 1.82
N PHE G 36 18.06 -30.24 2.18
CA PHE G 36 17.44 -30.36 3.48
C PHE G 36 16.47 -31.52 3.50
N LYS G 37 16.24 -32.00 4.73
CA LYS G 37 15.42 -33.19 4.96
C LYS G 37 14.02 -32.77 5.40
N LEU G 38 13.02 -33.21 4.65
CA LEU G 38 11.63 -32.99 4.99
C LEU G 38 11.22 -33.93 6.11
N VAL G 39 10.83 -33.39 7.27
CA VAL G 39 10.46 -34.24 8.40
C VAL G 39 9.01 -34.09 8.80
N ALA G 40 8.29 -33.11 8.25
CA ALA G 40 6.84 -33.04 8.44
C ALA G 40 6.20 -32.21 7.36
N LEU G 41 4.92 -32.49 7.07
CA LEU G 41 4.22 -31.84 5.97
C LEU G 41 2.73 -32.09 6.13
N LYS G 42 1.92 -31.02 6.03
CA LYS G 42 0.48 -31.17 5.87
C LYS G 42 -0.17 -29.90 5.32
N LEU G 43 -1.26 -30.11 4.61
CA LEU G 43 -2.13 -29.05 4.12
C LEU G 43 -3.24 -28.87 5.14
N VAL G 44 -3.39 -27.67 5.68
CA VAL G 44 -4.34 -27.37 6.73
C VAL G 44 -4.96 -25.99 6.50
N GLN G 45 -6.11 -25.80 7.14
CA GLN G 45 -6.78 -24.54 7.27
C GLN G 45 -6.56 -24.08 8.70
N ALA G 46 -5.65 -23.17 8.97
CA ALA G 46 -5.39 -22.72 10.32
C ALA G 46 -6.52 -21.81 10.82
N SER G 47 -6.88 -21.98 12.09
CA SER G 47 -7.82 -21.09 12.76
C SER G 47 -7.15 -19.74 13.03
N GLU G 48 -7.98 -18.70 13.13
CA GLU G 48 -7.52 -17.35 13.49
C GLU G 48 -6.86 -17.36 14.87
N GLU G 49 -7.35 -18.19 15.79
CA GLU G 49 -6.80 -18.29 17.13
C GLU G 49 -5.37 -18.82 17.03
N LEU G 50 -5.12 -19.84 16.22
CA LEU G 50 -3.77 -20.41 16.10
C LEU G 50 -2.84 -19.35 15.49
N LEU G 51 -3.33 -18.68 14.45
CA LEU G 51 -2.53 -17.68 13.76
C LEU G 51 -2.21 -16.49 14.66
N ARG G 52 -3.14 -16.08 15.53
CA ARG G 52 -2.88 -14.98 16.46
C ARG G 52 -1.71 -15.35 17.36
N GLU G 53 -1.64 -16.62 17.79
CA GLU G 53 -0.58 -17.11 18.64
C GLU G 53 0.70 -17.24 17.83
N HIS G 54 0.60 -17.74 16.60
CA HIS G 54 1.76 -17.86 15.74
C HIS G 54 2.46 -16.51 15.60
N TYR G 55 1.68 -15.44 15.40
CA TYR G 55 2.22 -14.11 15.15
C TYR G 55 2.14 -13.22 16.40
N ALA G 56 2.12 -13.82 17.60
CA ALA G 56 1.93 -13.09 18.84
C ALA G 56 2.88 -11.90 18.97
N GLU G 57 4.15 -12.06 18.59
CA GLU G 57 5.12 -10.98 18.79
C GLU G 57 4.80 -9.76 17.93
N LEU G 58 3.91 -9.91 16.96
CA LEU G 58 3.55 -8.84 16.04
C LEU G 58 2.17 -8.24 16.36
N ARG G 59 1.61 -8.54 17.53
CA ARG G 59 0.28 -8.08 17.92
C ARG G 59 0.12 -6.56 17.85
N GLU G 60 1.20 -5.82 18.09
CA GLU G 60 1.16 -4.36 18.16
C GLU G 60 1.27 -3.77 16.74
N ARG G 61 1.72 -4.57 15.77
CA ARG G 61 2.02 -4.03 14.46
C ARG G 61 0.73 -3.71 13.74
N PRO G 62 0.74 -2.68 12.87
CA PRO G 62 -0.45 -2.24 12.15
C PRO G 62 -1.11 -3.27 11.25
N PHE G 63 -0.32 -4.23 10.74
CA PHE G 63 -0.84 -5.19 9.78
C PHE G 63 -1.36 -6.47 10.46
N TYR G 64 -1.30 -6.54 11.82
CA TYR G 64 -1.51 -7.82 12.48
C TYR G 64 -2.86 -8.42 12.11
N GLY G 65 -3.91 -7.62 12.27
CA GLY G 65 -5.29 -8.04 12.02
C GLY G 65 -5.47 -8.60 10.61
N ARG G 66 -4.97 -7.87 9.60
CA ARG G 66 -5.17 -8.32 8.22
C ARG G 66 -4.29 -9.55 7.94
N LEU G 67 -3.11 -9.65 8.60
CA LEU G 67 -2.23 -10.77 8.38
C LEU G 67 -2.89 -12.06 8.88
N VAL G 68 -3.49 -12.00 10.07
CA VAL G 68 -4.20 -13.13 10.64
C VAL G 68 -5.36 -13.53 9.72
N LYS G 69 -6.19 -12.55 9.30
CA LYS G 69 -7.38 -12.84 8.53
C LYS G 69 -6.95 -13.52 7.23
N TYR G 70 -5.90 -12.99 6.63
CA TYR G 70 -5.46 -13.46 5.34
C TYR G 70 -4.91 -14.90 5.43
N MET G 71 -4.11 -15.19 6.46
CA MET G 71 -3.50 -16.50 6.62
C MET G 71 -4.54 -17.56 6.94
N ALA G 72 -5.72 -17.13 7.41
CA ALA G 72 -6.84 -18.01 7.68
C ALA G 72 -7.82 -18.04 6.51
N SER G 73 -7.56 -17.33 5.43
CA SER G 73 -8.54 -17.18 4.36
C SER G 73 -8.55 -18.41 3.43
N GLY G 74 -7.53 -19.27 3.53
CA GLY G 74 -7.36 -20.36 2.58
C GLY G 74 -6.39 -21.40 3.14
N PRO G 75 -6.21 -22.55 2.48
CA PRO G 75 -5.26 -23.55 2.93
C PRO G 75 -3.81 -23.09 2.89
N VAL G 76 -3.05 -23.60 3.85
CA VAL G 76 -1.62 -23.41 3.91
C VAL G 76 -0.96 -24.78 3.94
N VAL G 77 0.29 -24.84 3.45
CA VAL G 77 1.06 -26.05 3.56
C VAL G 77 2.10 -25.85 4.64
N ALA G 78 1.91 -26.52 5.77
CA ALA G 78 2.82 -26.47 6.89
C ALA G 78 3.89 -27.54 6.74
N MET G 79 5.13 -27.19 7.08
CA MET G 79 6.28 -28.05 6.83
C MET G 79 7.32 -27.90 7.95
N VAL G 80 8.07 -28.96 8.18
CA VAL G 80 9.29 -28.88 8.96
C VAL G 80 10.44 -29.46 8.15
N TRP G 81 11.54 -28.70 8.07
CA TRP G 81 12.75 -29.10 7.38
C TRP G 81 13.91 -29.16 8.34
N GLN G 82 14.83 -30.12 8.10
CA GLN G 82 15.95 -30.38 9.00
C GLN G 82 17.26 -30.29 8.25
N GLY G 83 18.27 -29.71 8.88
CA GLY G 83 19.64 -29.69 8.38
C GLY G 83 20.50 -28.62 9.02
N LEU G 84 21.80 -28.65 8.70
CA LEU G 84 22.74 -27.69 9.28
C LEU G 84 22.36 -26.30 8.87
N ASP G 85 22.17 -25.44 9.87
CA ASP G 85 21.92 -24.02 9.66
C ASP G 85 20.63 -23.79 8.87
N VAL G 86 19.66 -24.71 9.01
CA VAL G 86 18.48 -24.68 8.17
C VAL G 86 17.64 -23.43 8.42
N VAL G 87 17.62 -22.91 9.66
CA VAL G 87 16.77 -21.75 9.94
C VAL G 87 17.27 -20.53 9.15
N ARG G 88 18.54 -20.19 9.33
CA ARG G 88 19.16 -19.05 8.65
C ARG G 88 19.17 -19.24 7.13
N THR G 89 19.53 -20.45 6.66
CA THR G 89 19.63 -20.70 5.24
C THR G 89 18.27 -20.63 4.57
N SER G 90 17.23 -21.16 5.23
CA SER G 90 15.88 -21.06 4.71
C SER G 90 15.47 -19.61 4.52
N ARG G 91 15.79 -18.75 5.49
CA ARG G 91 15.46 -17.34 5.37
C ARG G 91 16.13 -16.72 4.15
N ALA G 92 17.41 -17.06 3.92
CA ALA G 92 18.10 -16.56 2.73
C ALA G 92 17.44 -17.09 1.43
N LEU G 93 16.98 -18.36 1.38
CA LEU G 93 16.36 -18.90 0.18
C LEU G 93 15.03 -18.19 -0.08
N ILE G 94 14.32 -17.82 0.98
CA ILE G 94 13.01 -17.19 0.90
C ILE G 94 13.17 -15.75 0.44
N GLY G 95 14.14 -15.04 1.05
CA GLY G 95 14.36 -13.63 0.73
C GLY G 95 13.61 -12.65 1.61
N ALA G 96 13.93 -11.38 1.44
CA ALA G 96 13.42 -10.26 2.22
C ALA G 96 11.88 -10.29 2.30
N THR G 97 11.40 -9.79 3.43
CA THR G 97 9.99 -9.71 3.74
C THR G 97 9.23 -9.01 2.62
N ASN G 98 9.76 -7.88 2.21
CA ASN G 98 9.22 -7.16 1.07
C ASN G 98 9.83 -7.72 -0.20
N PRO G 99 9.05 -8.39 -1.07
CA PRO G 99 9.59 -9.01 -2.29
C PRO G 99 10.30 -8.04 -3.23
N ALA G 100 9.94 -6.77 -3.18
CA ALA G 100 10.60 -5.79 -4.00
C ALA G 100 12.04 -5.63 -3.55
N ASP G 101 12.39 -5.98 -2.30
CA ASP G 101 13.78 -5.90 -1.85
C ASP G 101 14.50 -7.26 -1.95
N ALA G 102 13.81 -8.32 -2.40
CA ALA G 102 14.36 -9.66 -2.35
C ALA G 102 15.00 -9.93 -3.69
N PRO G 103 16.31 -10.26 -3.76
CA PRO G 103 16.96 -10.42 -5.06
C PRO G 103 16.41 -11.61 -5.84
N PRO G 104 16.50 -11.53 -7.20
CA PRO G 104 16.23 -12.68 -8.04
C PRO G 104 17.08 -13.87 -7.55
N GLY G 105 16.50 -15.06 -7.64
CA GLY G 105 17.11 -16.29 -7.13
C GLY G 105 16.43 -16.72 -5.82
N THR G 106 15.92 -15.77 -5.02
CA THR G 106 15.13 -16.10 -3.85
C THR G 106 13.69 -16.41 -4.28
N ILE G 107 12.95 -17.08 -3.40
CA ILE G 107 11.57 -17.38 -3.70
C ILE G 107 10.76 -16.09 -3.89
N ARG G 108 10.87 -15.17 -2.95
CA ARG G 108 10.05 -13.95 -3.06
C ARG G 108 10.54 -13.07 -4.21
N GLY G 109 11.87 -13.08 -4.44
CA GLY G 109 12.46 -12.34 -5.56
C GLY G 109 11.96 -12.83 -6.92
N ASP G 110 11.75 -14.13 -7.06
CA ASP G 110 11.39 -14.72 -8.33
C ASP G 110 9.86 -14.73 -8.52
N PHE G 111 9.09 -14.84 -7.44
CA PHE G 111 7.68 -15.19 -7.59
C PHE G 111 6.68 -14.19 -7.00
N CYS G 112 7.08 -13.11 -6.33
CA CYS G 112 6.13 -12.18 -5.75
C CYS G 112 6.43 -10.72 -5.96
N ILE G 113 5.45 -9.89 -5.60
CA ILE G 113 5.53 -8.48 -5.84
C ILE G 113 5.42 -7.69 -4.54
N GLU G 114 4.53 -8.05 -3.64
CA GLU G 114 4.13 -7.13 -2.58
C GLU G 114 4.13 -7.84 -1.23
N VAL G 115 4.37 -7.09 -0.15
CA VAL G 115 4.62 -7.63 1.17
C VAL G 115 3.42 -8.40 1.72
N GLY G 116 2.21 -8.01 1.32
CA GLY G 116 1.00 -8.66 1.79
C GLY G 116 0.76 -10.04 1.14
N LYS G 117 1.42 -10.30 0.01
CA LYS G 117 1.30 -11.58 -0.67
C LYS G 117 2.69 -12.12 -0.96
N ASN G 118 3.36 -12.65 0.06
CA ASN G 118 4.78 -12.96 -0.09
C ASN G 118 5.06 -14.45 0.11
N LEU G 119 4.03 -15.27 -0.10
CA LEU G 119 4.12 -16.69 -0.50
C LEU G 119 4.41 -17.68 0.61
N ILE G 120 5.29 -17.32 1.55
CA ILE G 120 5.85 -18.32 2.43
C ILE G 120 6.25 -17.66 3.74
N HIS G 121 6.18 -18.43 4.84
CA HIS G 121 6.70 -18.06 6.13
C HIS G 121 7.84 -19.01 6.47
N GLY G 122 8.93 -18.48 7.05
CA GLY G 122 9.94 -19.28 7.70
C GLY G 122 10.26 -18.74 9.07
N SER G 123 10.59 -19.63 9.98
CA SER G 123 10.94 -19.21 11.36
C SER G 123 12.13 -18.26 11.28
N ASP G 124 12.19 -17.30 12.17
CA ASP G 124 13.28 -16.30 12.07
C ASP G 124 14.45 -16.67 12.98
N SER G 125 14.33 -17.69 13.83
CA SER G 125 15.42 -18.13 14.68
C SER G 125 15.16 -19.54 15.17
N VAL G 126 16.15 -20.13 15.82
CA VAL G 126 16.04 -21.49 16.34
C VAL G 126 14.94 -21.54 17.41
N GLU G 127 14.90 -20.52 18.28
CA GLU G 127 13.91 -20.48 19.36
C GLU G 127 12.49 -20.29 18.77
N SER G 128 12.30 -19.40 17.81
CA SER G 128 11.00 -19.27 17.15
C SER G 128 10.61 -20.59 16.47
N ALA G 129 11.58 -21.26 15.86
CA ALA G 129 11.31 -22.51 15.15
C ALA G 129 10.76 -23.55 16.14
N ARG G 130 11.41 -23.69 17.29
CA ARG G 130 10.93 -24.63 18.30
C ARG G 130 9.49 -24.32 18.71
N ARG G 131 9.18 -23.04 18.93
CA ARG G 131 7.84 -22.67 19.34
C ARG G 131 6.85 -22.97 18.21
N GLU G 132 7.21 -22.61 16.97
CA GLU G 132 6.32 -22.74 15.83
C GLU G 132 6.05 -24.21 15.53
N ILE G 133 7.10 -25.03 15.58
CA ILE G 133 6.94 -26.45 15.33
C ILE G 133 5.95 -27.07 16.34
N ALA G 134 6.09 -26.74 17.62
CA ALA G 134 5.22 -27.29 18.64
C ALA G 134 3.78 -26.79 18.47
N LEU G 135 3.65 -25.54 18.02
CA LEU G 135 2.33 -24.96 17.86
C LEU G 135 1.57 -25.66 16.72
N TRP G 136 2.25 -25.99 15.61
CA TRP G 136 1.56 -26.46 14.41
C TRP G 136 1.50 -27.98 14.31
N PHE G 137 2.42 -28.70 14.97
CA PHE G 137 2.54 -30.14 14.77
C PHE G 137 2.57 -30.84 16.12
N ARG G 138 1.89 -31.98 16.16
CA ARG G 138 2.07 -32.96 17.22
C ARG G 138 3.35 -33.74 16.96
N ALA G 139 3.92 -34.26 18.03
CA ALA G 139 5.19 -34.97 18.00
C ALA G 139 5.13 -36.17 17.05
N ASP G 140 3.99 -36.83 16.92
CA ASP G 140 3.90 -38.00 16.05
C ASP G 140 3.78 -37.61 14.56
N GLU G 141 3.77 -36.32 14.23
CA GLU G 141 3.78 -35.91 12.84
C GLU G 141 5.21 -35.59 12.39
N LEU G 142 6.18 -35.60 13.31
CA LEU G 142 7.57 -35.34 12.95
C LEU G 142 8.28 -36.67 12.76
N LEU G 143 8.78 -36.95 11.56
CA LEU G 143 9.32 -38.28 11.26
C LEU G 143 10.85 -38.27 11.26
N CYS G 144 11.44 -39.31 11.81
CA CYS G 144 12.86 -39.59 11.71
C CYS G 144 12.99 -40.63 10.61
N TRP G 145 13.81 -40.33 9.61
CA TRP G 145 14.10 -41.34 8.61
C TRP G 145 15.56 -41.31 8.26
N GLU G 146 16.09 -42.46 7.84
CA GLU G 146 17.51 -42.57 7.51
C GLU G 146 17.68 -41.99 6.11
N ASP G 147 18.48 -40.93 6.00
CA ASP G 147 18.58 -40.17 4.76
C ASP G 147 19.75 -40.69 3.94
N SER G 148 19.48 -41.32 2.79
CA SER G 148 20.51 -41.89 1.94
C SER G 148 21.42 -40.83 1.28
N ALA G 149 20.98 -39.57 1.18
CA ALA G 149 21.78 -38.52 0.57
C ALA G 149 22.79 -37.95 1.57
N GLY G 150 22.60 -38.24 2.86
CA GLY G 150 23.36 -37.63 3.95
C GLY G 150 24.88 -37.70 3.76
N HIS G 151 25.39 -38.85 3.32
CA HIS G 151 26.82 -39.04 3.13
C HIS G 151 27.36 -38.03 2.11
N TRP G 152 26.52 -37.51 1.21
CA TRP G 152 26.99 -36.66 0.12
C TRP G 152 26.65 -35.18 0.36
N LEU G 153 25.94 -34.89 1.44
CA LEU G 153 25.68 -33.50 1.87
C LEU G 153 26.55 -33.08 3.08
N TYR G 154 27.01 -34.03 3.91
CA TYR G 154 27.69 -33.75 5.18
C TYR G 154 29.03 -34.47 5.25
N GLU G 155 29.98 -33.89 5.99
CA GLU G 155 31.30 -34.47 6.19
C GLU G 155 31.30 -35.24 7.51
N GLY H 5 -0.29 3.04 -8.30
CA GLY H 5 0.99 2.43 -7.95
C GLY H 5 1.06 1.06 -8.64
N ALA H 6 -0.01 0.27 -8.53
CA ALA H 6 -0.11 -1.05 -9.13
C ALA H 6 -0.34 -0.98 -10.64
N HIS H 7 -0.66 0.22 -11.14
CA HIS H 7 -0.93 0.42 -12.57
C HIS H 7 0.32 0.96 -13.26
N GLU H 8 1.45 1.12 -12.54
CA GLU H 8 2.71 1.48 -13.16
C GLU H 8 3.03 0.47 -14.29
N ARG H 9 3.64 0.99 -15.35
CA ARG H 9 4.00 0.21 -16.52
C ARG H 9 5.45 0.44 -16.90
N THR H 10 6.10 -0.57 -17.49
CA THR H 10 7.44 -0.42 -18.02
C THR H 10 7.46 -0.99 -19.44
N PHE H 11 8.45 -0.50 -20.20
CA PHE H 11 8.75 -0.99 -21.52
C PHE H 11 9.94 -1.95 -21.44
N LEU H 12 9.76 -3.16 -21.97
CA LEU H 12 10.82 -4.15 -22.12
C LEU H 12 10.92 -4.56 -23.57
N ALA H 13 12.15 -4.84 -24.03
CA ALA H 13 12.34 -5.37 -25.35
C ALA H 13 13.37 -6.49 -25.30
N VAL H 14 13.03 -7.65 -25.88
CA VAL H 14 14.04 -8.66 -26.14
C VAL H 14 14.82 -8.19 -27.34
N LYS H 15 16.13 -8.03 -27.16
CA LYS H 15 17.01 -7.62 -28.24
C LYS H 15 17.25 -8.78 -29.23
N PRO H 16 17.82 -8.52 -30.42
CA PRO H 16 17.92 -9.56 -31.45
C PRO H 16 18.68 -10.81 -31.03
N ASP H 17 19.67 -10.66 -30.14
CA ASP H 17 20.41 -11.80 -29.59
C ASP H 17 19.47 -12.71 -28.82
N GLY H 18 18.50 -12.14 -28.10
CA GLY H 18 17.54 -12.94 -27.36
C GLY H 18 16.66 -13.77 -28.28
N VAL H 19 16.25 -13.20 -29.41
CA VAL H 19 15.45 -13.93 -30.39
C VAL H 19 16.28 -15.03 -31.02
N GLN H 20 17.50 -14.69 -31.45
CA GLN H 20 18.37 -15.63 -32.16
C GLN H 20 18.75 -16.80 -31.26
N ARG H 21 18.96 -16.53 -29.96
CA ARG H 21 19.39 -17.59 -29.06
C ARG H 21 18.19 -18.30 -28.46
N ARG H 22 16.97 -17.96 -28.89
CA ARG H 22 15.80 -18.69 -28.47
C ARG H 22 15.51 -18.52 -26.99
N LEU H 23 15.60 -17.30 -26.49
CA LEU H 23 15.38 -17.03 -25.08
C LEU H 23 14.13 -16.17 -24.87
N VAL H 24 13.25 -16.06 -25.87
CA VAL H 24 12.11 -15.17 -25.75
C VAL H 24 11.16 -15.74 -24.67
N GLY H 25 10.84 -17.04 -24.81
CA GLY H 25 9.95 -17.69 -23.86
C GLY H 25 10.50 -17.68 -22.43
N GLU H 26 11.79 -17.96 -22.33
CA GLU H 26 12.49 -17.94 -21.05
C GLU H 26 12.35 -16.59 -20.39
N ILE H 27 12.52 -15.52 -21.16
CA ILE H 27 12.45 -14.17 -20.59
C ILE H 27 11.01 -13.88 -20.21
N VAL H 28 10.06 -14.14 -21.12
CA VAL H 28 8.66 -13.86 -20.81
C VAL H 28 8.24 -14.61 -19.54
N ARG H 29 8.68 -15.86 -19.43
CA ARG H 29 8.31 -16.70 -18.31
C ARG H 29 8.77 -16.10 -16.98
N ARG H 30 9.92 -15.46 -16.96
CA ARG H 30 10.37 -14.89 -15.71
C ARG H 30 9.48 -13.72 -15.24
N PHE H 31 8.94 -12.94 -16.18
CA PHE H 31 8.06 -11.85 -15.81
C PHE H 31 6.69 -12.39 -15.43
N GLU H 32 6.26 -13.46 -16.10
CA GLU H 32 4.99 -14.07 -15.74
C GLU H 32 5.04 -14.64 -14.34
N ARG H 33 6.09 -15.41 -14.02
CA ARG H 33 6.11 -16.13 -12.78
C ARG H 33 6.26 -15.13 -11.62
N LYS H 34 6.83 -13.94 -11.89
CA LYS H 34 7.01 -12.93 -10.88
C LYS H 34 5.66 -12.31 -10.51
N GLY H 35 4.71 -12.31 -11.45
CA GLY H 35 3.37 -11.85 -11.15
C GLY H 35 2.94 -10.64 -11.96
N PHE H 36 3.80 -10.11 -12.82
CA PHE H 36 3.43 -8.93 -13.57
C PHE H 36 2.45 -9.23 -14.69
N LYS H 37 1.73 -8.20 -15.11
CA LYS H 37 0.69 -8.31 -16.11
C LYS H 37 1.20 -7.84 -17.47
N LEU H 38 1.13 -8.73 -18.45
CA LEU H 38 1.49 -8.40 -19.82
C LEU H 38 0.37 -7.58 -20.45
N VAL H 39 0.64 -6.35 -20.86
CA VAL H 39 -0.41 -5.51 -21.44
C VAL H 39 -0.13 -5.17 -22.90
N ALA H 40 1.08 -5.44 -23.40
CA ALA H 40 1.34 -5.27 -24.83
C ALA H 40 2.52 -6.11 -25.27
N LEU H 41 2.50 -6.54 -26.53
CA LEU H 41 3.49 -7.48 -27.04
C LEU H 41 3.46 -7.47 -28.55
N LYS H 42 4.65 -7.31 -29.17
CA LYS H 42 4.77 -7.53 -30.60
C LYS H 42 6.21 -7.79 -31.01
N LEU H 43 6.34 -8.60 -32.06
CA LEU H 43 7.62 -8.83 -32.71
C LEU H 43 7.74 -7.83 -33.85
N VAL H 44 8.78 -6.99 -33.86
CA VAL H 44 8.97 -5.97 -34.87
C VAL H 44 10.43 -5.87 -35.25
N GLN H 45 10.66 -5.24 -36.40
CA GLN H 45 11.96 -4.84 -36.87
C GLN H 45 12.04 -3.34 -36.71
N ALA H 46 12.76 -2.87 -35.70
CA ALA H 46 12.80 -1.44 -35.44
C ALA H 46 13.70 -0.73 -36.45
N SER H 47 13.26 0.45 -36.91
CA SER H 47 14.08 1.28 -37.77
C SER H 47 15.20 1.93 -36.95
N GLU H 48 16.29 2.28 -37.65
CA GLU H 48 17.40 3.01 -37.06
C GLU H 48 16.93 4.37 -36.52
N GLU H 49 15.98 5.01 -37.22
CA GLU H 49 15.45 6.29 -36.79
C GLU H 49 14.78 6.14 -35.42
N LEU H 50 13.97 5.09 -35.24
CA LEU H 50 13.27 4.90 -33.98
C LEU H 50 14.28 4.61 -32.87
N LEU H 51 15.26 3.76 -33.17
CA LEU H 51 16.26 3.38 -32.19
C LEU H 51 17.14 4.57 -31.79
N ARG H 52 17.45 5.47 -32.73
CA ARG H 52 18.24 6.65 -32.40
C ARG H 52 17.50 7.50 -31.36
N GLU H 53 16.18 7.58 -31.51
CA GLU H 53 15.33 8.35 -30.61
C GLU H 53 15.21 7.59 -29.29
N HIS H 54 15.03 6.26 -29.35
CA HIS H 54 14.96 5.46 -28.14
C HIS H 54 16.19 5.69 -27.27
N TYR H 55 17.38 5.73 -27.86
CA TYR H 55 18.62 5.84 -27.12
C TYR H 55 19.22 7.25 -27.20
N ALA H 56 18.35 8.27 -27.37
CA ALA H 56 18.81 9.65 -27.52
C ALA H 56 19.82 10.07 -26.44
N GLU H 57 19.60 9.68 -25.19
CA GLU H 57 20.45 10.12 -24.10
C GLU H 57 21.87 9.56 -24.24
N LEU H 58 22.09 8.58 -25.12
CA LEU H 58 23.40 7.96 -25.28
C LEU H 58 24.08 8.40 -26.57
N ARG H 59 23.58 9.46 -27.23
CA ARG H 59 24.11 9.88 -28.51
C ARG H 59 25.59 10.22 -28.47
N GLU H 60 26.12 10.67 -27.31
CA GLU H 60 27.50 11.09 -27.20
C GLU H 60 28.41 9.89 -26.93
N ARG H 61 27.84 8.75 -26.51
CA ARG H 61 28.66 7.64 -26.10
C ARG H 61 29.32 7.00 -27.32
N PRO H 62 30.55 6.45 -27.18
CA PRO H 62 31.26 5.85 -28.32
C PRO H 62 30.57 4.64 -28.95
N PHE H 63 29.73 3.91 -28.19
CA PHE H 63 29.10 2.72 -28.72
C PHE H 63 27.72 3.01 -29.33
N TYR H 64 27.27 4.27 -29.35
CA TYR H 64 25.93 4.60 -29.80
C TYR H 64 25.66 4.04 -31.18
N GLY H 65 26.54 4.34 -32.14
CA GLY H 65 26.40 3.91 -33.52
C GLY H 65 26.24 2.39 -33.65
N ARG H 66 27.10 1.61 -32.96
CA ARG H 66 27.00 0.16 -33.10
C ARG H 66 25.77 -0.36 -32.36
N LEU H 67 25.36 0.30 -31.28
CA LEU H 67 24.18 -0.10 -30.54
C LEU H 67 22.94 0.04 -31.43
N VAL H 68 22.82 1.15 -32.11
CA VAL H 68 21.71 1.40 -33.01
C VAL H 68 21.71 0.36 -34.14
N LYS H 69 22.86 0.16 -34.78
CA LYS H 69 22.96 -0.74 -35.93
C LYS H 69 22.55 -2.14 -35.51
N TYR H 70 23.02 -2.52 -34.33
CA TYR H 70 22.79 -3.86 -33.83
C TYR H 70 21.31 -4.10 -33.49
N MET H 71 20.67 -3.12 -32.85
CA MET H 71 19.28 -3.25 -32.43
C MET H 71 18.35 -3.26 -33.65
N ALA H 72 18.86 -2.77 -34.78
CA ALA H 72 18.14 -2.78 -36.04
C ALA H 72 18.51 -4.00 -36.89
N SER H 73 19.41 -4.85 -36.44
CA SER H 73 19.97 -5.90 -37.29
C SER H 73 19.03 -7.11 -37.39
N GLY H 74 18.01 -7.16 -36.53
CA GLY H 74 17.17 -8.33 -36.42
C GLY H 74 15.88 -8.00 -35.68
N PRO H 75 14.93 -8.94 -35.59
CA PRO H 75 13.71 -8.71 -34.84
C PRO H 75 13.93 -8.54 -33.34
N VAL H 76 13.08 -7.69 -32.77
CA VAL H 76 13.01 -7.49 -31.35
C VAL H 76 11.59 -7.79 -30.92
N VAL H 77 11.46 -8.21 -29.64
CA VAL H 77 10.16 -8.42 -29.07
C VAL H 77 9.89 -7.26 -28.11
N ALA H 78 8.97 -6.38 -28.49
CA ALA H 78 8.62 -5.22 -27.70
C ALA H 78 7.45 -5.59 -26.79
N MET H 79 7.51 -5.11 -25.53
CA MET H 79 6.57 -5.53 -24.50
C MET H 79 6.26 -4.38 -23.56
N VAL H 80 5.06 -4.40 -22.98
CA VAL H 80 4.74 -3.57 -21.84
C VAL H 80 4.21 -4.46 -20.73
N TRP H 81 4.76 -4.26 -19.51
CA TRP H 81 4.38 -5.01 -18.32
C TRP H 81 3.86 -4.05 -17.27
N GLN H 82 2.86 -4.48 -16.50
CA GLN H 82 2.20 -3.66 -15.50
C GLN H 82 2.26 -4.31 -14.12
N GLY H 83 2.50 -3.48 -13.08
CA GLY H 83 2.41 -3.89 -11.70
C GLY H 83 3.15 -2.95 -10.76
N LEU H 84 3.00 -3.19 -9.44
CA LEU H 84 3.59 -2.33 -8.43
C LEU H 84 5.10 -2.38 -8.58
N ASP H 85 5.69 -1.19 -8.72
CA ASP H 85 7.14 -1.01 -8.75
C ASP H 85 7.77 -1.80 -9.92
N VAL H 86 7.01 -1.95 -11.02
CA VAL H 86 7.44 -2.82 -12.10
C VAL H 86 8.71 -2.29 -12.77
N VAL H 87 8.90 -0.96 -12.81
CA VAL H 87 10.05 -0.42 -13.51
C VAL H 87 11.32 -0.83 -12.78
N ARG H 88 11.41 -0.49 -11.49
CA ARG H 88 12.56 -0.80 -10.67
C ARG H 88 12.78 -2.32 -10.54
N THR H 89 11.71 -3.07 -10.30
CA THR H 89 11.80 -4.51 -10.08
C THR H 89 12.21 -5.22 -11.36
N SER H 90 11.71 -4.79 -12.52
CA SER H 90 12.15 -5.35 -13.78
C SER H 90 13.66 -5.16 -13.96
N ARG H 91 14.17 -3.98 -13.64
CA ARG H 91 15.61 -3.74 -13.73
C ARG H 91 16.39 -4.70 -12.85
N ALA H 92 15.91 -4.94 -11.63
CA ALA H 92 16.59 -5.90 -10.75
C ALA H 92 16.53 -7.32 -11.35
N LEU H 93 15.41 -7.74 -11.95
CA LEU H 93 15.31 -9.08 -12.53
C LEU H 93 16.25 -9.22 -13.72
N ILE H 94 16.45 -8.14 -14.47
CA ILE H 94 17.27 -8.12 -15.67
C ILE H 94 18.74 -8.16 -15.25
N GLY H 95 19.10 -7.33 -14.27
CA GLY H 95 20.46 -7.21 -13.81
C GLY H 95 21.23 -6.08 -14.48
N ALA H 96 22.44 -5.85 -13.95
CA ALA H 96 23.32 -4.78 -14.39
C ALA H 96 23.55 -4.83 -15.90
N THR H 97 23.76 -3.63 -16.44
CA THR H 97 24.01 -3.39 -17.85
C THR H 97 25.11 -4.30 -18.36
N ASN H 98 26.22 -4.31 -17.62
CA ASN H 98 27.31 -5.19 -17.92
C ASN H 98 27.06 -6.54 -17.26
N PRO H 99 26.82 -7.63 -18.01
CA PRO H 99 26.54 -8.95 -17.45
C PRO H 99 27.60 -9.47 -16.49
N ALA H 100 28.83 -9.02 -16.64
CA ALA H 100 29.88 -9.40 -15.71
C ALA H 100 29.54 -8.91 -14.30
N ASP H 101 28.77 -7.82 -14.17
CA ASP H 101 28.37 -7.32 -12.86
C ASP H 101 26.99 -7.83 -12.42
N ALA H 102 26.29 -8.61 -13.24
CA ALA H 102 24.93 -9.03 -12.91
C ALA H 102 25.00 -10.37 -12.19
N PRO H 103 24.48 -10.50 -10.96
CA PRO H 103 24.60 -11.77 -10.23
C PRO H 103 23.77 -12.89 -10.86
N PRO H 104 24.18 -14.13 -10.63
CA PRO H 104 23.35 -15.29 -10.97
C PRO H 104 21.97 -15.10 -10.34
N GLY H 105 20.94 -15.55 -11.08
CA GLY H 105 19.55 -15.34 -10.71
C GLY H 105 18.90 -14.25 -11.56
N THR H 106 19.69 -13.27 -12.02
CA THR H 106 19.20 -12.28 -12.97
C THR H 106 19.25 -12.84 -14.37
N ILE H 107 18.52 -12.21 -15.29
CA ILE H 107 18.53 -12.64 -16.68
C ILE H 107 19.94 -12.52 -17.25
N ARG H 108 20.57 -11.35 -17.09
CA ARG H 108 21.88 -11.17 -17.70
C ARG H 108 22.93 -12.02 -16.97
N GLY H 109 22.76 -12.18 -15.65
CA GLY H 109 23.66 -13.01 -14.86
C GLY H 109 23.63 -14.49 -15.29
N ASP H 110 22.45 -14.99 -15.68
CA ASP H 110 22.27 -16.39 -16.02
C ASP H 110 22.57 -16.63 -17.51
N PHE H 111 22.35 -15.64 -18.40
CA PHE H 111 22.31 -15.92 -19.82
C PHE H 111 23.30 -15.15 -20.70
N CYS H 112 24.07 -14.19 -20.18
CA CYS H 112 24.92 -13.38 -21.04
C CYS H 112 26.32 -13.16 -20.51
N ILE H 113 27.16 -12.64 -21.37
CA ILE H 113 28.58 -12.51 -21.08
C ILE H 113 29.01 -11.06 -21.21
N GLU H 114 28.56 -10.38 -22.26
CA GLU H 114 29.20 -9.13 -22.65
C GLU H 114 28.16 -8.02 -22.80
N VAL H 115 28.56 -6.78 -22.53
CA VAL H 115 27.65 -5.64 -22.46
C VAL H 115 26.97 -5.37 -23.81
N GLY H 116 27.66 -5.66 -24.92
CA GLY H 116 27.07 -5.41 -26.22
C GLY H 116 26.06 -6.48 -26.65
N LYS H 117 26.01 -7.62 -25.95
CA LYS H 117 25.01 -8.64 -26.21
C LYS H 117 24.31 -9.03 -24.93
N ASN H 118 23.43 -8.16 -24.42
CA ASN H 118 22.92 -8.32 -23.08
C ASN H 118 21.40 -8.50 -23.06
N LEU H 119 20.85 -8.96 -24.19
CA LEU H 119 19.60 -9.73 -24.30
C LEU H 119 18.32 -8.92 -24.27
N ILE H 120 18.27 -7.87 -23.44
CA ILE H 120 17.01 -7.26 -23.11
C ILE H 120 17.23 -5.81 -22.72
N HIS H 121 16.23 -4.95 -23.00
CA HIS H 121 16.19 -3.59 -22.52
C HIS H 121 15.01 -3.46 -21.56
N GLY H 122 15.21 -2.76 -20.45
CA GLY H 122 14.10 -2.29 -19.63
C GLY H 122 14.20 -0.80 -19.32
N SER H 123 13.06 -0.10 -19.24
CA SER H 123 13.05 1.31 -18.92
C SER H 123 13.76 1.55 -17.60
N ASP H 124 14.47 2.67 -17.47
CA ASP H 124 15.27 2.89 -16.27
C ASP H 124 14.54 3.73 -15.24
N SER H 125 13.37 4.27 -15.57
CA SER H 125 12.57 5.05 -14.63
C SER H 125 11.13 5.14 -15.14
N VAL H 126 10.26 5.67 -14.28
CA VAL H 126 8.87 5.83 -14.65
C VAL H 126 8.75 6.80 -15.85
N GLU H 127 9.52 7.89 -15.83
CA GLU H 127 9.47 8.88 -16.89
C GLU H 127 9.99 8.29 -18.20
N SER H 128 11.11 7.56 -18.18
CA SER H 128 11.61 6.89 -19.38
C SER H 128 10.57 5.90 -19.91
N ALA H 129 9.90 5.19 -18.99
CA ALA H 129 8.92 4.20 -19.38
C ALA H 129 7.79 4.86 -20.15
N ARG H 130 7.27 5.96 -19.62
CA ARG H 130 6.21 6.70 -20.31
C ARG H 130 6.63 7.09 -21.72
N ARG H 131 7.85 7.62 -21.86
CA ARG H 131 8.34 8.03 -23.15
C ARG H 131 8.48 6.83 -24.08
N GLU H 132 9.07 5.74 -23.57
CA GLU H 132 9.39 4.58 -24.38
C GLU H 132 8.10 3.88 -24.81
N ILE H 133 7.12 3.78 -23.91
CA ILE H 133 5.85 3.16 -24.27
C ILE H 133 5.18 3.92 -25.42
N ALA H 134 5.17 5.24 -25.34
CA ALA H 134 4.51 6.05 -26.36
C ALA H 134 5.27 5.95 -27.68
N LEU H 135 6.60 5.82 -27.58
CA LEU H 135 7.43 5.76 -28.77
C LEU H 135 7.18 4.46 -29.53
N TRP H 136 7.04 3.34 -28.83
CA TRP H 136 7.00 2.04 -29.48
C TRP H 136 5.59 1.53 -29.78
N PHE H 137 4.59 2.02 -29.03
CA PHE H 137 3.24 1.45 -29.13
C PHE H 137 2.24 2.57 -29.33
N ARG H 138 1.21 2.29 -30.13
CA ARG H 138 -0.02 3.05 -30.12
C ARG H 138 -0.83 2.64 -28.90
N ALA H 139 -1.68 3.56 -28.45
CA ALA H 139 -2.49 3.39 -27.27
C ALA H 139 -3.40 2.17 -27.43
N ASP H 140 -3.86 1.85 -28.64
CA ASP H 140 -4.79 0.74 -28.81
C ASP H 140 -4.06 -0.61 -28.83
N GLU H 141 -2.74 -0.63 -28.69
CA GLU H 141 -2.02 -1.89 -28.55
C GLU H 141 -1.81 -2.23 -27.08
N LEU H 142 -2.18 -1.33 -26.15
CA LEU H 142 -2.05 -1.59 -24.73
C LEU H 142 -3.42 -2.05 -24.25
N LEU H 143 -3.51 -3.27 -23.72
CA LEU H 143 -4.80 -3.85 -23.37
C LEU H 143 -5.05 -3.79 -21.87
N CYS H 144 -6.30 -3.49 -21.53
CA CYS H 144 -6.83 -3.69 -20.21
C CYS H 144 -7.52 -5.05 -20.24
N TRP H 145 -7.13 -5.90 -19.32
CA TRP H 145 -7.87 -7.13 -19.10
C TRP H 145 -7.96 -7.35 -17.60
N GLU H 146 -9.00 -8.10 -17.20
CA GLU H 146 -9.22 -8.34 -15.79
C GLU H 146 -8.29 -9.50 -15.39
N ASP H 147 -7.35 -9.25 -14.48
CA ASP H 147 -6.30 -10.20 -14.16
C ASP H 147 -6.72 -11.06 -12.98
N SER H 148 -6.97 -12.37 -13.23
CA SER H 148 -7.49 -13.23 -12.18
C SER H 148 -6.45 -13.54 -11.11
N ALA H 149 -5.15 -13.36 -11.42
CA ALA H 149 -4.10 -13.65 -10.44
C ALA H 149 -3.91 -12.50 -9.46
N GLY H 150 -4.46 -11.33 -9.81
CA GLY H 150 -4.31 -10.10 -9.04
C GLY H 150 -4.75 -10.25 -7.61
N HIS H 151 -5.83 -11.00 -7.33
CA HIS H 151 -6.31 -11.21 -5.98
C HIS H 151 -5.22 -11.85 -5.11
N TRP H 152 -4.29 -12.61 -5.73
CA TRP H 152 -3.31 -13.39 -4.98
C TRP H 152 -1.92 -12.78 -5.03
N LEU H 153 -1.77 -11.68 -5.76
CA LEU H 153 -0.52 -10.91 -5.82
C LEU H 153 -0.59 -9.60 -5.04
N TYR H 154 -1.80 -9.06 -4.81
CA TYR H 154 -2.00 -7.75 -4.16
C TYR H 154 -2.93 -7.88 -2.96
N GLU H 155 -2.67 -7.10 -1.91
CA GLU H 155 -3.55 -7.06 -0.75
C GLU H 155 -4.88 -6.38 -1.18
N GLY I 5 40.20 -10.87 -24.72
CA GLY I 5 40.32 -11.93 -23.71
C GLY I 5 39.17 -12.91 -23.80
N ALA I 6 38.58 -13.08 -24.99
CA ALA I 6 37.50 -14.04 -25.22
C ALA I 6 38.01 -15.47 -25.26
N HIS I 7 39.35 -15.65 -25.36
CA HIS I 7 39.96 -16.98 -25.38
C HIS I 7 40.40 -17.42 -23.99
N GLU I 8 40.16 -16.61 -22.95
CA GLU I 8 40.44 -17.01 -21.59
C GLU I 8 39.73 -18.35 -21.28
N ARG I 9 40.40 -19.18 -20.47
CA ARG I 9 39.87 -20.50 -20.12
C ARG I 9 39.94 -20.72 -18.62
N THR I 10 39.00 -21.54 -18.09
CA THR I 10 39.07 -21.93 -16.70
C THR I 10 38.88 -23.44 -16.59
N PHE I 11 39.39 -23.99 -15.49
CA PHE I 11 39.20 -25.38 -15.12
C PHE I 11 38.07 -25.49 -14.10
N LEU I 12 37.09 -26.35 -14.38
CA LEU I 12 36.01 -26.68 -13.47
C LEU I 12 35.98 -28.20 -13.29
N ALA I 13 35.66 -28.62 -12.07
CA ALA I 13 35.46 -30.03 -11.82
C ALA I 13 34.23 -30.25 -10.96
N VAL I 14 33.33 -31.11 -11.41
CA VAL I 14 32.26 -31.59 -10.56
C VAL I 14 32.88 -32.60 -9.61
N LYS I 15 32.76 -32.33 -8.31
CA LYS I 15 33.30 -33.19 -7.27
C LYS I 15 32.41 -34.41 -7.09
N PRO I 16 32.86 -35.45 -6.36
CA PRO I 16 32.13 -36.73 -6.32
C PRO I 16 30.69 -36.61 -5.85
N ASP I 17 30.43 -35.66 -4.94
CA ASP I 17 29.09 -35.40 -4.46
C ASP I 17 28.17 -34.94 -5.60
N GLY I 18 28.70 -34.15 -6.52
CA GLY I 18 27.93 -33.72 -7.68
C GLY I 18 27.51 -34.90 -8.58
N VAL I 19 28.42 -35.85 -8.78
CA VAL I 19 28.12 -37.04 -9.56
C VAL I 19 27.10 -37.90 -8.82
N GLN I 20 27.34 -38.14 -7.52
CA GLN I 20 26.46 -39.00 -6.72
C GLN I 20 25.06 -38.44 -6.63
N ARG I 21 24.94 -37.11 -6.53
CA ARG I 21 23.62 -36.50 -6.38
C ARG I 21 23.01 -36.21 -7.75
N ARG I 22 23.66 -36.62 -8.84
CA ARG I 22 23.08 -36.49 -10.17
C ARG I 22 22.89 -35.03 -10.60
N LEU I 23 23.89 -34.20 -10.36
CA LEU I 23 23.79 -32.80 -10.68
C LEU I 23 24.75 -32.40 -11.83
N VAL I 24 25.28 -33.38 -12.57
CA VAL I 24 26.25 -33.09 -13.60
C VAL I 24 25.59 -32.28 -14.71
N GLY I 25 24.46 -32.77 -15.22
CA GLY I 25 23.77 -32.08 -16.31
C GLY I 25 23.27 -30.71 -15.88
N GLU I 26 22.75 -30.60 -14.65
CA GLU I 26 22.33 -29.31 -14.10
C GLU I 26 23.48 -28.32 -14.14
N ILE I 27 24.67 -28.76 -13.71
CA ILE I 27 25.80 -27.86 -13.65
C ILE I 27 26.24 -27.49 -15.07
N VAL I 28 26.37 -28.49 -15.95
CA VAL I 28 26.83 -28.21 -17.30
C VAL I 28 25.85 -27.23 -17.99
N ARG I 29 24.56 -27.44 -17.77
CA ARG I 29 23.54 -26.63 -18.39
C ARG I 29 23.67 -25.15 -17.97
N ARG I 30 24.08 -24.89 -16.74
CA ARG I 30 24.23 -23.51 -16.32
C ARG I 30 25.34 -22.79 -17.07
N PHE I 31 26.43 -23.50 -17.39
CA PHE I 31 27.53 -22.88 -18.12
C PHE I 31 27.14 -22.74 -19.60
N GLU I 32 26.39 -23.72 -20.12
CA GLU I 32 25.93 -23.62 -21.50
C GLU I 32 24.99 -22.43 -21.68
N ARG I 33 24.01 -22.29 -20.81
CA ARG I 33 22.98 -21.26 -21.01
C ARG I 33 23.61 -19.87 -20.80
N LYS I 34 24.73 -19.79 -20.05
CA LYS I 34 25.40 -18.52 -19.83
C LYS I 34 26.10 -18.06 -21.11
N GLY I 35 26.50 -19.03 -21.96
CA GLY I 35 27.10 -18.69 -23.23
C GLY I 35 28.56 -19.14 -23.36
N PHE I 36 29.13 -19.74 -22.33
CA PHE I 36 30.51 -20.15 -22.42
C PHE I 36 30.66 -21.39 -23.32
N LYS I 37 31.89 -21.53 -23.81
CA LYS I 37 32.21 -22.58 -24.78
C LYS I 37 32.93 -23.72 -24.08
N LEU I 38 32.34 -24.92 -24.18
CA LEU I 38 32.95 -26.13 -23.64
C LEU I 38 34.09 -26.58 -24.52
N VAL I 39 35.31 -26.62 -23.99
CA VAL I 39 36.45 -27.00 -24.83
C VAL I 39 37.10 -28.30 -24.35
N ALA I 40 36.75 -28.80 -23.15
CA ALA I 40 37.24 -30.12 -22.76
C ALA I 40 36.33 -30.68 -21.67
N LEU I 41 36.28 -32.01 -21.60
CA LEU I 41 35.38 -32.70 -20.69
C LEU I 41 35.82 -34.14 -20.56
N LYS I 42 35.96 -34.63 -19.32
CA LYS I 42 36.06 -36.06 -19.10
C LYS I 42 35.66 -36.44 -17.67
N LEU I 43 35.15 -37.66 -17.56
CA LEU I 43 34.93 -38.32 -16.29
C LEU I 43 36.17 -39.09 -15.91
N VAL I 44 36.76 -38.81 -14.75
CA VAL I 44 37.97 -39.48 -14.30
C VAL I 44 37.88 -39.78 -12.81
N GLN I 45 38.73 -40.72 -12.42
CA GLN I 45 38.99 -41.03 -11.04
C GLN I 45 40.39 -40.49 -10.74
N ALA I 46 40.48 -39.37 -10.05
CA ALA I 46 41.76 -38.71 -9.89
C ALA I 46 42.60 -39.42 -8.83
N SER I 47 43.90 -39.56 -9.11
CA SER I 47 44.81 -40.19 -8.17
C SER I 47 45.12 -39.21 -7.04
N GLU I 48 45.50 -39.78 -5.88
CA GLU I 48 45.91 -38.98 -4.74
C GLU I 48 47.12 -38.12 -5.08
N GLU I 49 48.04 -38.65 -5.91
CA GLU I 49 49.23 -37.92 -6.32
C GLU I 49 48.82 -36.66 -7.08
N LEU I 50 47.87 -36.78 -8.01
CA LEU I 50 47.46 -35.63 -8.80
C LEU I 50 46.79 -34.59 -7.90
N LEU I 51 45.91 -35.10 -7.01
CA LEU I 51 45.17 -34.21 -6.13
C LEU I 51 46.08 -33.50 -5.15
N ARG I 52 47.17 -34.16 -4.67
CA ARG I 52 48.10 -33.51 -3.78
C ARG I 52 48.74 -32.31 -4.45
N GLU I 53 49.04 -32.45 -5.73
CA GLU I 53 49.63 -31.38 -6.52
C GLU I 53 48.57 -30.33 -6.83
N HIS I 54 47.35 -30.76 -7.17
CA HIS I 54 46.25 -29.82 -7.41
C HIS I 54 46.10 -28.87 -6.24
N TYR I 55 46.12 -29.42 -5.01
CA TYR I 55 45.86 -28.65 -3.80
C TYR I 55 47.13 -28.34 -3.02
N ALA I 56 48.27 -28.25 -3.74
CA ALA I 56 49.57 -28.03 -3.11
C ALA I 56 49.56 -26.88 -2.10
N GLU I 57 48.91 -25.76 -2.44
CA GLU I 57 48.95 -24.59 -1.59
C GLU I 57 48.27 -24.83 -0.24
N LEU I 58 47.51 -25.93 -0.12
CA LEU I 58 46.75 -26.20 1.09
C LEU I 58 47.40 -27.32 1.91
N ARG I 59 48.65 -27.71 1.59
CA ARG I 59 49.29 -28.84 2.26
C ARG I 59 49.35 -28.68 3.77
N GLU I 60 49.45 -27.45 4.28
CA GLU I 60 49.62 -27.23 5.71
C GLU I 60 48.26 -27.18 6.41
N ARG I 61 47.17 -27.05 5.65
CA ARG I 61 45.86 -26.90 6.28
C ARG I 61 45.44 -28.21 6.95
N PRO I 62 44.70 -28.15 8.08
CA PRO I 62 44.25 -29.36 8.76
C PRO I 62 43.36 -30.30 7.95
N PHE I 63 42.61 -29.75 6.98
CA PHE I 63 41.67 -30.57 6.22
C PHE I 63 42.30 -31.12 4.93
N TYR I 64 43.58 -30.83 4.65
CA TYR I 64 44.22 -31.26 3.41
C TYR I 64 44.03 -32.75 3.18
N GLY I 65 44.40 -33.56 4.16
CA GLY I 65 44.32 -35.01 4.07
C GLY I 65 42.92 -35.50 3.72
N ARG I 66 41.88 -34.99 4.40
CA ARG I 66 40.54 -35.47 4.14
C ARG I 66 40.05 -34.93 2.78
N LEU I 67 40.51 -33.73 2.37
CA LEU I 67 40.12 -33.16 1.10
C LEU I 67 40.65 -34.03 -0.03
N VAL I 68 41.91 -34.43 0.04
CA VAL I 68 42.52 -35.30 -0.94
C VAL I 68 41.79 -36.63 -1.00
N LYS I 69 41.57 -37.25 0.16
CA LYS I 69 40.95 -38.58 0.23
C LYS I 69 39.57 -38.51 -0.40
N TYR I 70 38.84 -37.46 -0.09
CA TYR I 70 37.48 -37.31 -0.55
C TYR I 70 37.40 -37.12 -2.06
N MET I 71 38.29 -36.27 -2.61
CA MET I 71 38.30 -35.98 -4.04
C MET I 71 38.75 -37.20 -4.85
N ALA I 72 39.42 -38.14 -4.18
CA ALA I 72 39.84 -39.40 -4.78
C ALA I 72 38.83 -40.52 -4.53
N SER I 73 37.76 -40.26 -3.78
CA SER I 73 36.90 -41.33 -3.31
C SER I 73 35.90 -41.77 -4.38
N GLY I 74 35.76 -40.98 -5.45
CA GLY I 74 34.71 -41.22 -6.42
C GLY I 74 35.02 -40.48 -7.72
N PRO I 75 34.24 -40.68 -8.78
CA PRO I 75 34.47 -39.99 -10.03
C PRO I 75 34.22 -38.50 -9.94
N VAL I 76 35.01 -37.77 -10.73
CA VAL I 76 34.94 -36.34 -10.90
C VAL I 76 34.72 -36.08 -12.38
N VAL I 77 34.06 -34.97 -12.68
CA VAL I 77 33.90 -34.54 -14.04
C VAL I 77 34.79 -33.32 -14.23
N ALA I 78 35.88 -33.50 -14.98
CA ALA I 78 36.82 -32.42 -15.27
C ALA I 78 36.39 -31.72 -16.55
N MET I 79 36.52 -30.40 -16.55
CA MET I 79 36.01 -29.56 -17.64
C MET I 79 36.92 -28.35 -17.87
N VAL I 80 36.94 -27.88 -19.11
CA VAL I 80 37.47 -26.57 -19.41
C VAL I 80 36.42 -25.78 -20.19
N TRP I 81 36.20 -24.53 -19.74
CA TRP I 81 35.28 -23.62 -20.40
C TRP I 81 36.02 -22.37 -20.85
N GLN I 82 35.58 -21.81 -21.98
CA GLN I 82 36.24 -20.69 -22.60
C GLN I 82 35.26 -19.53 -22.79
N GLY I 83 35.75 -18.29 -22.55
CA GLY I 83 35.01 -17.08 -22.87
C GLY I 83 35.54 -15.87 -22.10
N LEU I 84 35.01 -14.68 -22.42
CA LEU I 84 35.47 -13.45 -21.81
C LEU I 84 35.19 -13.53 -20.32
N ASP I 85 36.23 -13.28 -19.52
CA ASP I 85 36.15 -13.19 -18.07
C ASP I 85 35.63 -14.51 -17.46
N VAL I 86 35.90 -15.63 -18.13
CA VAL I 86 35.27 -16.89 -17.71
C VAL I 86 35.75 -17.33 -16.31
N VAL I 87 36.99 -16.99 -15.93
CA VAL I 87 37.47 -17.46 -14.65
C VAL I 87 36.66 -16.82 -13.51
N ARG I 88 36.63 -15.48 -13.51
CA ARG I 88 35.94 -14.72 -12.50
C ARG I 88 34.42 -14.97 -12.53
N THR I 89 33.84 -14.99 -13.73
CA THR I 89 32.41 -15.19 -13.87
C THR I 89 32.01 -16.60 -13.44
N SER I 90 32.81 -17.62 -13.75
CA SER I 90 32.53 -18.97 -13.29
C SER I 90 32.52 -19.03 -11.75
N ARG I 91 33.45 -18.35 -11.11
CA ARG I 91 33.44 -18.30 -9.65
C ARG I 91 32.13 -17.67 -9.12
N ALA I 92 31.67 -16.60 -9.75
CA ALA I 92 30.40 -15.98 -9.36
C ALA I 92 29.22 -16.94 -9.57
N LEU I 93 29.20 -17.71 -10.68
CA LEU I 93 28.10 -18.64 -10.94
C LEU I 93 28.08 -19.76 -9.89
N ILE I 94 29.28 -20.16 -9.45
CA ILE I 94 29.44 -21.25 -8.50
C ILE I 94 29.03 -20.78 -7.11
N GLY I 95 29.50 -19.60 -6.74
CA GLY I 95 29.26 -19.04 -5.42
C GLY I 95 30.36 -19.33 -4.42
N ALA I 96 30.26 -18.68 -3.26
CA ALA I 96 31.26 -18.75 -2.21
C ALA I 96 31.59 -20.20 -1.84
N THR I 97 32.83 -20.39 -1.41
CA THR I 97 33.39 -21.65 -1.02
C THR I 97 32.50 -22.34 -0.01
N ASN I 98 32.11 -21.60 1.00
CA ASN I 98 31.19 -22.09 1.99
C ASN I 98 29.77 -21.82 1.51
N PRO I 99 28.97 -22.87 1.16
CA PRO I 99 27.62 -22.69 0.64
C PRO I 99 26.71 -21.87 1.54
N ALA I 100 26.99 -21.82 2.84
CA ALA I 100 26.22 -20.99 3.74
C ALA I 100 26.33 -19.53 3.34
N ASP I 101 27.44 -19.13 2.70
CA ASP I 101 27.63 -17.75 2.28
C ASP I 101 27.28 -17.53 0.80
N ALA I 102 26.85 -18.58 0.07
CA ALA I 102 26.57 -18.44 -1.35
C ALA I 102 25.11 -18.10 -1.54
N PRO I 103 24.75 -16.99 -2.18
CA PRO I 103 23.34 -16.63 -2.33
C PRO I 103 22.59 -17.58 -3.27
N PRO I 104 21.27 -17.69 -3.08
CA PRO I 104 20.42 -18.38 -4.05
C PRO I 104 20.66 -17.80 -5.44
N GLY I 105 20.59 -18.68 -6.43
CA GLY I 105 20.89 -18.37 -7.82
C GLY I 105 22.26 -18.92 -8.23
N THR I 106 23.19 -19.02 -7.27
CA THR I 106 24.46 -19.68 -7.50
C THR I 106 24.29 -21.18 -7.39
N ILE I 107 25.23 -21.94 -7.92
CA ILE I 107 25.18 -23.39 -7.82
C ILE I 107 25.21 -23.83 -6.35
N ARG I 108 26.17 -23.33 -5.58
CA ARG I 108 26.27 -23.79 -4.20
C ARG I 108 25.12 -23.24 -3.37
N GLY I 109 24.67 -22.03 -3.70
CA GLY I 109 23.52 -21.43 -3.02
C GLY I 109 22.24 -22.21 -3.21
N ASP I 110 22.05 -22.80 -4.40
CA ASP I 110 20.85 -23.54 -4.73
C ASP I 110 20.93 -25.00 -4.28
N PHE I 111 22.13 -25.60 -4.28
CA PHE I 111 22.23 -27.05 -4.21
C PHE I 111 23.03 -27.63 -3.04
N CYS I 112 23.70 -26.84 -2.20
CA CYS I 112 24.55 -27.42 -1.15
C CYS I 112 24.41 -26.75 0.20
N ILE I 113 24.97 -27.42 1.21
CA ILE I 113 24.85 -27.01 2.58
C ILE I 113 26.20 -26.71 3.21
N GLU I 114 27.19 -27.54 2.97
CA GLU I 114 28.37 -27.55 3.82
C GLU I 114 29.64 -27.46 2.97
N VAL I 115 30.69 -26.85 3.50
CA VAL I 115 31.89 -26.51 2.74
C VAL I 115 32.62 -27.78 2.28
N GLY I 116 32.53 -28.87 3.04
CA GLY I 116 33.19 -30.10 2.62
C GLY I 116 32.44 -30.86 1.53
N LYS I 117 31.17 -30.50 1.28
CA LYS I 117 30.42 -31.10 0.18
C LYS I 117 29.83 -29.99 -0.68
N ASN I 118 30.68 -29.34 -1.49
CA ASN I 118 30.26 -28.10 -2.15
C ASN I 118 30.32 -28.21 -3.66
N LEU I 119 30.21 -29.46 -4.15
CA LEU I 119 29.78 -29.86 -5.49
C LEU I 119 30.82 -29.69 -6.58
N ILE I 120 31.59 -28.63 -6.58
CA ILE I 120 32.29 -28.19 -7.76
C ILE I 120 33.53 -27.40 -7.35
N HIS I 121 34.58 -27.44 -8.17
CA HIS I 121 35.75 -26.59 -8.05
C HIS I 121 35.82 -25.74 -9.31
N GLY I 122 36.17 -24.47 -9.15
CA GLY I 122 36.59 -23.62 -10.25
C GLY I 122 37.90 -22.92 -9.94
N SER I 123 38.72 -22.72 -10.99
CA SER I 123 40.00 -22.03 -10.81
C SER I 123 39.76 -20.67 -10.18
N ASP I 124 40.67 -20.23 -9.30
CA ASP I 124 40.40 -18.97 -8.60
C ASP I 124 41.02 -17.77 -9.32
N SER I 125 41.84 -18.00 -10.35
CA SER I 125 42.46 -16.93 -11.11
C SER I 125 42.93 -17.49 -12.45
N VAL I 126 43.36 -16.58 -13.32
CA VAL I 126 43.86 -16.98 -14.63
C VAL I 126 45.12 -17.84 -14.47
N GLU I 127 46.01 -17.47 -13.54
CA GLU I 127 47.25 -18.21 -13.31
C GLU I 127 46.94 -19.63 -12.78
N SER I 128 46.04 -19.75 -11.79
CA SER I 128 45.64 -21.06 -11.31
C SER I 128 45.02 -21.88 -12.43
N ALA I 129 44.24 -21.23 -13.28
CA ALA I 129 43.56 -21.92 -14.35
C ALA I 129 44.57 -22.54 -15.30
N ARG I 130 45.58 -21.77 -15.70
CA ARG I 130 46.64 -22.29 -16.57
C ARG I 130 47.30 -23.52 -15.95
N ARG I 131 47.63 -23.45 -14.66
CA ARG I 131 48.28 -24.57 -14.01
C ARG I 131 47.35 -25.78 -13.95
N GLU I 132 46.08 -25.53 -13.58
CA GLU I 132 45.12 -26.61 -13.36
C GLU I 132 44.79 -27.29 -14.69
N ILE I 133 44.62 -26.49 -15.76
CA ILE I 133 44.34 -27.07 -17.06
C ILE I 133 45.47 -28.01 -17.50
N ALA I 134 46.72 -27.57 -17.33
CA ALA I 134 47.86 -28.37 -17.77
C ALA I 134 47.98 -29.63 -16.91
N LEU I 135 47.63 -29.50 -15.63
CA LEU I 135 47.74 -30.64 -14.73
C LEU I 135 46.72 -31.72 -15.09
N TRP I 136 45.50 -31.35 -15.45
CA TRP I 136 44.42 -32.33 -15.59
C TRP I 136 44.23 -32.79 -17.05
N PHE I 137 44.67 -32.01 -18.03
CA PHE I 137 44.40 -32.31 -19.43
C PHE I 137 45.69 -32.28 -20.23
N ARG I 138 45.79 -33.20 -21.18
CA ARG I 138 46.74 -33.10 -22.28
C ARG I 138 46.21 -32.08 -23.28
N ALA I 139 47.14 -31.49 -24.03
CA ALA I 139 46.83 -30.48 -25.01
C ALA I 139 45.85 -31.01 -26.05
N ASP I 140 45.92 -32.30 -26.41
CA ASP I 140 45.05 -32.83 -27.46
C ASP I 140 43.64 -33.13 -26.94
N GLU I 141 43.37 -32.88 -25.65
CA GLU I 141 42.01 -33.00 -25.15
C GLU I 141 41.29 -31.65 -25.16
N LEU I 142 41.99 -30.57 -25.50
CA LEU I 142 41.38 -29.24 -25.54
C LEU I 142 41.03 -28.96 -26.99
N LEU I 143 39.75 -28.77 -27.30
CA LEU I 143 39.32 -28.64 -28.69
C LEU I 143 39.04 -27.18 -29.05
N CYS I 144 39.48 -26.76 -30.23
CA CYS I 144 39.03 -25.50 -30.81
C CYS I 144 37.94 -25.87 -31.81
N TRP I 145 36.77 -25.27 -31.68
CA TRP I 145 35.72 -25.46 -32.65
C TRP I 145 35.05 -24.12 -32.96
N GLU I 146 34.43 -24.05 -34.14
CA GLU I 146 33.83 -22.82 -34.61
C GLU I 146 32.48 -22.67 -33.92
N ASP I 147 32.30 -21.63 -33.11
CA ASP I 147 31.14 -21.53 -32.24
C ASP I 147 30.09 -20.67 -32.94
N SER I 148 28.97 -21.25 -33.36
CA SER I 148 27.93 -20.52 -34.10
C SER I 148 27.16 -19.53 -33.23
N ALA I 149 27.20 -19.69 -31.89
CA ALA I 149 26.51 -18.75 -31.00
C ALA I 149 27.34 -17.48 -30.77
N GLY I 150 28.62 -17.54 -31.12
CA GLY I 150 29.59 -16.47 -30.85
C GLY I 150 29.13 -15.11 -31.36
N HIS I 151 28.54 -15.05 -32.56
CA HIS I 151 28.07 -13.81 -33.15
C HIS I 151 27.04 -13.14 -32.23
N TRP I 152 26.32 -13.92 -31.39
CA TRP I 152 25.21 -13.40 -30.61
C TRP I 152 25.59 -13.23 -29.13
N LEU I 153 26.80 -13.63 -28.74
CA LEU I 153 27.34 -13.39 -27.41
C LEU I 153 28.40 -12.28 -27.36
N TYR I 154 29.07 -11.97 -28.49
CA TYR I 154 30.21 -11.05 -28.54
C TYR I 154 29.97 -9.97 -29.62
N GLU I 155 30.57 -8.80 -29.42
CA GLU I 155 30.60 -7.79 -30.48
C GLU I 155 31.54 -8.30 -31.59
N MET J 3 -23.30 -34.14 -10.05
CA MET J 3 -23.53 -32.67 -10.21
C MET J 3 -22.75 -32.08 -11.40
N THR J 4 -21.41 -32.30 -11.41
CA THR J 4 -20.48 -31.71 -12.36
C THR J 4 -19.35 -32.71 -12.77
N GLY J 5 -18.96 -33.73 -11.94
CA GLY J 5 -17.87 -34.66 -12.25
C GLY J 5 -16.45 -34.09 -11.98
N ALA J 6 -16.43 -32.75 -11.83
CA ALA J 6 -15.23 -31.99 -11.48
C ALA J 6 -14.84 -32.19 -10.03
N HIS J 7 -15.71 -32.79 -9.21
CA HIS J 7 -15.43 -33.07 -7.81
C HIS J 7 -14.87 -34.47 -7.60
N GLU J 8 -14.63 -35.23 -8.66
CA GLU J 8 -13.97 -36.53 -8.54
C GLU J 8 -12.63 -36.35 -7.84
N ARG J 9 -12.24 -37.33 -7.03
CA ARG J 9 -10.99 -37.30 -6.29
C ARG J 9 -10.21 -38.59 -6.46
N THR J 10 -8.87 -38.48 -6.40
CA THR J 10 -8.02 -39.66 -6.39
C THR J 10 -7.05 -39.57 -5.23
N PHE J 11 -6.58 -40.76 -4.83
CA PHE J 11 -5.50 -40.87 -3.85
C PHE J 11 -4.18 -41.10 -4.56
N LEU J 12 -3.18 -40.29 -4.25
CA LEU J 12 -1.80 -40.47 -4.72
C LEU J 12 -0.87 -40.55 -3.51
N ALA J 13 0.17 -41.38 -3.64
CA ALA J 13 1.21 -41.40 -2.63
C ALA J 13 2.57 -41.47 -3.28
N VAL J 14 3.46 -40.56 -2.85
CA VAL J 14 4.86 -40.67 -3.21
C VAL J 14 5.43 -41.76 -2.32
N LYS J 15 5.99 -42.80 -2.96
CA LYS J 15 6.56 -43.93 -2.25
C LYS J 15 7.93 -43.53 -1.69
N PRO J 16 8.54 -44.34 -0.80
CA PRO J 16 9.73 -43.95 -0.09
C PRO J 16 10.91 -43.59 -1.00
N ASP J 17 11.00 -44.25 -2.16
CA ASP J 17 12.02 -43.93 -3.15
C ASP J 17 11.85 -42.50 -3.65
N GLY J 18 10.61 -42.05 -3.82
CA GLY J 18 10.38 -40.68 -4.26
C GLY J 18 10.85 -39.65 -3.24
N VAL J 19 10.64 -39.94 -1.96
CA VAL J 19 11.11 -39.05 -0.89
C VAL J 19 12.64 -39.06 -0.84
N GLN J 20 13.22 -40.26 -0.87
CA GLN J 20 14.68 -40.42 -0.77
C GLN J 20 15.40 -39.77 -1.95
N ARG J 21 14.81 -39.85 -3.14
CA ARG J 21 15.47 -39.28 -4.30
C ARG J 21 15.06 -37.82 -4.50
N ARG J 22 14.30 -37.24 -3.56
CA ARG J 22 14.02 -35.82 -3.61
C ARG J 22 13.15 -35.43 -4.78
N LEU J 23 12.10 -36.22 -5.05
CA LEU J 23 11.25 -35.94 -6.20
C LEU J 23 9.84 -35.54 -5.76
N VAL J 24 9.65 -35.18 -4.48
CA VAL J 24 8.34 -34.80 -3.98
C VAL J 24 7.84 -33.55 -4.68
N GLY J 25 8.68 -32.50 -4.70
CA GLY J 25 8.30 -31.24 -5.34
C GLY J 25 8.02 -31.40 -6.83
N GLU J 26 8.89 -32.16 -7.49
CA GLU J 26 8.75 -32.46 -8.90
C GLU J 26 7.41 -33.10 -9.17
N ILE J 27 7.04 -34.08 -8.35
CA ILE J 27 5.79 -34.79 -8.56
C ILE J 27 4.62 -33.85 -8.30
N VAL J 28 4.65 -33.14 -7.18
CA VAL J 28 3.53 -32.26 -6.87
C VAL J 28 3.36 -31.22 -7.97
N ARG J 29 4.47 -30.71 -8.49
CA ARG J 29 4.44 -29.69 -9.51
C ARG J 29 3.76 -30.17 -10.79
N ARG J 30 3.93 -31.44 -11.12
CA ARG J 30 3.24 -31.93 -12.30
C ARG J 30 1.73 -31.94 -12.17
N PHE J 31 1.20 -32.23 -10.99
CA PHE J 31 -0.24 -32.23 -10.78
C PHE J 31 -0.75 -30.80 -10.68
N GLU J 32 0.07 -29.91 -10.11
CA GLU J 32 -0.34 -28.51 -10.04
C GLU J 32 -0.44 -27.92 -11.43
N ARG J 33 0.58 -28.12 -12.26
CA ARG J 33 0.63 -27.44 -13.55
C ARG J 33 -0.45 -28.02 -14.47
N LYS J 34 -0.90 -29.27 -14.21
CA LYS J 34 -1.93 -29.88 -15.00
C LYS J 34 -3.30 -29.24 -14.73
N GLY J 35 -3.45 -28.68 -13.51
CA GLY J 35 -4.65 -27.99 -13.16
C GLY J 35 -5.45 -28.62 -12.04
N PHE J 36 -5.04 -29.74 -11.51
CA PHE J 36 -5.84 -30.38 -10.46
C PHE J 36 -5.73 -29.63 -9.14
N LYS J 37 -6.71 -29.85 -8.29
CA LYS J 37 -6.82 -29.18 -7.02
C LYS J 37 -6.34 -30.11 -5.89
N LEU J 38 -5.31 -29.63 -5.14
CA LEU J 38 -4.83 -30.34 -3.98
C LEU J 38 -5.81 -30.15 -2.83
N VAL J 39 -6.39 -31.25 -2.33
CA VAL J 39 -7.33 -31.15 -1.24
C VAL J 39 -6.83 -31.81 0.03
N ALA J 40 -5.74 -32.60 -0.05
CA ALA J 40 -5.15 -33.14 1.17
C ALA J 40 -3.70 -33.52 0.90
N LEU J 41 -2.88 -33.45 1.96
CA LEU J 41 -1.46 -33.70 1.86
C LEU J 41 -0.91 -33.99 3.25
N LYS J 42 -0.15 -35.07 3.39
CA LYS J 42 0.68 -35.23 4.58
C LYS J 42 1.82 -36.22 4.35
N LEU J 43 2.90 -36.00 5.08
CA LEU J 43 4.01 -36.93 5.17
C LEU J 43 3.75 -37.86 6.35
N VAL J 44 3.72 -39.17 6.08
CA VAL J 44 3.49 -40.15 7.12
C VAL J 44 4.47 -41.32 6.95
N GLN J 45 4.59 -42.07 8.04
CA GLN J 45 5.22 -43.37 8.05
C GLN J 45 4.07 -44.36 8.19
N ALA J 46 3.66 -45.01 7.10
CA ALA J 46 2.53 -45.89 7.13
C ALA J 46 2.96 -47.20 7.78
N SER J 47 2.07 -47.71 8.64
CA SER J 47 2.26 -48.97 9.31
C SER J 47 1.99 -50.08 8.31
N GLU J 48 2.59 -51.26 8.61
CA GLU J 48 2.35 -52.44 7.82
C GLU J 48 0.86 -52.81 7.81
N GLU J 49 0.17 -52.60 8.92
CA GLU J 49 -1.25 -52.89 9.04
C GLU J 49 -2.04 -52.03 8.04
N LEU J 50 -1.72 -50.74 7.96
CA LEU J 50 -2.44 -49.87 7.04
C LEU J 50 -2.18 -50.32 5.59
N LEU J 51 -0.90 -50.61 5.30
CA LEU J 51 -0.50 -50.99 3.95
C LEU J 51 -1.12 -52.33 3.53
N ARG J 52 -1.26 -53.27 4.47
CA ARG J 52 -1.91 -54.54 4.17
C ARG J 52 -3.34 -54.32 3.70
N GLU J 53 -4.03 -53.38 4.35
CA GLU J 53 -5.39 -53.01 4.01
C GLU J 53 -5.41 -52.23 2.70
N HIS J 54 -4.45 -51.33 2.52
CA HIS J 54 -4.36 -50.56 1.29
C HIS J 54 -4.27 -51.49 0.08
N TYR J 55 -3.45 -52.54 0.19
CA TYR J 55 -3.20 -53.44 -0.92
C TYR J 55 -3.95 -54.75 -0.75
N ALA J 56 -5.11 -54.75 -0.05
CA ALA J 56 -5.90 -55.92 0.18
C ALA J 56 -6.15 -56.74 -1.10
N GLU J 57 -6.43 -56.08 -2.22
CA GLU J 57 -6.77 -56.80 -3.45
C GLU J 57 -5.57 -57.58 -4.00
N LEU J 58 -4.37 -57.32 -3.49
CA LEU J 58 -3.16 -57.96 -3.96
C LEU J 58 -2.64 -59.01 -2.97
N ARG J 59 -3.44 -59.39 -1.97
CA ARG J 59 -2.98 -60.29 -0.91
C ARG J 59 -2.44 -61.61 -1.49
N GLU J 60 -2.98 -62.08 -2.64
CA GLU J 60 -2.58 -63.38 -3.17
C GLU J 60 -1.39 -63.23 -4.08
N ARG J 61 -1.01 -62.03 -4.46
CA ARG J 61 0.09 -61.83 -5.42
C ARG J 61 1.41 -62.20 -4.72
N PRO J 62 2.39 -62.75 -5.49
CA PRO J 62 3.66 -63.16 -4.88
C PRO J 62 4.48 -62.01 -4.26
N PHE J 63 4.32 -60.80 -4.76
CA PHE J 63 5.10 -59.66 -4.31
C PHE J 63 4.40 -58.89 -3.17
N TYR J 64 3.24 -59.32 -2.71
CA TYR J 64 2.48 -58.63 -1.68
C TYR J 64 3.35 -58.28 -0.46
N GLY J 65 3.99 -59.31 0.10
CA GLY J 65 4.81 -59.20 1.29
C GLY J 65 5.89 -58.14 1.13
N ARG J 66 6.64 -58.20 0.00
CA ARG J 66 7.74 -57.28 -0.17
C ARG J 66 7.21 -55.87 -0.47
N LEU J 67 6.04 -55.78 -1.13
CA LEU J 67 5.47 -54.50 -1.43
C LEU J 67 5.08 -53.75 -0.14
N VAL J 68 4.43 -54.47 0.77
CA VAL J 68 4.07 -53.93 2.07
C VAL J 68 5.32 -53.49 2.83
N LYS J 69 6.33 -54.35 2.91
CA LYS J 69 7.53 -54.09 3.71
C LYS J 69 8.21 -52.85 3.16
N TYR J 70 8.25 -52.75 1.84
CA TYR J 70 8.96 -51.66 1.21
C TYR J 70 8.25 -50.32 1.44
N MET J 71 6.92 -50.32 1.31
CA MET J 71 6.14 -49.10 1.47
C MET J 71 6.15 -48.62 2.92
N ALA J 72 6.50 -49.53 3.85
CA ALA J 72 6.66 -49.20 5.25
C ALA J 72 8.11 -48.88 5.61
N SER J 73 9.03 -48.91 4.67
CA SER J 73 10.44 -48.85 4.99
C SER J 73 10.91 -47.40 5.19
N GLY J 74 10.08 -46.44 4.84
CA GLY J 74 10.44 -45.03 4.90
C GLY J 74 9.19 -44.15 4.77
N PRO J 75 9.33 -42.83 4.88
CA PRO J 75 8.19 -41.94 4.74
C PRO J 75 7.58 -41.94 3.36
N VAL J 76 6.27 -41.72 3.34
CA VAL J 76 5.50 -41.54 2.12
C VAL J 76 4.77 -40.23 2.19
N VAL J 77 4.50 -39.64 1.03
CA VAL J 77 3.71 -38.44 0.99
C VAL J 77 2.34 -38.82 0.43
N ALA J 78 1.34 -38.74 1.29
CA ALA J 78 -0.04 -39.08 0.93
C ALA J 78 -0.73 -37.81 0.46
N MET J 79 -1.55 -37.94 -0.57
CA MET J 79 -2.18 -36.81 -1.22
C MET J 79 -3.58 -37.17 -1.73
N VAL J 80 -4.46 -36.16 -1.77
CA VAL J 80 -5.68 -36.26 -2.52
C VAL J 80 -5.77 -35.09 -3.50
N TRP J 81 -6.08 -35.44 -4.77
CA TRP J 81 -6.25 -34.44 -5.81
C TRP J 81 -7.67 -34.53 -6.37
N GLN J 82 -8.21 -33.38 -6.77
CA GLN J 82 -9.58 -33.27 -7.22
C GLN J 82 -9.63 -32.63 -8.62
N GLY J 83 -10.50 -33.17 -9.48
CA GLY J 83 -10.78 -32.60 -10.79
C GLY J 83 -11.47 -33.59 -11.72
N LEU J 84 -11.90 -33.09 -12.88
CA LEU J 84 -12.59 -33.91 -13.85
C LEU J 84 -11.68 -35.01 -14.33
N ASP J 85 -12.15 -36.24 -14.22
CA ASP J 85 -11.46 -37.42 -14.72
C ASP J 85 -10.09 -37.59 -14.04
N VAL J 86 -9.97 -37.14 -12.80
CA VAL J 86 -8.65 -37.07 -12.17
C VAL J 86 -8.07 -38.49 -11.94
N VAL J 87 -8.93 -39.50 -11.72
CA VAL J 87 -8.40 -40.81 -11.44
C VAL J 87 -7.69 -41.36 -12.68
N ARG J 88 -8.40 -41.40 -13.80
CA ARG J 88 -7.85 -41.90 -15.06
C ARG J 88 -6.67 -41.04 -15.55
N THR J 89 -6.81 -39.71 -15.48
CA THR J 89 -5.78 -38.82 -15.98
C THR J 89 -4.52 -38.92 -15.12
N SER J 90 -4.68 -39.06 -13.80
CA SER J 90 -3.52 -39.24 -12.93
C SER J 90 -2.75 -40.49 -13.30
N ARG J 91 -3.46 -41.57 -13.60
CA ARG J 91 -2.81 -42.80 -14.03
C ARG J 91 -2.00 -42.57 -15.29
N ALA J 92 -2.57 -41.84 -16.25
CA ALA J 92 -1.84 -41.54 -17.47
C ALA J 92 -0.59 -40.68 -17.19
N LEU J 93 -0.66 -39.70 -16.28
CA LEU J 93 0.48 -38.86 -15.98
C LEU J 93 1.59 -39.66 -15.31
N ILE J 94 1.20 -40.65 -14.49
CA ILE J 94 2.14 -41.48 -13.74
C ILE J 94 2.81 -42.45 -14.70
N GLY J 95 2.01 -43.08 -15.57
CA GLY J 95 2.49 -44.08 -16.49
C GLY J 95 2.37 -45.52 -15.96
N ALA J 96 2.62 -46.48 -16.86
CA ALA J 96 2.45 -47.90 -16.59
C ALA J 96 3.25 -48.32 -15.34
N THR J 97 2.70 -49.35 -14.70
CA THR J 97 3.21 -49.95 -13.48
C THR J 97 4.67 -50.27 -13.62
N ASN J 98 5.00 -50.94 -14.72
CA ASN J 98 6.37 -51.26 -15.03
C ASN J 98 6.95 -50.08 -15.80
N PRO J 99 7.94 -49.35 -15.23
CA PRO J 99 8.51 -48.16 -15.89
C PRO J 99 9.07 -48.43 -17.27
N ALA J 100 9.48 -49.65 -17.54
CA ALA J 100 9.97 -50.00 -18.87
C ALA J 100 8.87 -49.78 -19.91
N ASP J 101 7.58 -49.86 -19.51
CA ASP J 101 6.48 -49.64 -20.45
C ASP J 101 5.90 -48.23 -20.37
N ALA J 102 6.45 -47.36 -19.50
CA ALA J 102 5.92 -46.01 -19.36
C ALA J 102 6.66 -45.08 -20.29
N PRO J 103 5.99 -44.37 -21.22
CA PRO J 103 6.71 -43.51 -22.16
C PRO J 103 7.32 -42.29 -21.48
N PRO J 104 8.40 -41.75 -22.08
CA PRO J 104 8.92 -40.45 -21.66
C PRO J 104 7.79 -39.42 -21.66
N GLY J 105 7.85 -38.51 -20.69
CA GLY J 105 6.80 -37.53 -20.43
C GLY J 105 5.95 -37.91 -19.23
N THR J 106 5.81 -39.22 -18.95
CA THR J 106 5.17 -39.66 -17.73
C THR J 106 6.17 -39.61 -16.58
N ILE J 107 5.67 -39.66 -15.36
CA ILE J 107 6.55 -39.64 -14.20
C ILE J 107 7.46 -40.88 -14.21
N ARG J 108 6.90 -42.06 -14.36
CA ARG J 108 7.72 -43.26 -14.31
C ARG J 108 8.62 -43.35 -15.52
N GLY J 109 8.12 -42.89 -16.67
CA GLY J 109 8.93 -42.87 -17.89
C GLY J 109 10.18 -41.97 -17.77
N ASP J 110 10.04 -40.84 -17.06
CA ASP J 110 11.12 -39.86 -16.93
C ASP J 110 12.06 -40.20 -15.76
N PHE J 111 11.55 -40.84 -14.70
CA PHE J 111 12.30 -40.89 -13.45
C PHE J 111 12.60 -42.31 -12.92
N CYS J 112 12.11 -43.40 -13.52
CA CYS J 112 12.33 -44.72 -12.94
C CYS J 112 12.72 -45.80 -13.91
N ILE J 113 13.15 -46.92 -13.34
CA ILE J 113 13.67 -48.02 -14.14
C ILE J 113 12.90 -49.29 -13.90
N GLU J 114 12.55 -49.60 -12.66
CA GLU J 114 12.16 -50.95 -12.31
C GLU J 114 10.84 -50.95 -11.53
N VAL J 115 10.06 -52.02 -11.66
CA VAL J 115 8.69 -52.05 -11.14
C VAL J 115 8.65 -51.93 -9.62
N GLY J 116 9.65 -52.43 -8.94
CA GLY J 116 9.70 -52.39 -7.49
C GLY J 116 10.11 -51.03 -6.93
N LYS J 117 10.63 -50.14 -7.77
CA LYS J 117 10.93 -48.77 -7.36
C LYS J 117 10.32 -47.80 -8.35
N ASN J 118 9.01 -47.63 -8.28
CA ASN J 118 8.30 -46.91 -9.33
C ASN J 118 7.60 -45.66 -8.80
N LEU J 119 8.11 -45.13 -7.69
CA LEU J 119 8.01 -43.74 -7.25
C LEU J 119 6.69 -43.35 -6.59
N ILE J 120 5.57 -43.84 -7.12
CA ILE J 120 4.30 -43.24 -6.82
C ILE J 120 3.18 -44.28 -6.97
N HIS J 121 2.12 -44.14 -6.18
CA HIS J 121 0.89 -44.90 -6.33
C HIS J 121 -0.22 -43.93 -6.69
N GLY J 122 -1.07 -44.34 -7.62
CA GLY J 122 -2.34 -43.67 -7.87
C GLY J 122 -3.49 -44.67 -7.89
N SER J 123 -4.66 -44.25 -7.40
CA SER J 123 -5.84 -45.11 -7.38
C SER J 123 -6.12 -45.61 -8.80
N ASP J 124 -6.58 -46.87 -8.94
CA ASP J 124 -6.81 -47.40 -10.26
C ASP J 124 -8.24 -47.21 -10.73
N SER J 125 -9.15 -46.76 -9.86
CA SER J 125 -10.51 -46.48 -10.27
C SER J 125 -11.17 -45.54 -9.26
N VAL J 126 -12.38 -45.08 -9.60
CA VAL J 126 -13.08 -44.17 -8.69
C VAL J 126 -13.40 -44.89 -7.36
N GLU J 127 -13.83 -46.16 -7.46
CA GLU J 127 -14.18 -46.95 -6.29
C GLU J 127 -12.94 -47.19 -5.41
N SER J 128 -11.79 -47.57 -6.00
CA SER J 128 -10.59 -47.73 -5.21
C SER J 128 -10.19 -46.42 -4.56
N ALA J 129 -10.35 -45.31 -5.28
CA ALA J 129 -9.99 -44.01 -4.77
C ALA J 129 -10.81 -43.68 -3.51
N ARG J 130 -12.12 -43.90 -3.56
CA ARG J 130 -12.96 -43.67 -2.40
C ARG J 130 -12.48 -44.49 -1.19
N ARG J 131 -12.14 -45.76 -1.42
CA ARG J 131 -11.69 -46.60 -0.33
C ARG J 131 -10.35 -46.09 0.22
N GLU J 132 -9.44 -45.76 -0.69
CA GLU J 132 -8.08 -45.38 -0.32
C GLU J 132 -8.10 -44.04 0.44
N ILE J 133 -8.90 -43.09 -0.05
CA ILE J 133 -8.98 -41.80 0.60
C ILE J 133 -9.46 -41.98 2.06
N ALA J 134 -10.50 -42.80 2.27
CA ALA J 134 -11.06 -42.99 3.60
C ALA J 134 -10.06 -43.70 4.49
N LEU J 135 -9.28 -44.60 3.92
CA LEU J 135 -8.32 -45.34 4.72
C LEU J 135 -7.19 -44.42 5.22
N TRP J 136 -6.71 -43.51 4.39
CA TRP J 136 -5.50 -42.77 4.70
C TRP J 136 -5.78 -41.42 5.39
N PHE J 137 -6.97 -40.87 5.20
CA PHE J 137 -7.29 -39.53 5.68
C PHE J 137 -8.58 -39.58 6.47
N ARG J 138 -8.62 -38.81 7.55
CA ARG J 138 -9.85 -38.41 8.20
C ARG J 138 -10.54 -37.35 7.35
N ALA J 139 -11.85 -37.26 7.47
CA ALA J 139 -12.66 -36.35 6.70
C ALA J 139 -12.21 -34.91 6.92
N ASP J 140 -11.74 -34.57 8.13
CA ASP J 140 -11.38 -33.18 8.41
C ASP J 140 -9.99 -32.84 7.85
N GLU J 141 -9.29 -33.79 7.21
CA GLU J 141 -8.03 -33.49 6.55
C GLU J 141 -8.26 -33.20 5.06
N LEU J 142 -9.49 -33.35 4.57
CA LEU J 142 -9.80 -33.06 3.18
C LEU J 142 -10.41 -31.67 3.19
N LEU J 143 -9.78 -30.72 2.48
CA LEU J 143 -10.21 -29.34 2.56
C LEU J 143 -11.01 -28.99 1.32
N CYS J 144 -12.13 -28.27 1.57
CA CYS J 144 -12.83 -27.59 0.51
C CYS J 144 -12.32 -26.16 0.58
N TRP J 145 -11.82 -25.67 -0.56
CA TRP J 145 -11.41 -24.29 -0.63
C TRP J 145 -11.85 -23.76 -1.99
N GLU J 146 -11.97 -22.44 -2.11
CA GLU J 146 -12.49 -21.85 -3.34
C GLU J 146 -11.31 -21.71 -4.28
N ASP J 147 -11.28 -22.43 -5.41
CA ASP J 147 -10.11 -22.47 -6.27
C ASP J 147 -10.22 -21.43 -7.36
N SER J 148 -9.38 -20.38 -7.31
CA SER J 148 -9.44 -19.30 -8.29
C SER J 148 -9.02 -19.71 -9.70
N ALA J 149 -8.28 -20.81 -9.84
CA ALA J 149 -7.84 -21.29 -11.15
C ALA J 149 -8.93 -22.05 -11.88
N GLY J 150 -9.97 -22.48 -11.13
CA GLY J 150 -11.10 -23.19 -11.72
C GLY J 150 -11.71 -22.53 -12.95
N HIS J 151 -11.90 -21.21 -12.91
CA HIS J 151 -12.49 -20.47 -14.02
C HIS J 151 -11.71 -20.71 -15.32
N TRP J 152 -10.39 -20.99 -15.20
CA TRP J 152 -9.52 -21.03 -16.38
C TRP J 152 -9.15 -22.46 -16.78
N LEU J 153 -9.61 -23.44 -16.01
CA LEU J 153 -9.46 -24.86 -16.33
C LEU J 153 -10.77 -25.52 -16.81
N TYR J 154 -11.95 -24.93 -16.48
CA TYR J 154 -13.24 -25.54 -16.76
C TYR J 154 -14.12 -24.55 -17.52
N GLU J 155 -14.87 -25.13 -18.47
CA GLU J 155 -15.69 -24.38 -19.37
C GLU J 155 -16.85 -23.79 -18.59
N THR K 4 6.01 -23.87 -48.56
CA THR K 4 6.72 -24.99 -49.26
C THR K 4 7.97 -25.35 -48.43
N GLY K 5 8.25 -26.66 -48.25
CA GLY K 5 9.30 -27.24 -47.40
C GLY K 5 9.55 -26.61 -46.00
N ALA K 6 10.78 -26.08 -45.86
CA ALA K 6 11.26 -25.48 -44.62
C ALA K 6 10.64 -24.10 -44.38
N HIS K 7 9.98 -23.55 -45.40
CA HIS K 7 9.35 -22.22 -45.29
C HIS K 7 7.87 -22.36 -44.96
N GLU K 8 7.36 -23.57 -44.76
CA GLU K 8 5.98 -23.77 -44.32
C GLU K 8 5.76 -22.97 -43.02
N ARG K 9 4.54 -22.44 -42.87
CA ARG K 9 4.17 -21.65 -41.72
C ARG K 9 2.84 -22.11 -41.14
N THR K 10 2.70 -21.96 -39.80
CA THR K 10 1.43 -22.23 -39.16
C THR K 10 1.04 -21.03 -38.31
N PHE K 11 -0.27 -20.95 -38.04
CA PHE K 11 -0.81 -19.99 -37.10
C PHE K 11 -1.07 -20.67 -35.76
N LEU K 12 -0.53 -20.10 -34.68
CA LEU K 12 -0.78 -20.52 -33.31
C LEU K 12 -1.29 -19.35 -32.50
N ALA K 13 -2.20 -19.63 -31.57
CA ALA K 13 -2.69 -18.60 -30.67
C ALA K 13 -2.78 -19.18 -29.27
N VAL K 14 -2.18 -18.47 -28.30
CA VAL K 14 -2.44 -18.77 -26.92
C VAL K 14 -3.81 -18.19 -26.59
N LYS K 15 -4.71 -19.07 -26.15
CA LYS K 15 -6.07 -18.67 -25.82
C LYS K 15 -6.08 -17.94 -24.48
N PRO K 16 -7.19 -17.26 -24.11
CA PRO K 16 -7.20 -16.42 -22.91
C PRO K 16 -6.81 -17.12 -21.62
N ASP K 17 -7.16 -18.41 -21.51
CA ASP K 17 -6.77 -19.23 -20.37
C ASP K 17 -5.26 -19.33 -20.25
N GLY K 18 -4.58 -19.42 -21.38
CA GLY K 18 -3.12 -19.49 -21.37
C GLY K 18 -2.47 -18.21 -20.86
N VAL K 19 -3.05 -17.06 -21.23
CA VAL K 19 -2.56 -15.78 -20.75
C VAL K 19 -2.84 -15.65 -19.26
N GLN K 20 -4.07 -15.97 -18.85
CA GLN K 20 -4.49 -15.81 -17.46
C GLN K 20 -3.67 -16.72 -16.55
N ARG K 21 -3.35 -17.93 -17.00
CA ARG K 21 -2.62 -18.86 -16.17
C ARG K 21 -1.11 -18.65 -16.29
N ARG K 22 -0.66 -17.64 -17.06
CA ARG K 22 0.75 -17.33 -17.12
C ARG K 22 1.56 -18.43 -17.78
N LEU K 23 1.07 -18.95 -18.89
CA LEU K 23 1.75 -20.01 -19.58
C LEU K 23 2.25 -19.57 -20.96
N VAL K 24 2.30 -18.25 -21.21
CA VAL K 24 2.69 -17.79 -22.52
C VAL K 24 4.17 -18.14 -22.75
N GLY K 25 5.02 -17.80 -21.79
CA GLY K 25 6.44 -18.11 -21.89
C GLY K 25 6.74 -19.60 -22.05
N GLU K 26 6.05 -20.41 -21.24
N GLU K 26 6.10 -20.42 -21.21
CA GLU K 26 6.17 -21.86 -21.31
CA GLU K 26 6.24 -21.88 -21.32
C GLU K 26 5.84 -22.34 -22.72
C GLU K 26 5.87 -22.34 -22.74
N ILE K 27 4.76 -21.83 -23.30
CA ILE K 27 4.34 -22.29 -24.62
C ILE K 27 5.36 -21.83 -25.66
N VAL K 28 5.74 -20.54 -25.62
CA VAL K 28 6.70 -20.05 -26.60
C VAL K 28 8.00 -20.86 -26.51
N ARG K 29 8.43 -21.14 -25.30
CA ARG K 29 9.68 -21.87 -25.08
C ARG K 29 9.65 -23.26 -25.73
N ARG K 30 8.50 -23.92 -25.73
CA ARG K 30 8.46 -25.24 -26.34
C ARG K 30 8.65 -25.19 -27.85
N PHE K 31 8.16 -24.14 -28.51
CA PHE K 31 8.33 -24.01 -29.94
C PHE K 31 9.76 -23.56 -30.25
N GLU K 32 10.34 -22.73 -29.38
CA GLU K 32 11.71 -22.31 -29.58
C GLU K 32 12.66 -23.50 -29.47
N ARG K 33 12.51 -24.29 -28.41
CA ARG K 33 13.48 -25.34 -28.15
C ARG K 33 13.33 -26.44 -29.21
N LYS K 34 12.16 -26.54 -29.85
CA LYS K 34 11.94 -27.53 -30.90
C LYS K 34 12.70 -27.16 -32.16
N GLY K 35 12.95 -25.85 -32.36
CA GLY K 35 13.76 -25.40 -33.47
C GLY K 35 13.00 -24.48 -34.42
N PHE K 36 11.71 -24.26 -34.22
CA PHE K 36 10.96 -23.47 -35.18
C PHE K 36 11.28 -21.98 -35.05
N LYS K 37 11.00 -21.28 -36.13
CA LYS K 37 11.33 -19.87 -36.28
C LYS K 37 10.09 -19.01 -36.06
N LEU K 38 10.17 -18.11 -35.07
CA LEU K 38 9.08 -17.17 -34.80
C LEU K 38 9.10 -16.06 -35.85
N VAL K 39 8.05 -15.92 -36.64
CA VAL K 39 8.03 -14.89 -37.68
C VAL K 39 6.96 -13.83 -37.43
N ALA K 40 6.04 -14.04 -36.48
CA ALA K 40 5.12 -12.99 -36.10
C ALA K 40 4.58 -13.26 -34.71
N LEU K 41 4.21 -12.18 -34.01
CA LEU K 41 3.78 -12.26 -32.64
C LEU K 41 3.06 -10.97 -32.25
N LYS K 42 1.86 -11.11 -31.67
CA LYS K 42 1.23 -9.97 -31.03
C LYS K 42 0.15 -10.41 -30.03
N LEU K 43 -0.01 -9.57 -29.01
CA LEU K 43 -1.09 -9.69 -28.05
C LEU K 43 -2.25 -8.85 -28.56
N VAL K 44 -3.42 -9.47 -28.74
CA VAL K 44 -4.60 -8.78 -29.24
C VAL K 44 -5.84 -9.27 -28.51
N GLN K 45 -6.88 -8.47 -28.62
CA GLN K 45 -8.22 -8.79 -28.19
C GLN K 45 -9.03 -9.00 -29.46
N ALA K 46 -9.31 -10.24 -29.81
CA ALA K 46 -9.98 -10.51 -31.08
C ALA K 46 -11.48 -10.19 -30.97
N SER K 47 -12.02 -9.60 -32.04
CA SER K 47 -13.44 -9.36 -32.12
C SER K 47 -14.20 -10.66 -32.39
N GLU K 48 -15.47 -10.68 -31.99
CA GLU K 48 -16.38 -11.78 -32.27
C GLU K 48 -16.51 -12.03 -33.77
N GLU K 49 -16.50 -10.95 -34.56
CA GLU K 49 -16.60 -11.06 -36.01
C GLU K 49 -15.41 -11.85 -36.56
N LEU K 50 -14.21 -11.52 -36.08
CA LEU K 50 -13.01 -12.22 -36.57
C LEU K 50 -13.05 -13.69 -36.16
N LEU K 51 -13.45 -13.94 -34.91
CA LEU K 51 -13.49 -15.29 -34.39
C LEU K 51 -14.54 -16.13 -35.09
N ARG K 52 -15.68 -15.54 -35.47
CA ARG K 52 -16.71 -16.27 -36.20
C ARG K 52 -16.14 -16.79 -37.53
N GLU K 53 -15.33 -15.94 -38.18
CA GLU K 53 -14.69 -16.28 -39.43
C GLU K 53 -13.59 -17.29 -39.19
N HIS K 54 -12.78 -17.09 -38.13
CA HIS K 54 -11.73 -18.02 -37.80
C HIS K 54 -12.29 -19.44 -37.66
N TYR K 55 -13.43 -19.59 -37.00
CA TYR K 55 -14.01 -20.89 -36.71
C TYR K 55 -15.21 -21.20 -37.61
N ALA K 56 -15.22 -20.63 -38.82
CA ALA K 56 -16.33 -20.79 -39.75
C ALA K 56 -16.75 -22.26 -39.93
N GLU K 57 -15.77 -23.18 -40.01
CA GLU K 57 -16.05 -24.58 -40.29
C GLU K 57 -16.88 -25.21 -39.17
N LEU K 58 -16.94 -24.55 -37.99
CA LEU K 58 -17.60 -25.13 -36.82
C LEU K 58 -18.94 -24.43 -36.53
N ARG K 59 -19.45 -23.63 -37.48
CA ARG K 59 -20.66 -22.85 -37.26
C ARG K 59 -21.86 -23.72 -36.84
N GLU K 60 -21.92 -24.98 -37.29
CA GLU K 60 -23.07 -25.83 -37.00
C GLU K 60 -22.91 -26.53 -35.66
N ARG K 61 -21.70 -26.53 -35.09
CA ARG K 61 -21.48 -27.27 -33.85
C ARG K 61 -22.20 -26.59 -32.69
N PRO K 62 -22.69 -27.36 -31.70
CA PRO K 62 -23.43 -26.77 -30.58
C PRO K 62 -22.63 -25.79 -29.71
N PHE K 63 -21.31 -25.94 -29.65
CA PHE K 63 -20.46 -25.13 -28.80
C PHE K 63 -19.91 -23.90 -29.54
N TYR K 64 -20.28 -23.69 -30.81
CA TYR K 64 -19.72 -22.59 -31.60
C TYR K 64 -19.86 -21.26 -30.87
N GLY K 65 -21.08 -20.94 -30.45
CA GLY K 65 -21.42 -19.70 -29.77
C GLY K 65 -20.54 -19.46 -28.54
N ARG K 66 -20.41 -20.47 -27.68
CA ARG K 66 -19.64 -20.29 -26.45
C ARG K 66 -18.14 -20.22 -26.78
N LEU K 67 -17.70 -20.91 -27.83
CA LEU K 67 -16.29 -20.89 -28.22
C LEU K 67 -15.91 -19.48 -28.67
N VAL K 68 -16.75 -18.88 -29.50
CA VAL K 68 -16.52 -17.52 -29.97
C VAL K 68 -16.50 -16.55 -28.78
N LYS K 69 -17.50 -16.63 -27.90
CA LYS K 69 -17.64 -15.69 -26.79
C LYS K 69 -16.40 -15.79 -25.92
N TYR K 70 -15.96 -17.02 -25.68
CA TYR K 70 -14.85 -17.28 -24.80
C TYR K 70 -13.52 -16.74 -25.38
N MET K 71 -13.29 -16.97 -26.67
CA MET K 71 -12.06 -16.55 -27.33
C MET K 71 -11.99 -15.02 -27.43
N ALA K 72 -13.15 -14.36 -27.31
CA ALA K 72 -13.23 -12.91 -27.29
C ALA K 72 -13.22 -12.35 -25.87
N SER K 73 -13.19 -13.20 -24.84
CA SER K 73 -13.43 -12.74 -23.48
C SER K 73 -12.17 -12.12 -22.88
N GLY K 74 -11.01 -12.31 -23.52
CA GLY K 74 -9.75 -11.90 -22.93
C GLY K 74 -8.65 -11.84 -23.99
N PRO K 75 -7.45 -11.36 -23.66
CA PRO K 75 -6.37 -11.28 -24.65
C PRO K 75 -5.88 -12.65 -25.08
N VAL K 76 -5.46 -12.70 -26.35
CA VAL K 76 -4.89 -13.85 -27.00
C VAL K 76 -3.50 -13.44 -27.49
N VAL K 77 -2.59 -14.43 -27.55
CA VAL K 77 -1.30 -14.18 -28.14
C VAL K 77 -1.28 -14.89 -29.49
N ALA K 78 -1.31 -14.10 -30.56
CA ALA K 78 -1.30 -14.61 -31.91
C ALA K 78 0.15 -14.72 -32.38
N MET K 79 0.44 -15.81 -33.11
CA MET K 79 1.80 -16.14 -33.48
C MET K 79 1.81 -16.82 -34.85
N VAL K 80 2.94 -16.62 -35.56
CA VAL K 80 3.24 -17.43 -36.72
C VAL K 80 4.62 -18.05 -36.55
N TRP K 81 4.68 -19.38 -36.76
CA TRP K 81 5.94 -20.11 -36.66
C TRP K 81 6.24 -20.77 -38.01
N GLN K 82 7.54 -20.81 -38.33
CA GLN K 82 8.01 -21.36 -39.60
C GLN K 82 8.96 -22.53 -39.40
N GLY K 83 8.84 -23.55 -40.27
CA GLY K 83 9.80 -24.64 -40.34
C GLY K 83 9.23 -25.86 -41.06
N LEU K 84 10.09 -26.87 -41.29
CA LEU K 84 9.68 -28.06 -41.99
C LEU K 84 8.59 -28.76 -41.22
N ASP K 85 7.47 -29.01 -41.90
CA ASP K 85 6.36 -29.79 -41.36
C ASP K 85 5.78 -29.12 -40.12
N VAL K 86 5.87 -27.78 -40.02
CA VAL K 86 5.53 -27.10 -38.79
C VAL K 86 4.04 -27.24 -38.45
N VAL K 87 3.17 -27.36 -39.45
CA VAL K 87 1.74 -27.43 -39.15
C VAL K 87 1.43 -28.73 -38.41
N ARG K 88 1.82 -29.88 -39.03
CA ARG K 88 1.59 -31.19 -38.43
C ARG K 88 2.37 -31.34 -37.10
N THR K 89 3.62 -30.90 -37.06
CA THR K 89 4.44 -31.09 -35.89
C THR K 89 3.94 -30.22 -34.73
N SER K 90 3.48 -29.01 -35.02
CA SER K 90 2.89 -28.17 -33.99
C SER K 90 1.67 -28.86 -33.38
N ARG K 91 0.83 -29.47 -34.22
CA ARG K 91 -0.32 -30.20 -33.70
C ARG K 91 0.12 -31.31 -32.76
N ALA K 92 1.15 -32.07 -33.11
CA ALA K 92 1.68 -33.11 -32.25
C ALA K 92 2.20 -32.52 -30.91
N LEU K 93 2.90 -31.38 -30.93
CA LEU K 93 3.42 -30.80 -29.70
C LEU K 93 2.28 -30.33 -28.78
N ILE K 94 1.20 -29.83 -29.40
CA ILE K 94 0.05 -29.30 -28.69
C ILE K 94 -0.73 -30.46 -28.08
N GLY K 95 -0.96 -31.51 -28.87
CA GLY K 95 -1.74 -32.65 -28.46
C GLY K 95 -3.19 -32.57 -28.88
N ALA K 96 -3.90 -33.69 -28.68
CA ALA K 96 -5.28 -33.84 -29.06
C ALA K 96 -6.15 -32.69 -28.49
N THR K 97 -7.19 -32.40 -29.25
CA THR K 97 -8.15 -31.35 -28.96
C THR K 97 -8.68 -31.51 -27.55
N ASN K 98 -9.09 -32.75 -27.24
CA ASN K 98 -9.53 -33.07 -25.91
C ASN K 98 -8.32 -33.44 -25.06
N PRO K 99 -7.95 -32.64 -24.04
CA PRO K 99 -6.76 -32.91 -23.23
C PRO K 99 -6.76 -34.28 -22.56
N ALA K 100 -7.92 -34.84 -22.33
CA ALA K 100 -8.00 -36.19 -21.77
C ALA K 100 -7.35 -37.19 -22.73
N ASP K 101 -7.32 -36.91 -24.03
CA ASP K 101 -6.68 -37.80 -24.99
C ASP K 101 -5.24 -37.39 -25.33
N ALA K 102 -4.73 -36.30 -24.75
CA ALA K 102 -3.40 -35.81 -25.12
C ALA K 102 -2.40 -36.40 -24.12
N PRO K 103 -1.38 -37.14 -24.56
CA PRO K 103 -0.44 -37.73 -23.61
C PRO K 103 0.44 -36.70 -22.90
N PRO K 104 0.91 -37.03 -21.69
CA PRO K 104 1.95 -36.27 -21.03
C PRO K 104 3.13 -36.06 -21.99
N GLY K 105 3.74 -34.87 -21.90
CA GLY K 105 4.75 -34.42 -22.83
C GLY K 105 4.20 -33.41 -23.83
N THR K 106 2.91 -33.50 -24.18
CA THR K 106 2.28 -32.49 -25.01
C THR K 106 1.84 -31.31 -24.14
N ILE K 107 1.58 -30.17 -24.75
CA ILE K 107 1.14 -29.01 -24.02
C ILE K 107 -0.18 -29.29 -23.31
N ARG K 108 -1.18 -29.82 -24.04
CA ARG K 108 -2.47 -30.02 -23.40
C ARG K 108 -2.39 -31.19 -22.43
N GLY K 109 -1.56 -32.19 -22.72
CA GLY K 109 -1.36 -33.32 -21.81
C GLY K 109 -0.76 -32.87 -20.46
N ASP K 110 0.14 -31.88 -20.49
CA ASP K 110 0.84 -31.44 -19.30
C ASP K 110 0.05 -30.37 -18.54
N PHE K 111 -0.74 -29.55 -19.25
CA PHE K 111 -1.25 -28.32 -18.64
C PHE K 111 -2.77 -28.16 -18.60
N CYS K 112 -3.56 -29.04 -19.22
CA CYS K 112 -5.01 -28.83 -19.27
C CYS K 112 -5.82 -30.06 -18.95
N ILE K 113 -7.11 -29.81 -18.74
CA ILE K 113 -8.02 -30.83 -18.29
C ILE K 113 -9.16 -31.04 -19.29
N GLU K 114 -9.69 -29.98 -19.83
CA GLU K 114 -10.99 -30.04 -20.47
C GLU K 114 -10.95 -29.33 -21.83
N VAL K 115 -11.76 -29.81 -22.78
CA VAL K 115 -11.70 -29.38 -24.15
C VAL K 115 -12.05 -27.89 -24.31
N GLY K 116 -12.90 -27.37 -23.43
CA GLY K 116 -13.26 -25.95 -23.53
C GLY K 116 -12.20 -25.00 -23.00
N LYS K 117 -11.21 -25.52 -22.26
CA LYS K 117 -10.09 -24.69 -21.81
C LYS K 117 -8.78 -25.38 -22.16
N ASN K 118 -8.41 -25.31 -23.44
CA ASN K 118 -7.32 -26.18 -23.90
C ASN K 118 -6.15 -25.36 -24.46
N LEU K 119 -6.07 -24.10 -23.99
CA LEU K 119 -4.84 -23.30 -23.90
C LEU K 119 -4.39 -22.66 -25.21
N ILE K 120 -4.52 -23.35 -26.33
CA ILE K 120 -3.80 -22.96 -27.52
C ILE K 120 -4.55 -23.48 -28.75
N HIS K 121 -4.46 -22.73 -29.85
CA HIS K 121 -4.96 -23.14 -31.14
C HIS K 121 -3.76 -23.28 -32.08
N GLY K 122 -3.76 -24.34 -32.89
CA GLY K 122 -2.88 -24.46 -34.02
C GLY K 122 -3.65 -24.83 -35.30
N SER K 123 -3.21 -24.29 -36.43
CA SER K 123 -3.85 -24.59 -37.72
C SER K 123 -3.87 -26.10 -37.93
N ASP K 124 -4.91 -26.63 -38.55
CA ASP K 124 -5.04 -28.05 -38.72
C ASP K 124 -4.49 -28.54 -40.06
N SER K 125 -4.13 -27.62 -40.97
CA SER K 125 -3.55 -28.00 -42.25
C SER K 125 -2.83 -26.79 -42.85
N VAL K 126 -2.09 -27.02 -43.92
CA VAL K 126 -1.40 -25.95 -44.62
C VAL K 126 -2.41 -24.93 -45.17
N GLU K 127 -3.51 -25.40 -45.72
CA GLU K 127 -4.54 -24.52 -46.30
C GLU K 127 -5.21 -23.69 -45.19
N SER K 128 -5.57 -24.30 -44.05
CA SER K 128 -6.12 -23.55 -42.93
C SER K 128 -5.10 -22.53 -42.44
N ALA K 129 -3.83 -22.90 -42.42
CA ALA K 129 -2.78 -22.02 -41.93
C ALA K 129 -2.71 -20.77 -42.80
N ARG K 130 -2.72 -20.94 -44.12
CA ARG K 130 -2.72 -19.81 -45.03
C ARG K 130 -3.91 -18.87 -44.75
N ARG K 131 -5.09 -19.45 -44.58
CA ARG K 131 -6.29 -18.65 -44.32
C ARG K 131 -6.14 -17.91 -42.99
N GLU K 132 -5.70 -18.63 -41.95
CA GLU K 132 -5.67 -18.10 -40.61
C GLU K 132 -4.61 -17.00 -40.52
N ILE K 133 -3.44 -17.22 -41.14
CA ILE K 133 -2.39 -16.21 -41.13
C ILE K 133 -2.90 -14.91 -41.75
N ALA K 134 -3.58 -15.00 -42.89
CA ALA K 134 -4.05 -13.80 -43.60
C ALA K 134 -5.14 -13.11 -42.78
N LEU K 135 -5.95 -13.91 -42.08
CA LEU K 135 -7.04 -13.34 -41.31
C LEU K 135 -6.50 -12.54 -40.12
N TRP K 136 -5.46 -13.03 -39.44
CA TRP K 136 -5.03 -12.43 -38.18
C TRP K 136 -3.90 -11.42 -38.34
N PHE K 137 -3.12 -11.49 -39.43
CA PHE K 137 -1.94 -10.67 -39.58
C PHE K 137 -1.97 -9.99 -40.92
N ARG K 138 -1.49 -8.74 -40.95
CA ARG K 138 -1.09 -8.08 -42.18
C ARG K 138 0.27 -8.64 -42.61
N ALA K 139 0.52 -8.58 -43.92
CA ALA K 139 1.73 -9.08 -44.52
C ALA K 139 2.97 -8.43 -43.89
N ASP K 140 2.89 -7.16 -43.51
CA ASP K 140 4.06 -6.47 -42.96
C ASP K 140 4.31 -6.82 -41.49
N GLU K 141 3.49 -7.68 -40.87
CA GLU K 141 3.77 -8.15 -39.53
C GLU K 141 4.51 -9.49 -39.58
N LEU K 142 4.70 -10.07 -40.78
CA LEU K 142 5.42 -11.34 -40.89
C LEU K 142 6.85 -11.01 -41.28
N LEU K 143 7.83 -11.35 -40.44
CA LEU K 143 9.19 -10.90 -40.64
C LEU K 143 10.06 -12.02 -41.19
N CYS K 144 10.93 -11.64 -42.13
CA CYS K 144 12.03 -12.48 -42.56
C CYS K 144 13.25 -12.06 -41.74
N TRP K 145 13.89 -13.03 -41.10
CA TRP K 145 15.17 -12.77 -40.51
C TRP K 145 16.09 -13.96 -40.76
N GLU K 146 17.39 -13.71 -40.74
CA GLU K 146 18.38 -14.72 -41.05
C GLU K 146 18.59 -15.52 -39.77
N ASP K 147 18.28 -16.80 -39.80
CA ASP K 147 18.29 -17.59 -38.57
C ASP K 147 19.64 -18.33 -38.45
N SER K 148 20.48 -17.95 -37.49
CA SER K 148 21.80 -18.55 -37.32
C SER K 148 21.74 -20.00 -36.80
N ALA K 149 20.62 -20.43 -36.22
CA ALA K 149 20.49 -21.80 -35.73
C ALA K 149 20.11 -22.77 -36.85
N GLY K 150 19.69 -22.21 -38.01
CA GLY K 150 19.27 -23.00 -39.16
C GLY K 150 20.26 -24.10 -39.57
N HIS K 151 21.56 -23.76 -39.57
CA HIS K 151 22.60 -24.71 -39.93
C HIS K 151 22.54 -25.97 -39.03
N TRP K 152 22.03 -25.84 -37.81
CA TRP K 152 22.09 -26.93 -36.83
C TRP K 152 20.75 -27.63 -36.67
N LEU K 153 19.70 -27.14 -37.35
CA LEU K 153 18.40 -27.79 -37.37
C LEU K 153 18.10 -28.49 -38.70
N TYR K 154 18.77 -28.09 -39.80
CA TYR K 154 18.47 -28.59 -41.15
C TYR K 154 19.74 -29.11 -41.81
N GLU K 155 19.53 -30.01 -42.78
CA GLU K 155 20.61 -30.44 -43.66
C GLU K 155 20.84 -29.42 -44.80
N GLY L 5 22.48 -57.81 -15.93
CA GLY L 5 21.13 -57.27 -15.85
C GLY L 5 21.30 -55.77 -15.64
N ALA L 6 21.57 -55.43 -14.37
CA ALA L 6 21.73 -54.02 -13.95
C ALA L 6 23.09 -53.46 -14.38
N HIS L 7 24.01 -54.33 -14.82
CA HIS L 7 25.33 -53.89 -15.25
C HIS L 7 25.38 -53.70 -16.78
N GLU L 8 24.25 -53.87 -17.49
CA GLU L 8 24.18 -53.55 -18.90
C GLU L 8 24.66 -52.12 -19.15
N ARG L 9 25.35 -51.91 -20.29
CA ARG L 9 25.85 -50.58 -20.63
C ARG L 9 25.50 -50.20 -22.06
N THR L 10 25.32 -48.90 -22.32
CA THR L 10 25.09 -48.39 -23.66
C THR L 10 26.05 -47.25 -23.95
N PHE L 11 26.30 -47.07 -25.25
CA PHE L 11 27.08 -45.94 -25.74
C PHE L 11 26.13 -44.86 -26.26
N LEU L 12 26.28 -43.63 -25.75
CA LEU L 12 25.55 -42.46 -26.24
C LEU L 12 26.55 -41.39 -26.66
N ALA L 13 26.19 -40.66 -27.70
CA ALA L 13 27.00 -39.53 -28.14
C ALA L 13 26.09 -38.36 -28.49
N VAL L 14 26.41 -37.21 -27.91
CA VAL L 14 25.78 -35.98 -28.37
C VAL L 14 26.48 -35.60 -29.66
N LYS L 15 25.68 -35.48 -30.72
CA LYS L 15 26.22 -35.14 -32.03
C LYS L 15 26.51 -33.63 -32.07
N PRO L 16 27.25 -33.14 -33.10
CA PRO L 16 27.73 -31.76 -33.11
C PRO L 16 26.63 -30.70 -32.97
N ASP L 17 25.44 -31.00 -33.51
CA ASP L 17 24.31 -30.09 -33.40
C ASP L 17 23.90 -29.93 -31.93
N GLY L 18 23.98 -31.01 -31.15
CA GLY L 18 23.67 -30.95 -29.74
C GLY L 18 24.62 -30.05 -28.96
N VAL L 19 25.90 -30.10 -29.33
CA VAL L 19 26.91 -29.26 -28.67
C VAL L 19 26.69 -27.81 -29.09
N GLN L 20 26.49 -27.58 -30.38
CA GLN L 20 26.33 -26.23 -30.93
C GLN L 20 25.08 -25.55 -30.37
N ARG L 21 24.01 -26.33 -30.18
CA ARG L 21 22.78 -25.74 -29.70
C ARG L 21 22.74 -25.71 -28.17
N ARG L 22 23.82 -26.13 -27.52
CA ARG L 22 23.91 -26.02 -26.07
C ARG L 22 22.92 -26.93 -25.36
N LEU L 23 22.82 -28.17 -25.81
CA LEU L 23 21.86 -29.10 -25.21
C LEU L 23 22.56 -30.27 -24.51
N VAL L 24 23.87 -30.14 -24.23
CA VAL L 24 24.61 -31.23 -23.63
C VAL L 24 24.08 -31.50 -22.23
N GLY L 25 23.99 -30.42 -21.42
CA GLY L 25 23.52 -30.55 -20.06
C GLY L 25 22.08 -31.07 -19.98
N GLU L 26 21.23 -30.56 -20.86
CA GLU L 26 19.85 -31.00 -20.94
C GLU L 26 19.79 -32.50 -21.19
N ILE L 27 20.61 -32.99 -22.13
CA ILE L 27 20.58 -34.40 -22.46
C ILE L 27 21.12 -35.22 -21.28
N VAL L 28 22.27 -34.81 -20.71
CA VAL L 28 22.83 -35.56 -19.62
C VAL L 28 21.82 -35.63 -18.46
N ARG L 29 21.16 -34.50 -18.20
CA ARG L 29 20.22 -34.43 -17.09
C ARG L 29 19.08 -35.43 -17.24
N ARG L 30 18.63 -35.68 -18.46
CA ARG L 30 17.55 -36.65 -18.64
C ARG L 30 17.96 -38.06 -18.28
N PHE L 31 19.20 -38.44 -18.55
CA PHE L 31 19.69 -39.77 -18.20
C PHE L 31 19.95 -39.86 -16.69
N GLU L 32 20.41 -38.76 -16.10
CA GLU L 32 20.62 -38.75 -14.66
C GLU L 32 19.29 -38.92 -13.92
N ARG L 33 18.29 -38.14 -14.30
CA ARG L 33 17.06 -38.12 -13.53
C ARG L 33 16.32 -39.46 -13.72
N LYS L 34 16.61 -40.18 -14.81
CA LYS L 34 15.98 -41.46 -15.06
C LYS L 34 16.54 -42.53 -14.11
N GLY L 35 17.76 -42.32 -13.63
CA GLY L 35 18.36 -43.21 -12.66
C GLY L 35 19.59 -43.95 -13.20
N PHE L 36 19.99 -43.72 -14.45
CA PHE L 36 21.13 -44.46 -14.97
C PHE L 36 22.43 -43.92 -14.42
N LYS L 37 23.44 -44.79 -14.47
CA LYS L 37 24.75 -44.49 -13.90
C LYS L 37 25.73 -44.10 -15.00
N LEU L 38 26.28 -42.90 -14.88
CA LEU L 38 27.31 -42.45 -15.83
C LEU L 38 28.64 -43.11 -15.51
N VAL L 39 29.18 -43.89 -16.46
CA VAL L 39 30.43 -44.58 -16.20
C VAL L 39 31.56 -44.09 -17.10
N ALA L 40 31.26 -43.31 -18.17
CA ALA L 40 32.35 -42.69 -18.91
C ALA L 40 31.81 -41.47 -19.68
N LEU L 41 32.69 -40.50 -19.92
CA LEU L 41 32.32 -39.24 -20.54
C LEU L 41 33.56 -38.55 -21.10
N LYS L 42 33.50 -38.10 -22.34
CA LYS L 42 34.50 -37.18 -22.86
C LYS L 42 34.01 -36.42 -24.09
N LEU L 43 34.53 -35.20 -24.23
CA LEU L 43 34.38 -34.40 -25.42
C LEU L 43 35.55 -34.70 -26.36
N VAL L 44 35.24 -35.12 -27.59
CA VAL L 44 36.26 -35.44 -28.58
C VAL L 44 35.82 -34.95 -29.94
N GLN L 45 36.82 -34.83 -30.82
CA GLN L 45 36.63 -34.56 -32.23
C GLN L 45 36.96 -35.86 -32.94
N ALA L 46 35.93 -36.61 -33.37
CA ALA L 46 36.17 -37.92 -33.92
C ALA L 46 36.68 -37.78 -35.36
N SER L 47 37.65 -38.64 -35.70
CA SER L 47 38.15 -38.72 -37.06
C SER L 47 37.11 -39.43 -37.93
N GLU L 48 37.17 -39.17 -39.24
CA GLU L 48 36.35 -39.84 -40.22
C GLU L 48 36.57 -41.35 -40.18
N GLU L 49 37.82 -41.77 -39.95
CA GLU L 49 38.14 -43.20 -39.87
C GLU L 49 37.37 -43.84 -38.72
N LEU L 50 37.35 -43.19 -37.55
CA LEU L 50 36.66 -43.76 -36.40
C LEU L 50 35.14 -43.83 -36.69
N LEU L 51 34.62 -42.73 -37.24
CA LEU L 51 33.20 -42.66 -37.55
C LEU L 51 32.75 -43.66 -38.61
N ARG L 52 33.60 -43.94 -39.60
CA ARG L 52 33.27 -44.95 -40.60
C ARG L 52 33.09 -46.29 -39.94
N GLU L 53 33.94 -46.60 -38.97
CA GLU L 53 33.88 -47.85 -38.22
C GLU L 53 32.67 -47.82 -37.28
N HIS L 54 32.43 -46.69 -36.62
CA HIS L 54 31.26 -46.55 -35.76
C HIS L 54 29.98 -46.89 -36.52
N TYR L 55 29.85 -46.40 -37.75
CA TYR L 55 28.65 -46.58 -38.53
C TYR L 55 28.86 -47.63 -39.63
N ALA L 56 29.72 -48.62 -39.38
CA ALA L 56 30.00 -49.66 -40.37
C ALA L 56 28.71 -50.33 -40.87
N GLU L 57 27.74 -50.56 -39.99
CA GLU L 57 26.49 -51.21 -40.38
C GLU L 57 25.70 -50.40 -41.41
N LEU L 58 26.03 -49.13 -41.61
CA LEU L 58 25.31 -48.24 -42.50
C LEU L 58 26.10 -47.98 -43.79
N ARG L 59 27.18 -48.72 -44.04
CA ARG L 59 28.08 -48.40 -45.16
C ARG L 59 27.35 -48.41 -46.51
N GLU L 60 26.30 -49.22 -46.64
CA GLU L 60 25.58 -49.37 -47.91
C GLU L 60 24.51 -48.30 -48.04
N ARG L 61 24.16 -47.58 -46.97
CA ARG L 61 23.05 -46.64 -47.02
C ARG L 61 23.49 -45.41 -47.84
N PRO L 62 22.56 -44.76 -48.58
CA PRO L 62 22.90 -43.60 -49.38
C PRO L 62 23.46 -42.39 -48.61
N PHE L 63 23.10 -42.25 -47.35
CA PHE L 63 23.50 -41.09 -46.55
C PHE L 63 24.81 -41.32 -45.77
N TYR L 64 25.43 -42.49 -45.93
CA TYR L 64 26.59 -42.86 -45.12
C TYR L 64 27.67 -41.78 -45.14
N GLY L 65 28.08 -41.41 -46.36
CA GLY L 65 29.13 -40.42 -46.58
C GLY L 65 28.85 -39.10 -45.86
N ARG L 66 27.63 -38.57 -46.01
CA ARG L 66 27.34 -37.28 -45.41
C ARG L 66 27.18 -37.41 -43.89
N LEU L 67 26.73 -38.59 -43.42
CA LEU L 67 26.59 -38.81 -41.99
C LEU L 67 27.98 -38.79 -41.33
N VAL L 68 28.94 -39.48 -41.93
CA VAL L 68 30.30 -39.49 -41.43
C VAL L 68 30.89 -38.07 -41.43
N LYS L 69 30.76 -37.35 -42.56
CA LYS L 69 31.35 -36.03 -42.68
C LYS L 69 30.77 -35.10 -41.61
N TYR L 70 29.47 -35.23 -41.41
CA TYR L 70 28.77 -34.37 -40.47
C TYR L 70 29.19 -34.64 -39.02
N MET L 71 29.32 -35.93 -38.65
CA MET L 71 29.67 -36.31 -37.30
C MET L 71 31.12 -35.92 -36.99
N ALA L 72 31.91 -35.70 -38.03
CA ALA L 72 33.29 -35.25 -37.91
C ALA L 72 33.40 -33.73 -38.01
N SER L 73 32.30 -33.01 -38.23
CA SER L 73 32.38 -31.60 -38.55
C SER L 73 32.55 -30.75 -37.30
N GLY L 74 32.37 -31.32 -36.12
CA GLY L 74 32.40 -30.58 -34.86
C GLY L 74 32.56 -31.53 -33.68
N PRO L 75 32.71 -31.04 -32.46
CA PRO L 75 32.90 -31.92 -31.30
C PRO L 75 31.64 -32.74 -30.99
N VAL L 76 31.90 -33.93 -30.46
CA VAL L 76 30.87 -34.80 -29.94
C VAL L 76 31.16 -35.08 -28.47
N VAL L 77 30.08 -35.35 -27.73
CA VAL L 77 30.23 -35.79 -26.37
C VAL L 77 29.94 -37.29 -26.31
N ALA L 78 30.98 -38.07 -26.08
CA ALA L 78 30.87 -39.52 -25.96
C ALA L 78 30.61 -39.91 -24.52
N MET L 79 29.74 -40.88 -24.32
CA MET L 79 29.27 -41.26 -22.99
C MET L 79 29.01 -42.77 -22.92
N VAL L 80 29.15 -43.31 -21.72
CA VAL L 80 28.63 -44.64 -21.42
C VAL L 80 27.76 -44.57 -20.18
N TRP L 81 26.57 -45.18 -20.29
CA TRP L 81 25.61 -45.24 -19.20
C TRP L 81 25.31 -46.67 -18.85
N GLN L 82 25.08 -46.94 -17.56
CA GLN L 82 24.86 -48.27 -17.05
C GLN L 82 23.52 -48.37 -16.30
N GLY L 83 22.82 -49.48 -16.49
CA GLY L 83 21.63 -49.81 -15.73
C GLY L 83 20.76 -50.89 -16.41
N LEU L 84 19.72 -51.34 -15.72
CA LEU L 84 18.84 -52.34 -16.22
C LEU L 84 18.17 -51.82 -17.48
N ASP L 85 18.31 -52.62 -18.57
CA ASP L 85 17.64 -52.36 -19.84
C ASP L 85 18.04 -51.00 -20.42
N VAL L 86 19.27 -50.55 -20.11
CA VAL L 86 19.68 -49.21 -20.48
C VAL L 86 19.71 -49.01 -22.00
N VAL L 87 20.02 -50.06 -22.77
CA VAL L 87 20.13 -49.88 -24.21
C VAL L 87 18.76 -49.53 -24.81
N ARG L 88 17.78 -50.40 -24.57
CA ARG L 88 16.42 -50.22 -25.07
C ARG L 88 15.78 -48.94 -24.48
N THR L 89 15.94 -48.71 -23.17
CA THR L 89 15.30 -47.58 -22.53
C THR L 89 15.90 -46.27 -23.02
N SER L 90 17.22 -46.23 -23.24
CA SER L 90 17.84 -45.05 -23.79
C SER L 90 17.27 -44.71 -25.16
N ARG L 91 17.05 -45.72 -26.00
CA ARG L 91 16.45 -45.51 -27.29
C ARG L 91 15.07 -44.87 -27.18
N ALA L 92 14.26 -45.37 -26.25
CA ALA L 92 12.95 -44.80 -26.00
C ALA L 92 13.05 -43.34 -25.52
N LEU L 93 14.01 -43.00 -24.66
CA LEU L 93 14.15 -41.63 -24.17
C LEU L 93 14.56 -40.68 -25.28
N ILE L 94 15.37 -41.19 -26.21
CA ILE L 94 15.87 -40.41 -27.34
C ILE L 94 14.74 -40.20 -28.35
N GLY L 95 14.01 -41.24 -28.66
CA GLY L 95 12.96 -41.21 -29.65
C GLY L 95 13.38 -41.65 -31.04
N ALA L 96 12.38 -41.77 -31.91
CA ALA L 96 12.55 -42.29 -33.27
C ALA L 96 13.62 -41.50 -34.02
N THR L 97 14.27 -42.23 -34.93
CA THR L 97 15.34 -41.74 -35.78
C THR L 97 14.93 -40.45 -36.46
N ASN L 98 13.74 -40.50 -37.07
CA ASN L 98 13.17 -39.34 -37.69
C ASN L 98 12.38 -38.56 -36.64
N PRO L 99 12.81 -37.33 -36.25
CA PRO L 99 12.13 -36.56 -35.21
C PRO L 99 10.66 -36.29 -35.49
N ALA L 100 10.26 -36.29 -36.74
CA ALA L 100 8.85 -36.13 -37.08
C ALA L 100 8.03 -37.28 -36.49
N ASP L 101 8.64 -38.46 -36.29
CA ASP L 101 7.93 -39.58 -35.68
C ASP L 101 8.16 -39.72 -34.16
N ALA L 102 8.96 -38.83 -33.56
CA ALA L 102 9.31 -38.98 -32.15
C ALA L 102 8.34 -38.14 -31.34
N PRO L 103 7.56 -38.72 -30.40
CA PRO L 103 6.57 -37.91 -29.67
C PRO L 103 7.23 -36.89 -28.73
N PRO L 104 6.53 -35.80 -28.44
CA PRO L 104 6.93 -34.90 -27.36
C PRO L 104 7.18 -35.71 -26.09
N GLY L 105 8.18 -35.28 -25.32
CA GLY L 105 8.65 -35.98 -24.15
C GLY L 105 9.97 -36.70 -24.39
N THR L 106 10.20 -37.14 -25.64
CA THR L 106 11.49 -37.67 -26.04
C THR L 106 12.44 -36.52 -26.37
N ILE L 107 13.73 -36.81 -26.38
CA ILE L 107 14.72 -35.78 -26.70
C ILE L 107 14.48 -35.27 -28.13
N ARG L 108 14.35 -36.17 -29.11
CA ARG L 108 14.21 -35.70 -30.47
C ARG L 108 12.83 -35.06 -30.67
N GLY L 109 11.81 -35.59 -30.00
CA GLY L 109 10.47 -35.02 -30.06
C GLY L 109 10.42 -33.59 -29.50
N ASP L 110 11.21 -33.28 -28.48
CA ASP L 110 11.18 -31.97 -27.84
C ASP L 110 12.13 -30.99 -28.54
N PHE L 111 13.23 -31.48 -29.13
CA PHE L 111 14.31 -30.57 -29.50
C PHE L 111 14.71 -30.58 -30.99
N CYS L 112 14.16 -31.45 -31.85
CA CYS L 112 14.63 -31.53 -33.24
C CYS L 112 13.53 -31.61 -34.27
N ILE L 113 13.92 -31.42 -35.53
CA ILE L 113 12.96 -31.35 -36.62
C ILE L 113 13.27 -32.40 -37.68
N GLU L 114 14.53 -32.63 -37.99
CA GLU L 114 14.86 -33.36 -39.21
C GLU L 114 15.85 -34.47 -38.93
N VAL L 115 15.76 -35.58 -39.70
CA VAL L 115 16.55 -36.77 -39.45
C VAL L 115 18.06 -36.51 -39.53
N GLY L 116 18.48 -35.57 -40.37
CA GLY L 116 19.90 -35.28 -40.50
C GLY L 116 20.48 -34.45 -39.33
N LYS L 117 19.61 -33.86 -38.51
CA LYS L 117 20.05 -33.12 -37.34
C LYS L 117 19.26 -33.59 -36.13
N ASN L 118 19.60 -34.76 -35.60
CA ASN L 118 18.73 -35.39 -34.62
C ASN L 118 19.46 -35.62 -33.29
N LEU L 119 20.51 -34.83 -33.06
CA LEU L 119 21.05 -34.48 -31.74
C LEU L 119 21.94 -35.51 -31.07
N ILE L 120 21.58 -36.80 -31.18
CA ILE L 120 22.18 -37.78 -30.32
C ILE L 120 22.18 -39.15 -30.98
N HIS L 121 23.17 -39.97 -30.66
CA HIS L 121 23.21 -41.38 -31.04
C HIS L 121 23.13 -42.22 -29.77
N GLY L 122 22.36 -43.30 -29.83
CA GLY L 122 22.42 -44.35 -28.83
C GLY L 122 22.52 -45.72 -29.50
N SER L 123 23.25 -46.64 -28.86
CA SER L 123 23.44 -47.97 -29.40
C SER L 123 22.07 -48.60 -29.62
N ASP L 124 21.93 -49.41 -30.66
CA ASP L 124 20.63 -50.00 -30.96
C ASP L 124 20.48 -51.40 -30.35
N SER L 125 21.57 -51.98 -29.78
CA SER L 125 21.43 -53.27 -29.14
C SER L 125 22.59 -53.46 -28.15
N VAL L 126 22.51 -54.54 -27.37
CA VAL L 126 23.56 -54.82 -26.41
C VAL L 126 24.88 -55.06 -27.14
N GLU L 127 24.82 -55.83 -28.26
CA GLU L 127 26.01 -56.18 -29.00
C GLU L 127 26.60 -54.93 -29.67
N SER L 128 25.78 -54.06 -30.28
CA SER L 128 26.31 -52.82 -30.85
C SER L 128 26.95 -51.96 -29.75
N ALA L 129 26.33 -51.96 -28.57
CA ALA L 129 26.84 -51.15 -27.48
C ALA L 129 28.23 -51.62 -27.09
N ARG L 130 28.42 -52.93 -26.94
CA ARG L 130 29.73 -53.48 -26.61
C ARG L 130 30.77 -53.05 -27.64
N ARG L 131 30.43 -53.13 -28.94
CA ARG L 131 31.36 -52.75 -29.98
C ARG L 131 31.68 -51.26 -29.86
N GLU L 132 30.64 -50.43 -29.71
CA GLU L 132 30.78 -48.99 -29.75
C GLU L 132 31.60 -48.52 -28.52
N ILE L 133 31.32 -49.09 -27.35
CA ILE L 133 32.05 -48.75 -26.15
C ILE L 133 33.56 -49.04 -26.34
N ALA L 134 33.90 -50.20 -26.88
CA ALA L 134 35.29 -50.58 -27.06
C ALA L 134 35.96 -49.69 -28.10
N LEU L 135 35.20 -49.26 -29.11
CA LEU L 135 35.75 -48.45 -30.15
C LEU L 135 36.11 -47.05 -29.61
N TRP L 136 35.24 -46.47 -28.76
CA TRP L 136 35.42 -45.07 -28.37
C TRP L 136 36.23 -44.90 -27.09
N PHE L 137 36.27 -45.92 -26.22
CA PHE L 137 36.86 -45.79 -24.90
C PHE L 137 37.83 -46.93 -24.66
N ARG L 138 38.95 -46.62 -24.02
CA ARG L 138 39.81 -47.60 -23.39
C ARG L 138 39.17 -48.07 -22.09
N ALA L 139 39.54 -49.28 -21.68
CA ALA L 139 38.97 -49.92 -20.51
C ALA L 139 39.17 -49.06 -19.26
N ASP L 140 40.29 -48.34 -19.17
CA ASP L 140 40.58 -47.55 -17.99
C ASP L 140 39.81 -46.22 -17.97
N GLU L 141 39.00 -45.93 -19.00
CA GLU L 141 38.15 -44.74 -18.97
C GLU L 141 36.75 -45.11 -18.47
N LEU L 142 36.47 -46.40 -18.24
CA LEU L 142 35.16 -46.82 -17.74
C LEU L 142 35.28 -47.00 -16.26
N LEU L 143 34.51 -46.23 -15.47
CA LEU L 143 34.72 -46.20 -14.03
C LEU L 143 33.66 -47.02 -13.32
N CYS L 144 34.09 -47.77 -12.31
CA CYS L 144 33.21 -48.42 -11.37
C CYS L 144 33.16 -47.51 -10.16
N TRP L 145 31.97 -47.13 -9.74
CA TRP L 145 31.80 -46.42 -8.49
C TRP L 145 30.58 -46.94 -7.76
N GLU L 146 30.59 -46.81 -6.44
CA GLU L 146 29.52 -47.30 -5.60
C GLU L 146 28.40 -46.25 -5.66
N ASP L 147 27.24 -46.63 -6.18
CA ASP L 147 26.15 -45.71 -6.45
C ASP L 147 25.20 -45.64 -5.25
N SER L 148 25.17 -44.50 -4.55
CA SER L 148 24.30 -44.32 -3.39
C SER L 148 22.80 -44.29 -3.70
N ALA L 149 22.43 -44.03 -4.97
CA ALA L 149 21.02 -44.02 -5.34
C ALA L 149 20.50 -45.43 -5.61
N GLY L 150 21.41 -46.39 -5.76
CA GLY L 150 21.11 -47.75 -6.21
C GLY L 150 20.00 -48.42 -5.39
N HIS L 151 20.08 -48.27 -4.06
CA HIS L 151 19.11 -48.83 -3.15
C HIS L 151 17.69 -48.36 -3.48
N TRP L 152 17.55 -47.16 -4.10
CA TRP L 152 16.25 -46.55 -4.30
C TRP L 152 15.77 -46.65 -5.74
N LEU L 153 16.61 -47.21 -6.62
CA LEU L 153 16.24 -47.47 -8.01
C LEU L 153 16.00 -48.96 -8.29
N TYR L 154 16.60 -49.87 -7.49
CA TYR L 154 16.54 -51.32 -7.73
C TYR L 154 16.03 -52.05 -6.48
N GLU L 155 15.30 -53.15 -6.63
CA GLU L 155 14.83 -53.90 -5.46
C GLU L 155 16.05 -54.64 -4.87
#